data_6KNA
#
_entry.id   6KNA
#
_entity_poly.entity_id   1
_entity_poly.type   'polypeptide(L)'
_entity_poly.pdbx_seq_one_letter_code
;MQIFIKTLTGKTITAETEPAETVADLKQKIADKEGVPVDQQRLIFAGKQLEDSKTMADYNIQKESTLHMVLRLRGG
;
_entity_poly.pdbx_strand_id   A
#
# COMPACT_ATOMS: atom_id res chain seq x y z
N MET A 1 3.42 -14.73 -5.43
CA MET A 1 3.67 -13.39 -5.94
C MET A 1 3.36 -12.33 -4.88
N GLN A 2 4.05 -12.41 -3.75
CA GLN A 2 3.85 -11.46 -2.67
C GLN A 2 5.06 -10.55 -2.50
N ILE A 3 4.81 -9.33 -2.04
CA ILE A 3 5.89 -8.37 -1.83
C ILE A 3 6.04 -8.01 -0.35
N PHE A 4 7.11 -7.31 -0.02
CA PHE A 4 7.37 -6.91 1.35
C PHE A 4 7.15 -5.41 1.53
N ILE A 5 6.34 -5.05 2.53
CA ILE A 5 6.05 -3.65 2.81
C ILE A 5 6.45 -3.29 4.24
N LYS A 6 6.98 -2.07 4.40
CA LYS A 6 7.40 -1.59 5.71
C LYS A 6 6.80 -0.22 6.01
N THR A 7 6.50 0.02 7.28
CA THR A 7 5.91 1.29 7.70
C THR A 7 6.94 2.14 8.44
N LEU A 8 6.54 3.36 8.80
CA LEU A 8 7.43 4.27 9.51
C LEU A 8 7.79 3.71 10.88
N THR A 9 6.94 2.83 11.41
CA THR A 9 7.18 2.23 12.71
C THR A 9 8.12 1.04 12.60
N GLY A 10 8.40 0.62 11.37
CA GLY A 10 9.28 -0.51 11.14
C GLY A 10 8.54 -1.83 11.15
N LYS A 11 7.22 -1.77 10.95
CA LYS A 11 6.40 -2.97 10.93
C LYS A 11 6.56 -3.73 9.62
N THR A 12 6.33 -5.03 9.66
CA THR A 12 6.46 -5.87 8.47
C THR A 12 5.09 -6.29 7.95
N ILE A 13 4.72 -5.77 6.79
CA ILE A 13 3.43 -6.08 6.19
C ILE A 13 3.62 -6.76 4.83
N THR A 14 3.12 -7.98 4.71
CA THR A 14 3.23 -8.73 3.47
C THR A 14 1.91 -9.41 3.11
N ALA A 15 1.38 -9.08 1.94
CA ALA A 15 0.12 -9.67 1.49
C ALA A 15 -0.01 -9.57 -0.03
N GLU A 16 -0.52 -10.63 -0.65
CA GLU A 16 -0.70 -10.67 -2.09
C GLU A 16 -1.95 -9.90 -2.51
N THR A 17 -1.86 -9.19 -3.62
CA THR A 17 -2.98 -8.41 -4.12
C THR A 17 -3.26 -8.74 -5.59
N GLU A 18 -4.36 -8.19 -6.11
CA GLU A 18 -4.75 -8.43 -7.49
C GLU A 18 -4.11 -7.41 -8.43
N PRO A 19 -3.85 -7.82 -9.68
CA PRO A 19 -3.24 -6.95 -10.68
C PRO A 19 -4.17 -5.83 -11.14
N ALA A 20 -5.43 -5.91 -10.71
CA ALA A 20 -6.42 -4.90 -11.07
C ALA A 20 -6.67 -3.94 -9.92
N GLU A 21 -6.44 -4.42 -8.70
CA GLU A 21 -6.63 -3.59 -7.51
C GLU A 21 -5.48 -3.78 -6.53
N THR A 22 -4.29 -3.36 -6.94
CA THR A 22 -3.11 -3.48 -6.10
C THR A 22 -3.10 -2.42 -5.01
N VAL A 23 -3.28 -1.17 -5.40
CA VAL A 23 -3.30 -0.05 -4.46
C VAL A 23 -4.61 -0.01 -3.69
N ALA A 24 -5.72 -0.14 -4.41
CA ALA A 24 -7.05 -0.12 -3.79
C ALA A 24 -7.15 -1.16 -2.69
N ASP A 25 -6.52 -2.31 -2.90
CA ASP A 25 -6.54 -3.39 -1.92
C ASP A 25 -5.85 -2.97 -0.63
N LEU A 26 -4.65 -2.44 -0.76
CA LEU A 26 -3.88 -1.99 0.41
C LEU A 26 -4.54 -0.78 1.05
N LYS A 27 -5.22 0.02 0.26
CA LYS A 27 -5.90 1.21 0.75
C LYS A 27 -7.11 0.83 1.61
N GLN A 28 -7.92 -0.09 1.09
CA GLN A 28 -9.11 -0.53 1.81
C GLN A 28 -8.72 -1.42 2.99
N LYS A 29 -7.81 -2.35 2.76
CA LYS A 29 -7.35 -3.26 3.80
C LYS A 29 -6.84 -2.48 5.02
N ILE A 30 -5.98 -1.51 4.78
CA ILE A 30 -5.41 -0.70 5.84
C ILE A 30 -6.46 0.28 6.39
N ALA A 31 -7.35 0.73 5.52
CA ALA A 31 -8.41 1.66 5.92
C ALA A 31 -9.24 1.08 7.05
N ASP A 32 -9.73 -0.14 6.85
CA ASP A 32 -10.55 -0.81 7.86
C ASP A 32 -9.70 -1.32 9.02
N LYS A 33 -8.42 -1.55 8.74
CA LYS A 33 -7.49 -2.05 9.75
C LYS A 33 -7.17 -0.96 10.77
N GLU A 34 -7.01 0.27 10.29
CA GLU A 34 -6.71 1.40 11.16
C GLU A 34 -7.98 2.17 11.52
N GLY A 35 -9.06 1.89 10.80
CA GLY A 35 -10.32 2.56 11.05
C GLY A 35 -10.37 3.93 10.40
N VAL A 36 -9.54 4.15 9.39
CA VAL A 36 -9.51 5.41 8.68
C VAL A 36 -9.84 5.24 7.21
N PRO A 37 -10.32 6.33 6.58
CA PRO A 37 -10.68 6.31 5.16
C PRO A 37 -9.47 6.20 4.25
N VAL A 38 -9.66 5.57 3.09
CA VAL A 38 -8.58 5.40 2.13
C VAL A 38 -7.98 6.75 1.73
N ASP A 39 -8.77 7.81 1.87
CA ASP A 39 -8.33 9.15 1.52
C ASP A 39 -7.12 9.55 2.37
N GLN A 40 -6.99 8.94 3.53
CA GLN A 40 -5.88 9.24 4.44
C GLN A 40 -4.74 8.25 4.25
N GLN A 41 -5.04 7.12 3.61
CA GLN A 41 -4.05 6.08 3.36
C GLN A 41 -3.54 6.15 1.93
N ARG A 42 -2.22 6.31 1.78
CA ARG A 42 -1.61 6.39 0.45
C ARG A 42 -0.37 5.50 0.38
N LEU A 43 -0.06 5.04 -0.81
CA LEU A 43 1.11 4.17 -1.02
C LEU A 43 2.19 4.90 -1.81
N ILE A 44 3.43 4.73 -1.39
CA ILE A 44 4.56 5.38 -2.06
C ILE A 44 5.71 4.40 -2.27
N PHE A 45 6.37 4.50 -3.41
CA PHE A 45 7.50 3.62 -3.72
C PHE A 45 8.74 4.43 -4.09
N ALA A 46 9.71 4.46 -3.17
CA ALA A 46 10.94 5.20 -3.40
C ALA A 46 10.66 6.64 -3.80
N GLY A 47 9.56 7.19 -3.29
CA GLY A 47 9.20 8.56 -3.62
C GLY A 47 8.27 8.63 -4.81
N LYS A 48 7.63 7.52 -5.14
CA LYS A 48 6.71 7.47 -6.27
C LYS A 48 5.27 7.30 -5.78
N GLN A 49 4.42 8.27 -6.12
CA GLN A 49 3.02 8.23 -5.73
C GLN A 49 2.23 7.24 -6.58
N LEU A 50 1.66 6.23 -5.94
CA LEU A 50 0.89 5.22 -6.65
C LEU A 50 -0.61 5.50 -6.52
N GLU A 51 -1.31 5.43 -7.64
CA GLU A 51 -2.75 5.67 -7.66
C GLU A 51 -3.52 4.36 -7.80
N ASP A 52 -4.84 4.44 -7.60
CA ASP A 52 -5.68 3.25 -7.70
C ASP A 52 -5.59 2.63 -9.09
N SER A 53 -5.14 3.42 -10.06
CA SER A 53 -5.01 2.95 -11.43
C SER A 53 -3.59 2.44 -11.69
N LYS A 54 -2.88 2.11 -10.62
CA LYS A 54 -1.51 1.61 -10.73
C LYS A 54 -1.34 0.32 -9.93
N THR A 55 -0.45 -0.55 -10.40
CA THR A 55 -0.19 -1.82 -9.73
C THR A 55 1.29 -2.20 -9.83
N MET A 56 1.68 -3.19 -9.03
CA MET A 56 3.07 -3.65 -9.03
C MET A 56 3.54 -3.95 -10.45
N ALA A 57 2.70 -4.61 -11.22
CA ALA A 57 3.03 -4.96 -12.60
C ALA A 57 3.25 -3.70 -13.44
N ASP A 58 2.55 -2.63 -13.10
CA ASP A 58 2.67 -1.37 -13.82
C ASP A 58 4.03 -0.72 -13.57
N TYR A 59 4.46 -0.74 -12.31
CA TYR A 59 5.75 -0.15 -11.93
C TYR A 59 6.87 -1.17 -12.07
N ASN A 60 6.53 -2.36 -12.58
CA ASN A 60 7.51 -3.42 -12.76
C ASN A 60 8.28 -3.67 -11.46
N ILE A 61 7.61 -3.54 -10.33
CA ILE A 61 8.23 -3.75 -9.03
C ILE A 61 7.73 -5.04 -8.39
N GLN A 62 8.63 -6.00 -8.22
CA GLN A 62 8.28 -7.28 -7.63
C GLN A 62 9.51 -7.96 -7.04
N LYS A 63 9.33 -9.18 -6.54
CA LYS A 63 10.43 -9.94 -5.95
C LYS A 63 10.98 -9.22 -4.72
N GLU A 64 10.28 -9.33 -3.60
CA GLU A 64 10.71 -8.69 -2.37
C GLU A 64 10.74 -7.18 -2.52
N SER A 65 9.96 -6.67 -3.47
CA SER A 65 9.90 -5.23 -3.71
C SER A 65 9.63 -4.47 -2.42
N THR A 66 10.41 -3.43 -2.17
CA THR A 66 10.25 -2.62 -0.97
C THR A 66 9.20 -1.53 -1.19
N LEU A 67 8.24 -1.46 -0.28
CA LEU A 67 7.17 -0.46 -0.36
C LEU A 67 7.09 0.36 0.91
N HIS A 68 6.41 1.50 0.84
CA HIS A 68 6.25 2.38 1.99
C HIS A 68 4.78 2.55 2.35
N MET A 69 4.46 2.43 3.64
CA MET A 69 3.09 2.58 4.10
C MET A 69 2.98 3.71 5.12
N VAL A 70 2.12 4.69 4.80
CA VAL A 70 1.93 5.83 5.68
C VAL A 70 0.48 5.91 6.16
N LEU A 71 0.29 5.93 7.48
CA LEU A 71 -1.05 6.00 8.06
C LEU A 71 -1.20 7.25 8.92
N ARG A 72 -2.32 7.95 8.74
CA ARG A 72 -2.58 9.16 9.50
C ARG A 72 -3.99 9.16 10.08
N LEU A 73 -4.12 9.61 11.32
CA LEU A 73 -5.42 9.64 11.98
C LEU A 73 -6.27 10.80 11.47
N ARG A 74 -7.59 10.64 11.49
CA ARG A 74 -8.50 11.67 11.03
C ARG A 74 -8.69 12.75 12.10
N GLY A 75 -8.93 13.98 11.66
CA GLY A 75 -9.12 15.08 12.60
C GLY A 75 -9.95 16.20 12.00
N GLY A 76 -11.25 16.00 11.90
CA GLY A 76 -12.12 17.01 11.35
C GLY A 76 -13.51 16.48 11.05
N MET A 1 3.85 -14.62 -4.57
CA MET A 1 3.29 -13.43 -5.19
C MET A 1 2.89 -12.40 -4.13
N GLN A 2 3.73 -12.25 -3.12
CA GLN A 2 3.47 -11.31 -2.04
C GLN A 2 4.60 -10.29 -1.92
N ILE A 3 4.27 -9.09 -1.48
CA ILE A 3 5.26 -8.03 -1.32
C ILE A 3 5.42 -7.64 0.15
N PHE A 4 6.44 -6.84 0.43
CA PHE A 4 6.70 -6.40 1.80
C PHE A 4 6.56 -4.88 1.91
N ILE A 5 5.69 -4.44 2.82
CA ILE A 5 5.46 -3.01 3.02
C ILE A 5 5.83 -2.60 4.45
N LYS A 6 6.43 -1.42 4.57
CA LYS A 6 6.84 -0.90 5.87
C LYS A 6 6.25 0.47 6.11
N THR A 7 5.52 0.63 7.21
CA THR A 7 4.91 1.90 7.55
C THR A 7 5.84 2.75 8.41
N LEU A 8 5.35 3.90 8.85
CA LEU A 8 6.15 4.81 9.67
C LEU A 8 6.46 4.19 11.03
N THR A 9 5.52 3.39 11.54
CA THR A 9 5.70 2.73 12.83
C THR A 9 6.64 1.54 12.71
N GLY A 10 6.98 1.18 11.48
CA GLY A 10 7.87 0.05 11.25
C GLY A 10 7.13 -1.27 11.16
N LYS A 11 5.82 -1.19 10.95
CA LYS A 11 5.00 -2.39 10.85
C LYS A 11 5.25 -3.12 9.53
N THR A 12 5.23 -4.45 9.57
CA THR A 12 5.45 -5.26 8.38
C THR A 12 4.13 -5.77 7.81
N ILE A 13 3.83 -5.37 6.58
CA ILE A 13 2.59 -5.79 5.93
C ILE A 13 2.90 -6.57 4.64
N THR A 14 2.49 -7.84 4.61
CA THR A 14 2.71 -8.68 3.45
C THR A 14 1.45 -9.45 3.07
N ALA A 15 0.99 -9.25 1.84
CA ALA A 15 -0.21 -9.93 1.36
C ALA A 15 -0.28 -9.92 -0.16
N GLU A 16 -0.92 -10.92 -0.73
CA GLU A 16 -1.07 -11.01 -2.19
C GLU A 16 -2.12 -10.03 -2.70
N THR A 17 -1.87 -9.47 -3.88
CA THR A 17 -2.80 -8.52 -4.48
C THR A 17 -3.10 -8.88 -5.93
N GLU A 18 -4.02 -8.14 -6.54
CA GLU A 18 -4.40 -8.39 -7.92
C GLU A 18 -3.78 -7.35 -8.85
N PRO A 19 -3.61 -7.73 -10.12
CA PRO A 19 -3.04 -6.84 -11.13
C PRO A 19 -3.95 -5.68 -11.50
N ALA A 20 -5.26 -5.94 -11.49
CA ALA A 20 -6.25 -4.92 -11.80
C ALA A 20 -6.46 -3.97 -10.63
N GLU A 21 -6.21 -4.47 -9.42
CA GLU A 21 -6.38 -3.67 -8.21
C GLU A 21 -5.23 -3.90 -7.25
N THR A 22 -4.05 -3.39 -7.59
CA THR A 22 -2.87 -3.54 -6.76
C THR A 22 -2.93 -2.61 -5.55
N VAL A 23 -3.16 -1.32 -5.80
CA VAL A 23 -3.24 -0.33 -4.74
C VAL A 23 -4.57 -0.43 -4.00
N ALA A 24 -5.66 -0.50 -4.76
CA ALA A 24 -6.99 -0.59 -4.18
C ALA A 24 -7.08 -1.76 -3.19
N ASP A 25 -6.50 -2.89 -3.58
CA ASP A 25 -6.51 -4.08 -2.74
C ASP A 25 -5.89 -3.79 -1.37
N LEU A 26 -4.80 -3.04 -1.38
CA LEU A 26 -4.10 -2.69 -0.14
C LEU A 26 -4.86 -1.60 0.60
N LYS A 27 -5.36 -0.62 -0.13
CA LYS A 27 -6.12 0.48 0.46
C LYS A 27 -7.27 -0.04 1.32
N GLN A 28 -7.83 -1.18 0.91
CA GLN A 28 -8.94 -1.78 1.64
C GLN A 28 -8.46 -2.44 2.92
N LYS A 29 -7.21 -2.89 2.92
CA LYS A 29 -6.62 -3.53 4.08
C LYS A 29 -6.40 -2.53 5.21
N ILE A 30 -5.77 -1.41 4.89
CA ILE A 30 -5.50 -0.37 5.87
C ILE A 30 -6.77 0.40 6.21
N ALA A 31 -7.66 0.53 5.24
CA ALA A 31 -8.92 1.24 5.44
C ALA A 31 -9.67 0.68 6.63
N ASP A 32 -9.85 -0.63 6.66
CA ASP A 32 -10.57 -1.30 7.74
C ASP A 32 -9.68 -1.40 8.98
N LYS A 33 -8.37 -1.41 8.78
CA LYS A 33 -7.42 -1.50 9.86
C LYS A 33 -7.48 -0.26 10.75
N GLU A 34 -7.48 0.90 10.12
CA GLU A 34 -7.54 2.17 10.84
C GLU A 34 -8.91 2.82 10.71
N GLY A 35 -9.86 2.07 10.18
CA GLY A 35 -11.21 2.59 10.00
C GLY A 35 -11.23 3.91 9.27
N VAL A 36 -10.23 4.13 8.41
CA VAL A 36 -10.13 5.36 7.65
C VAL A 36 -10.41 5.12 6.17
N PRO A 37 -10.88 6.17 5.48
CA PRO A 37 -11.20 6.10 4.05
C PRO A 37 -9.95 5.96 3.18
N VAL A 38 -10.07 5.18 2.11
CA VAL A 38 -8.96 4.96 1.20
C VAL A 38 -8.53 6.27 0.54
N ASP A 39 -9.45 7.22 0.48
CA ASP A 39 -9.16 8.52 -0.13
C ASP A 39 -8.27 9.36 0.78
N GLN A 40 -8.05 8.88 2.00
CA GLN A 40 -7.21 9.59 2.96
C GLN A 40 -5.81 8.99 3.01
N GLN A 41 -5.67 7.78 2.48
CA GLN A 41 -4.39 7.10 2.46
C GLN A 41 -3.78 7.13 1.06
N ARG A 42 -2.46 7.29 1.00
CA ARG A 42 -1.75 7.34 -0.28
C ARG A 42 -0.51 6.46 -0.25
N LEU A 43 -0.27 5.73 -1.34
CA LEU A 43 0.88 4.85 -1.42
C LEU A 43 2.07 5.58 -2.05
N ILE A 44 3.26 5.32 -1.52
CA ILE A 44 4.48 5.95 -2.02
C ILE A 44 5.61 4.93 -2.18
N PHE A 45 6.38 5.07 -3.24
CA PHE A 45 7.49 4.16 -3.50
C PHE A 45 8.72 4.93 -3.98
N ALA A 46 9.72 5.04 -3.11
CA ALA A 46 10.96 5.74 -3.44
C ALA A 46 10.66 7.16 -3.92
N GLY A 47 9.57 7.74 -3.42
CA GLY A 47 9.20 9.09 -3.81
C GLY A 47 8.24 9.10 -4.99
N LYS A 48 7.62 7.96 -5.25
CA LYS A 48 6.68 7.85 -6.36
C LYS A 48 5.26 7.60 -5.85
N GLN A 49 4.34 8.47 -6.21
CA GLN A 49 2.95 8.35 -5.78
C GLN A 49 2.24 7.25 -6.57
N LEU A 50 1.77 6.22 -5.86
CA LEU A 50 1.07 5.11 -6.50
C LEU A 50 -0.44 5.26 -6.36
N GLU A 51 -1.13 5.31 -7.49
CA GLU A 51 -2.58 5.46 -7.49
C GLU A 51 -3.26 4.13 -7.83
N ASP A 52 -4.58 4.11 -7.75
CA ASP A 52 -5.35 2.91 -8.05
C ASP A 52 -5.06 2.42 -9.46
N SER A 53 -4.63 3.33 -10.33
CA SER A 53 -4.32 2.98 -11.71
C SER A 53 -2.93 2.36 -11.81
N LYS A 54 -2.11 2.60 -10.80
CA LYS A 54 -0.75 2.07 -10.77
C LYS A 54 -0.72 0.71 -10.08
N THR A 55 0.08 -0.21 -10.63
CA THR A 55 0.20 -1.55 -10.06
C THR A 55 1.65 -2.02 -10.07
N MET A 56 1.92 -3.12 -9.37
CA MET A 56 3.27 -3.67 -9.31
C MET A 56 3.84 -3.88 -10.71
N ALA A 57 2.98 -4.30 -11.63
CA ALA A 57 3.41 -4.54 -13.01
C ALA A 57 3.74 -3.23 -13.72
N ASP A 58 3.07 -2.16 -13.31
CA ASP A 58 3.29 -0.85 -13.91
C ASP A 58 4.64 -0.28 -13.48
N TYR A 59 4.91 -0.34 -12.18
CA TYR A 59 6.17 0.17 -11.64
C TYR A 59 7.24 -0.91 -11.64
N ASN A 60 6.90 -2.07 -12.17
CA ASN A 60 7.83 -3.19 -12.24
C ASN A 60 8.47 -3.45 -10.87
N ILE A 61 7.68 -3.29 -9.82
CA ILE A 61 8.17 -3.51 -8.46
C ILE A 61 7.57 -4.77 -7.86
N GLN A 62 8.41 -5.76 -7.61
CA GLN A 62 7.95 -7.02 -7.04
C GLN A 62 9.11 -7.76 -6.36
N LYS A 63 8.83 -8.97 -5.87
CA LYS A 63 9.84 -9.78 -5.21
C LYS A 63 10.38 -9.06 -3.97
N GLU A 64 9.60 -9.07 -2.90
CA GLU A 64 10.00 -8.42 -1.65
C GLU A 64 10.16 -6.92 -1.85
N SER A 65 9.48 -6.38 -2.86
CA SER A 65 9.55 -4.95 -3.16
C SER A 65 9.30 -4.13 -1.91
N THR A 66 10.16 -3.15 -1.67
CA THR A 66 10.04 -2.28 -0.50
C THR A 66 9.05 -1.14 -0.77
N LEU A 67 7.90 -1.20 -0.12
CA LEU A 67 6.88 -0.17 -0.28
C LEU A 67 6.81 0.74 0.94
N HIS A 68 6.17 1.89 0.78
CA HIS A 68 6.03 2.85 1.87
C HIS A 68 4.57 3.23 2.09
N MET A 69 4.09 3.01 3.30
CA MET A 69 2.70 3.33 3.63
C MET A 69 2.63 4.33 4.78
N VAL A 70 1.83 5.38 4.59
CA VAL A 70 1.69 6.41 5.62
C VAL A 70 0.36 6.26 6.37
N LEU A 71 0.37 6.62 7.64
CA LEU A 71 -0.83 6.52 8.48
C LEU A 71 -1.31 7.90 8.89
N ARG A 72 -2.64 8.08 8.88
CA ARG A 72 -3.23 9.37 9.26
C ARG A 72 -3.93 9.25 10.62
N LEU A 73 -3.86 10.33 11.39
CA LEU A 73 -4.48 10.36 12.72
C LEU A 73 -3.90 9.28 13.62
N ARG A 74 -2.60 9.05 13.49
CA ARG A 74 -1.92 8.04 14.30
C ARG A 74 -2.61 6.69 14.18
N GLY A 75 -2.79 6.21 12.95
CA GLY A 75 -3.44 4.94 12.73
C GLY A 75 -2.74 3.80 13.46
N GLY A 76 -1.42 3.90 13.57
CA GLY A 76 -0.66 2.86 14.25
C GLY A 76 -0.46 3.15 15.72
N MET A 1 3.73 -13.09 -7.12
CA MET A 1 4.53 -13.09 -5.91
C MET A 1 4.08 -12.00 -4.95
N GLN A 2 4.38 -12.18 -3.67
CA GLN A 2 4.00 -11.20 -2.65
C GLN A 2 5.10 -10.17 -2.45
N ILE A 3 4.70 -8.96 -2.08
CA ILE A 3 5.66 -7.88 -1.84
C ILE A 3 5.75 -7.55 -0.36
N PHE A 4 6.73 -6.72 0.00
CA PHE A 4 6.93 -6.31 1.39
C PHE A 4 6.78 -4.80 1.54
N ILE A 5 5.84 -4.39 2.40
CA ILE A 5 5.60 -2.98 2.63
C ILE A 5 5.89 -2.60 4.08
N LYS A 6 6.42 -1.40 4.28
CA LYS A 6 6.75 -0.92 5.62
C LYS A 6 6.27 0.51 5.82
N THR A 7 5.80 0.81 7.02
CA THR A 7 5.30 2.14 7.34
C THR A 7 6.25 2.87 8.29
N LEU A 8 6.00 4.15 8.51
CA LEU A 8 6.83 4.96 9.39
C LEU A 8 6.85 4.37 10.80
N THR A 9 5.78 3.66 11.15
CA THR A 9 5.68 3.05 12.47
C THR A 9 6.53 1.78 12.55
N GLY A 10 7.05 1.34 11.41
CA GLY A 10 7.87 0.15 11.38
C GLY A 10 7.07 -1.11 11.12
N LYS A 11 5.75 -0.97 11.08
CA LYS A 11 4.86 -2.09 10.84
C LYS A 11 5.17 -2.75 9.50
N THR A 12 5.13 -4.09 9.47
CA THR A 12 5.41 -4.83 8.25
C THR A 12 4.12 -5.36 7.64
N ILE A 13 3.84 -4.94 6.41
CA ILE A 13 2.64 -5.37 5.71
C ILE A 13 3.00 -6.20 4.47
N THR A 14 2.57 -7.45 4.46
CA THR A 14 2.84 -8.35 3.34
C THR A 14 1.60 -9.15 2.97
N ALA A 15 1.17 -9.00 1.71
CA ALA A 15 0.00 -9.71 1.23
C ALA A 15 -0.10 -9.64 -0.29
N GLU A 16 -0.46 -10.76 -0.92
CA GLU A 16 -0.58 -10.82 -2.37
C GLU A 16 -1.93 -10.25 -2.82
N THR A 17 -1.93 -9.59 -3.97
CA THR A 17 -3.14 -9.00 -4.51
C THR A 17 -3.23 -9.21 -6.02
N GLU A 18 -4.42 -9.02 -6.58
CA GLU A 18 -4.64 -9.20 -8.01
C GLU A 18 -4.24 -7.93 -8.77
N PRO A 19 -4.01 -8.09 -10.08
CA PRO A 19 -3.62 -6.97 -10.95
C PRO A 19 -4.75 -5.98 -11.17
N ALA A 20 -5.98 -6.49 -11.18
CA ALA A 20 -7.15 -5.65 -11.38
C ALA A 20 -7.35 -4.69 -10.21
N GLU A 21 -6.87 -5.10 -9.03
CA GLU A 21 -6.99 -4.30 -7.83
C GLU A 21 -5.72 -4.38 -6.99
N THR A 22 -4.61 -3.94 -7.55
CA THR A 22 -3.33 -3.98 -6.86
C THR A 22 -3.26 -2.87 -5.81
N VAL A 23 -3.54 -1.64 -6.23
CA VAL A 23 -3.51 -0.49 -5.32
C VAL A 23 -4.74 -0.47 -4.41
N ALA A 24 -5.91 -0.66 -5.01
CA ALA A 24 -7.16 -0.65 -4.26
C ALA A 24 -7.11 -1.67 -3.12
N ASP A 25 -6.33 -2.73 -3.32
CA ASP A 25 -6.19 -3.77 -2.31
C ASP A 25 -5.46 -3.24 -1.08
N LEU A 26 -4.46 -2.41 -1.31
CA LEU A 26 -3.67 -1.83 -0.22
C LEU A 26 -4.43 -0.69 0.45
N LYS A 27 -4.97 0.21 -0.36
CA LYS A 27 -5.74 1.34 0.16
C LYS A 27 -6.93 0.87 0.97
N GLN A 28 -7.59 -0.19 0.50
CA GLN A 28 -8.75 -0.74 1.19
C GLN A 28 -8.34 -1.41 2.50
N LYS A 29 -7.21 -2.10 2.47
CA LYS A 29 -6.71 -2.80 3.66
C LYS A 29 -6.55 -1.82 4.83
N ILE A 30 -5.87 -0.71 4.56
CA ILE A 30 -5.65 0.30 5.59
C ILE A 30 -6.92 1.08 5.89
N ALA A 31 -7.77 1.25 4.87
CA ALA A 31 -9.02 1.97 5.03
C ALA A 31 -9.93 1.27 6.04
N ASP A 32 -10.10 -0.05 5.86
CA ASP A 32 -10.96 -0.83 6.74
C ASP A 32 -10.24 -1.11 8.06
N LYS A 33 -8.91 -1.12 8.02
CA LYS A 33 -8.11 -1.38 9.22
C LYS A 33 -8.19 -0.20 10.19
N GLU A 34 -8.05 1.01 9.66
CA GLU A 34 -8.10 2.21 10.49
C GLU A 34 -9.49 2.85 10.41
N GLY A 35 -10.42 2.16 9.76
CA GLY A 35 -11.77 2.68 9.62
C GLY A 35 -11.79 4.09 9.08
N VAL A 36 -10.95 4.35 8.07
CA VAL A 36 -10.89 5.67 7.45
C VAL A 36 -10.92 5.57 5.93
N PRO A 37 -11.35 6.65 5.28
CA PRO A 37 -11.45 6.71 3.81
C PRO A 37 -10.08 6.73 3.14
N VAL A 38 -9.97 6.05 2.01
CA VAL A 38 -8.70 5.99 1.27
C VAL A 38 -8.24 7.38 0.88
N ASP A 39 -9.17 8.33 0.82
CA ASP A 39 -8.84 9.70 0.47
C ASP A 39 -7.86 10.31 1.46
N GLN A 40 -7.83 9.75 2.68
CA GLN A 40 -6.94 10.24 3.72
C GLN A 40 -5.63 9.46 3.71
N GLN A 41 -5.63 8.31 3.05
CA GLN A 41 -4.44 7.47 2.97
C GLN A 41 -3.77 7.60 1.61
N ARG A 42 -2.45 7.75 1.60
CA ARG A 42 -1.70 7.88 0.36
C ARG A 42 -0.47 6.98 0.37
N LEU A 43 -0.39 6.09 -0.61
CA LEU A 43 0.73 5.16 -0.71
C LEU A 43 1.77 5.68 -1.71
N ILE A 44 3.04 5.45 -1.39
CA ILE A 44 4.13 5.90 -2.26
C ILE A 44 5.18 4.80 -2.42
N PHE A 45 5.72 4.68 -3.63
CA PHE A 45 6.73 3.67 -3.92
C PHE A 45 7.99 4.32 -4.48
N ALA A 46 9.04 4.36 -3.67
CA ALA A 46 10.31 4.95 -4.08
C ALA A 46 10.11 6.36 -4.62
N GLY A 47 9.09 7.06 -4.11
CA GLY A 47 8.81 8.41 -4.56
C GLY A 47 7.85 8.45 -5.72
N LYS A 48 7.14 7.34 -5.93
CA LYS A 48 6.17 7.25 -7.03
C LYS A 48 4.78 6.89 -6.50
N GLN A 49 3.81 7.75 -6.75
CA GLN A 49 2.44 7.53 -6.31
C GLN A 49 1.73 6.54 -7.22
N LEU A 50 1.19 5.48 -6.64
CA LEU A 50 0.47 4.46 -7.41
C LEU A 50 -1.04 4.68 -7.32
N GLU A 51 -1.69 4.68 -8.47
CA GLU A 51 -3.14 4.87 -8.53
C GLU A 51 -3.85 3.54 -8.78
N ASP A 52 -5.18 3.57 -8.66
CA ASP A 52 -5.98 2.36 -8.86
C ASP A 52 -5.77 1.81 -10.27
N SER A 53 -5.29 2.66 -11.17
CA SER A 53 -5.05 2.25 -12.55
C SER A 53 -3.62 1.76 -12.72
N LYS A 54 -2.94 1.51 -11.61
CA LYS A 54 -1.57 1.02 -11.63
C LYS A 54 -1.43 -0.27 -10.81
N THR A 55 -0.39 -1.03 -11.11
CA THR A 55 -0.13 -2.29 -10.41
C THR A 55 1.35 -2.48 -10.13
N MET A 56 1.67 -3.33 -9.16
CA MET A 56 3.05 -3.60 -8.80
C MET A 56 3.82 -4.17 -9.99
N ALA A 57 3.16 -5.03 -10.76
CA ALA A 57 3.77 -5.65 -11.92
C ALA A 57 3.92 -4.64 -13.06
N ASP A 58 3.17 -3.55 -12.99
CA ASP A 58 3.22 -2.52 -14.01
C ASP A 58 4.51 -1.71 -13.91
N TYR A 59 4.94 -1.45 -12.69
CA TYR A 59 6.17 -0.69 -12.44
C TYR A 59 7.38 -1.61 -12.41
N ASN A 60 7.17 -2.88 -12.75
CA ASN A 60 8.26 -3.85 -12.76
C ASN A 60 8.81 -4.06 -11.35
N ILE A 61 7.98 -3.79 -10.35
CA ILE A 61 8.38 -3.95 -8.96
C ILE A 61 7.68 -5.14 -8.32
N GLN A 62 8.45 -6.16 -7.99
CA GLN A 62 7.91 -7.36 -7.35
C GLN A 62 8.99 -8.14 -6.61
N LYS A 63 8.61 -9.27 -6.03
CA LYS A 63 9.54 -10.11 -5.29
C LYS A 63 10.18 -9.32 -4.14
N GLU A 64 9.50 -9.30 -3.00
CA GLU A 64 10.00 -8.59 -1.83
C GLU A 64 10.15 -7.10 -2.11
N SER A 65 9.42 -6.62 -3.12
CA SER A 65 9.47 -5.22 -3.51
C SER A 65 9.25 -4.32 -2.29
N THR A 66 10.12 -3.32 -2.14
CA THR A 66 10.02 -2.39 -1.02
C THR A 66 9.02 -1.27 -1.33
N LEU A 67 8.07 -1.08 -0.42
CA LEU A 67 7.05 -0.04 -0.59
C LEU A 67 7.05 0.91 0.60
N HIS A 68 6.47 2.10 0.41
CA HIS A 68 6.39 3.09 1.48
C HIS A 68 4.94 3.51 1.72
N MET A 69 4.47 3.27 2.94
CA MET A 69 3.11 3.63 3.30
C MET A 69 3.08 4.53 4.54
N VAL A 70 2.15 5.47 4.56
CA VAL A 70 2.02 6.40 5.68
C VAL A 70 0.63 6.33 6.30
N LEU A 71 0.57 5.93 7.56
CA LEU A 71 -0.70 5.82 8.27
C LEU A 71 -0.88 6.98 9.26
N ARG A 72 -2.11 7.46 9.38
CA ARG A 72 -2.42 8.56 10.29
C ARG A 72 -3.03 8.04 11.59
N LEU A 73 -2.35 8.29 12.70
CA LEU A 73 -2.83 7.86 14.00
C LEU A 73 -4.19 8.48 14.32
N ARG A 74 -5.05 7.69 14.97
CA ARG A 74 -6.38 8.18 15.34
C ARG A 74 -6.29 9.34 16.31
N GLY A 75 -5.34 9.28 17.23
CA GLY A 75 -5.16 10.34 18.21
C GLY A 75 -5.11 9.81 19.63
N GLY A 76 -4.32 10.46 20.47
CA GLY A 76 -4.20 10.04 21.86
C GLY A 76 -2.82 10.30 22.43
N MET A 1 1.90 -13.47 -5.65
CA MET A 1 1.89 -12.04 -5.88
C MET A 1 2.03 -11.27 -4.57
N GLN A 2 2.83 -11.82 -3.66
CA GLN A 2 3.06 -11.19 -2.36
C GLN A 2 4.39 -10.44 -2.34
N ILE A 3 4.45 -9.37 -1.56
CA ILE A 3 5.67 -8.58 -1.45
C ILE A 3 5.87 -8.07 -0.02
N PHE A 4 7.07 -7.55 0.25
CA PHE A 4 7.38 -7.03 1.58
C PHE A 4 7.14 -5.53 1.64
N ILE A 5 6.53 -5.08 2.74
CA ILE A 5 6.23 -3.66 2.92
C ILE A 5 6.68 -3.19 4.30
N LYS A 6 7.33 -2.03 4.35
CA LYS A 6 7.81 -1.47 5.59
C LYS A 6 7.07 -0.17 5.93
N THR A 7 6.58 -0.07 7.16
CA THR A 7 5.85 1.11 7.60
C THR A 7 6.79 2.12 8.26
N LEU A 8 6.22 3.20 8.76
CA LEU A 8 7.00 4.25 9.42
C LEU A 8 7.58 3.73 10.74
N THR A 9 6.82 2.86 11.41
CA THR A 9 7.25 2.30 12.69
C THR A 9 8.31 1.22 12.48
N GLY A 10 8.52 0.83 11.23
CA GLY A 10 9.50 -0.19 10.91
C GLY A 10 8.91 -1.59 10.96
N LYS A 11 7.61 -1.69 10.79
CA LYS A 11 6.92 -2.98 10.81
C LYS A 11 6.92 -3.62 9.43
N THR A 12 7.01 -4.94 9.40
CA THR A 12 7.01 -5.68 8.14
C THR A 12 5.63 -6.22 7.81
N ILE A 13 5.20 -6.01 6.56
CA ILE A 13 3.88 -6.47 6.12
C ILE A 13 3.99 -7.21 4.79
N THR A 14 3.32 -8.35 4.70
CA THR A 14 3.33 -9.16 3.48
C THR A 14 1.93 -9.64 3.14
N ALA A 15 1.53 -9.45 1.88
CA ALA A 15 0.21 -9.87 1.42
C ALA A 15 0.14 -9.88 -0.10
N GLU A 16 -0.69 -10.76 -0.65
CA GLU A 16 -0.85 -10.86 -2.09
C GLU A 16 -1.94 -9.92 -2.59
N THR A 17 -1.74 -9.36 -3.78
CA THR A 17 -2.69 -8.43 -4.36
C THR A 17 -3.05 -8.84 -5.79
N GLU A 18 -4.00 -8.13 -6.39
CA GLU A 18 -4.42 -8.42 -7.76
C GLU A 18 -3.96 -7.32 -8.71
N PRO A 19 -3.89 -7.66 -10.01
CA PRO A 19 -3.47 -6.73 -11.05
C PRO A 19 -4.50 -5.62 -11.29
N ALA A 20 -5.76 -6.01 -11.38
CA ALA A 20 -6.84 -5.05 -11.60
C ALA A 20 -6.98 -4.10 -10.41
N GLU A 21 -6.58 -4.56 -9.24
CA GLU A 21 -6.66 -3.75 -8.03
C GLU A 21 -5.44 -3.95 -7.15
N THR A 22 -4.29 -3.48 -7.63
CA THR A 22 -3.05 -3.62 -6.89
C THR A 22 -2.98 -2.62 -5.74
N VAL A 23 -3.21 -1.35 -6.04
CA VAL A 23 -3.18 -0.30 -5.04
C VAL A 23 -4.44 -0.33 -4.18
N ALA A 24 -5.60 -0.42 -4.84
CA ALA A 24 -6.87 -0.45 -4.13
C ALA A 24 -6.89 -1.57 -3.08
N ASP A 25 -6.33 -2.71 -3.45
CA ASP A 25 -6.29 -3.86 -2.54
C ASP A 25 -5.58 -3.49 -1.24
N LEU A 26 -4.46 -2.78 -1.36
CA LEU A 26 -3.69 -2.37 -0.19
C LEU A 26 -4.37 -1.20 0.52
N LYS A 27 -4.97 -0.31 -0.25
CA LYS A 27 -5.65 0.85 0.29
C LYS A 27 -6.73 0.43 1.28
N GLN A 28 -7.57 -0.54 0.87
CA GLN A 28 -8.64 -1.04 1.71
C GLN A 28 -8.08 -1.81 2.90
N LYS A 29 -6.98 -2.53 2.67
CA LYS A 29 -6.35 -3.31 3.72
C LYS A 29 -6.02 -2.45 4.93
N ILE A 30 -5.34 -1.33 4.69
CA ILE A 30 -4.96 -0.42 5.76
C ILE A 30 -6.17 0.37 6.25
N ALA A 31 -7.11 0.64 5.34
CA ALA A 31 -8.32 1.39 5.69
C ALA A 31 -9.16 0.62 6.69
N ASP A 32 -9.40 -0.66 6.41
CA ASP A 32 -10.20 -1.50 7.29
C ASP A 32 -9.40 -1.92 8.51
N LYS A 33 -8.07 -1.95 8.37
CA LYS A 33 -7.19 -2.33 9.46
C LYS A 33 -7.16 -1.25 10.53
N GLU A 34 -7.01 0.00 10.11
CA GLU A 34 -6.97 1.12 11.04
C GLU A 34 -8.36 1.69 11.28
N GLY A 35 -9.32 1.28 10.45
CA GLY A 35 -10.68 1.76 10.59
C GLY A 35 -10.86 3.14 9.99
N VAL A 36 -9.97 3.52 9.09
CA VAL A 36 -10.05 4.83 8.45
C VAL A 36 -10.34 4.70 6.95
N PRO A 37 -10.91 5.76 6.37
CA PRO A 37 -11.26 5.79 4.95
C PRO A 37 -10.03 5.83 4.05
N VAL A 38 -10.14 5.22 2.87
CA VAL A 38 -9.03 5.20 1.92
C VAL A 38 -8.53 6.60 1.63
N ASP A 39 -9.42 7.58 1.71
CA ASP A 39 -9.07 8.97 1.45
C ASP A 39 -8.03 9.46 2.44
N GLN A 40 -7.97 8.82 3.61
CA GLN A 40 -7.02 9.19 4.64
C GLN A 40 -5.71 8.42 4.48
N GLN A 41 -5.76 7.35 3.71
CA GLN A 41 -4.58 6.53 3.47
C GLN A 41 -4.01 6.79 2.08
N ARG A 42 -2.68 6.79 1.97
CA ARG A 42 -2.01 7.02 0.70
C ARG A 42 -0.90 6.00 0.48
N LEU A 43 -0.86 5.42 -0.72
CA LEU A 43 0.15 4.43 -1.07
C LEU A 43 1.37 5.09 -1.70
N ILE A 44 2.54 4.82 -1.14
CA ILE A 44 3.79 5.38 -1.65
C ILE A 44 4.86 4.31 -1.78
N PHE A 45 5.65 4.40 -2.85
CA PHE A 45 6.73 3.44 -3.09
C PHE A 45 8.05 4.16 -3.33
N ALA A 46 8.94 4.09 -2.34
CA ALA A 46 10.24 4.72 -2.45
C ALA A 46 10.11 6.20 -2.85
N GLY A 47 9.01 6.81 -2.44
CA GLY A 47 8.78 8.21 -2.76
C GLY A 47 7.97 8.39 -4.03
N LYS A 48 7.31 7.32 -4.47
CA LYS A 48 6.51 7.36 -5.68
C LYS A 48 5.02 7.30 -5.36
N GLN A 49 4.25 8.22 -5.92
CA GLN A 49 2.81 8.26 -5.69
C GLN A 49 2.10 7.21 -6.53
N LEU A 50 1.52 6.23 -5.85
CA LEU A 50 0.80 5.14 -6.54
C LEU A 50 -0.71 5.40 -6.50
N GLU A 51 -1.34 5.31 -7.67
CA GLU A 51 -2.78 5.52 -7.78
C GLU A 51 -3.51 4.20 -7.96
N ASP A 52 -4.83 4.23 -7.80
CA ASP A 52 -5.65 3.04 -7.96
C ASP A 52 -5.53 2.47 -9.36
N SER A 53 -5.06 3.30 -10.29
CA SER A 53 -4.91 2.88 -11.68
C SER A 53 -3.54 2.23 -11.90
N LYS A 54 -2.60 2.53 -11.02
CA LYS A 54 -1.26 1.98 -11.11
C LYS A 54 -1.21 0.57 -10.51
N THR A 55 -0.24 -0.22 -10.97
CA THR A 55 -0.08 -1.59 -10.47
C THR A 55 1.38 -1.99 -10.45
N MET A 56 1.66 -3.12 -9.80
CA MET A 56 3.03 -3.62 -9.70
C MET A 56 3.68 -3.70 -11.07
N ALA A 57 3.01 -4.37 -12.00
CA ALA A 57 3.52 -4.53 -13.36
C ALA A 57 3.78 -3.17 -14.00
N ASP A 58 3.05 -2.15 -13.55
CA ASP A 58 3.20 -0.80 -14.08
C ASP A 58 4.57 -0.23 -13.74
N TYR A 59 4.96 -0.37 -12.47
CA TYR A 59 6.24 0.14 -12.00
C TYR A 59 7.33 -0.91 -12.18
N ASN A 60 6.93 -2.10 -12.60
CA ASN A 60 7.88 -3.20 -12.81
C ASN A 60 8.57 -3.57 -11.50
N ILE A 61 7.85 -3.45 -10.39
CA ILE A 61 8.38 -3.78 -9.08
C ILE A 61 7.74 -5.06 -8.54
N GLN A 62 8.57 -6.09 -8.38
CA GLN A 62 8.09 -7.37 -7.86
C GLN A 62 9.23 -8.17 -7.25
N LYS A 63 8.92 -9.36 -6.77
CA LYS A 63 9.92 -10.24 -6.15
C LYS A 63 10.56 -9.56 -4.96
N GLU A 64 9.93 -9.68 -3.80
CA GLU A 64 10.44 -9.08 -2.57
C GLU A 64 10.48 -7.56 -2.68
N SER A 65 9.65 -7.02 -3.57
CA SER A 65 9.60 -5.58 -3.79
C SER A 65 9.41 -4.84 -2.47
N THR A 66 10.22 -3.81 -2.24
CA THR A 66 10.14 -3.02 -1.02
C THR A 66 9.20 -1.84 -1.20
N LEU A 67 8.02 -1.92 -0.58
CA LEU A 67 7.03 -0.85 -0.67
C LEU A 67 7.02 -0.02 0.61
N HIS A 68 6.44 1.17 0.52
CA HIS A 68 6.36 2.08 1.67
C HIS A 68 4.92 2.28 2.10
N MET A 69 4.70 2.31 3.42
CA MET A 69 3.36 2.50 3.96
C MET A 69 3.32 3.71 4.90
N VAL A 70 2.25 4.50 4.79
CA VAL A 70 2.08 5.69 5.62
C VAL A 70 0.70 5.73 6.24
N LEU A 71 0.63 6.10 7.51
CA LEU A 71 -0.63 6.19 8.23
C LEU A 71 -0.97 7.64 8.57
N ARG A 72 -2.21 8.04 8.29
CA ARG A 72 -2.65 9.40 8.58
C ARG A 72 -3.95 9.39 9.39
N LEU A 73 -3.91 10.04 10.55
CA LEU A 73 -5.08 10.11 11.42
C LEU A 73 -6.17 10.98 10.80
N ARG A 74 -7.34 11.00 11.44
CA ARG A 74 -8.46 11.79 10.96
C ARG A 74 -8.60 13.08 11.76
N GLY A 75 -9.13 14.11 11.11
CA GLY A 75 -9.32 15.39 11.78
C GLY A 75 -10.78 15.72 12.00
N GLY A 76 -11.13 16.98 11.78
CA GLY A 76 -12.51 17.40 11.97
C GLY A 76 -12.71 18.89 11.69
N MET A 1 3.55 -14.31 -5.50
CA MET A 1 4.10 -13.02 -5.93
C MET A 1 3.82 -11.94 -4.89
N GLN A 2 3.90 -12.31 -3.62
CA GLN A 2 3.67 -11.37 -2.53
C GLN A 2 4.84 -10.41 -2.37
N ILE A 3 4.54 -9.19 -1.92
CA ILE A 3 5.57 -8.18 -1.72
C ILE A 3 5.76 -7.87 -0.24
N PHE A 4 6.81 -7.11 0.06
CA PHE A 4 7.11 -6.75 1.44
C PHE A 4 6.94 -5.24 1.65
N ILE A 5 6.15 -4.88 2.67
CA ILE A 5 5.90 -3.48 2.97
C ILE A 5 6.36 -3.14 4.39
N LYS A 6 6.97 -1.97 4.54
CA LYS A 6 7.46 -1.52 5.84
C LYS A 6 6.85 -0.17 6.20
N THR A 7 6.15 -0.13 7.34
CA THR A 7 5.53 1.11 7.80
C THR A 7 6.52 1.98 8.56
N LEU A 8 6.04 3.10 9.09
CA LEU A 8 6.89 4.02 9.83
C LEU A 8 7.33 3.40 11.14
N THR A 9 6.53 2.49 11.68
CA THR A 9 6.84 1.82 12.93
C THR A 9 7.82 0.67 12.71
N GLY A 10 8.07 0.34 11.46
CA GLY A 10 8.99 -0.74 11.14
C GLY A 10 8.31 -2.09 11.12
N LYS A 11 6.99 -2.09 10.92
CA LYS A 11 6.22 -3.33 10.88
C LYS A 11 6.28 -3.96 9.49
N THR A 12 6.26 -5.28 9.45
CA THR A 12 6.31 -6.01 8.19
C THR A 12 4.91 -6.40 7.72
N ILE A 13 4.63 -6.14 6.45
CA ILE A 13 3.33 -6.47 5.87
C ILE A 13 3.47 -7.08 4.49
N THR A 14 2.98 -8.30 4.33
CA THR A 14 3.05 -9.00 3.05
C THR A 14 1.73 -9.68 2.71
N ALA A 15 1.28 -9.50 1.48
CA ALA A 15 0.02 -10.10 1.03
C ALA A 15 -0.11 -10.01 -0.48
N GLU A 16 -0.66 -11.07 -1.08
CA GLU A 16 -0.84 -11.11 -2.52
C GLU A 16 -2.02 -10.23 -2.95
N THR A 17 -1.89 -9.59 -4.11
CA THR A 17 -2.93 -8.73 -4.63
C THR A 17 -3.13 -8.94 -6.13
N GLU A 18 -4.33 -8.62 -6.62
CA GLU A 18 -4.64 -8.78 -8.03
C GLU A 18 -4.30 -7.51 -8.81
N PRO A 19 -4.15 -7.65 -10.13
CA PRO A 19 -3.82 -6.53 -11.01
C PRO A 19 -4.97 -5.53 -11.14
N ALA A 20 -6.20 -6.05 -11.14
CA ALA A 20 -7.38 -5.21 -11.25
C ALA A 20 -7.53 -4.29 -10.05
N GLU A 21 -6.98 -4.73 -8.92
CA GLU A 21 -7.06 -3.95 -7.68
C GLU A 21 -5.78 -4.10 -6.87
N THR A 22 -4.66 -3.65 -7.44
CA THR A 22 -3.37 -3.74 -6.77
C THR A 22 -3.25 -2.70 -5.67
N VAL A 23 -3.50 -1.44 -6.02
CA VAL A 23 -3.42 -0.35 -5.06
C VAL A 23 -4.64 -0.32 -4.15
N ALA A 24 -5.83 -0.46 -4.75
CA ALA A 24 -7.07 -0.46 -3.98
C ALA A 24 -7.04 -1.50 -2.88
N ASP A 25 -6.59 -2.72 -3.22
CA ASP A 25 -6.51 -3.80 -2.25
C ASP A 25 -5.64 -3.39 -1.05
N LEU A 26 -4.45 -2.89 -1.34
CA LEU A 26 -3.52 -2.47 -0.30
C LEU A 26 -4.12 -1.34 0.54
N LYS A 27 -4.82 -0.44 -0.12
CA LYS A 27 -5.45 0.68 0.57
C LYS A 27 -6.55 0.20 1.51
N GLN A 28 -7.37 -0.74 1.04
CA GLN A 28 -8.45 -1.28 1.84
C GLN A 28 -7.91 -1.96 3.09
N LYS A 29 -6.78 -2.64 2.95
CA LYS A 29 -6.16 -3.33 4.07
C LYS A 29 -5.79 -2.35 5.19
N ILE A 30 -5.19 -1.23 4.80
CA ILE A 30 -4.80 -0.21 5.76
C ILE A 30 -6.00 0.53 6.32
N ALA A 31 -7.00 0.75 5.46
CA ALA A 31 -8.22 1.43 5.87
C ALA A 31 -8.94 0.67 6.99
N ASP A 32 -9.09 -0.63 6.79
CA ASP A 32 -9.76 -1.47 7.78
C ASP A 32 -8.85 -1.73 8.98
N LYS A 33 -7.54 -1.63 8.76
CA LYS A 33 -6.56 -1.86 9.82
C LYS A 33 -6.63 -0.74 10.85
N GLU A 34 -6.68 0.50 10.38
CA GLU A 34 -6.74 1.66 11.28
C GLU A 34 -8.14 2.26 11.29
N GLY A 35 -9.10 1.53 10.71
CA GLY A 35 -10.47 2.01 10.67
C GLY A 35 -10.58 3.41 10.11
N VAL A 36 -9.72 3.73 9.14
CA VAL A 36 -9.72 5.04 8.52
C VAL A 36 -9.95 4.93 7.02
N PRO A 37 -10.46 6.03 6.41
CA PRO A 37 -10.74 6.09 4.98
C PRO A 37 -9.46 6.10 4.14
N VAL A 38 -9.47 5.35 3.04
CA VAL A 38 -8.32 5.29 2.15
C VAL A 38 -7.93 6.67 1.65
N ASP A 39 -8.89 7.58 1.64
CA ASP A 39 -8.65 8.94 1.18
C ASP A 39 -7.60 9.63 2.04
N GLN A 40 -7.45 9.16 3.27
CA GLN A 40 -6.48 9.72 4.21
C GLN A 40 -5.14 8.99 4.10
N GLN A 41 -5.16 7.81 3.49
CA GLN A 41 -3.94 7.02 3.33
C GLN A 41 -3.37 7.18 1.92
N ARG A 42 -2.04 7.21 1.83
CA ARG A 42 -1.37 7.36 0.55
C ARG A 42 -0.24 6.34 0.41
N LEU A 43 -0.25 5.62 -0.71
CA LEU A 43 0.78 4.62 -0.97
C LEU A 43 1.93 5.21 -1.78
N ILE A 44 3.15 4.94 -1.34
CA ILE A 44 4.34 5.44 -2.02
C ILE A 44 5.40 4.35 -2.17
N PHE A 45 6.04 4.31 -3.33
CA PHE A 45 7.06 3.32 -3.61
C PHE A 45 8.33 3.98 -4.15
N ALA A 46 9.37 4.05 -3.32
CA ALA A 46 10.62 4.66 -3.72
C ALA A 46 10.44 6.11 -4.12
N GLY A 47 9.44 6.76 -3.53
CA GLY A 47 9.16 8.15 -3.84
C GLY A 47 8.18 8.30 -4.99
N LYS A 48 7.45 7.23 -5.30
CA LYS A 48 6.49 7.25 -6.38
C LYS A 48 5.09 6.92 -5.87
N GLN A 49 4.14 7.82 -6.10
CA GLN A 49 2.77 7.62 -5.65
C GLN A 49 2.01 6.73 -6.63
N LEU A 50 1.47 5.62 -6.12
CA LEU A 50 0.73 4.68 -6.95
C LEU A 50 -0.77 4.94 -6.83
N GLU A 51 -1.45 4.97 -7.97
CA GLU A 51 -2.90 5.20 -8.00
C GLU A 51 -3.64 3.90 -8.28
N ASP A 52 -4.96 3.94 -8.11
CA ASP A 52 -5.80 2.76 -8.35
C ASP A 52 -5.65 2.27 -9.78
N SER A 53 -5.18 3.15 -10.65
CA SER A 53 -5.00 2.80 -12.06
C SER A 53 -3.59 2.26 -12.31
N LYS A 54 -2.89 1.96 -11.22
CA LYS A 54 -1.53 1.43 -11.32
C LYS A 54 -1.40 0.11 -10.58
N THR A 55 -0.38 -0.66 -10.91
CA THR A 55 -0.15 -1.95 -10.27
C THR A 55 1.34 -2.20 -10.05
N MET A 56 1.65 -3.13 -9.16
CA MET A 56 3.04 -3.47 -8.86
C MET A 56 3.75 -4.02 -10.09
N ALA A 57 3.00 -4.67 -10.96
CA ALA A 57 3.55 -5.24 -12.18
C ALA A 57 3.85 -4.15 -13.21
N ASP A 58 3.03 -3.11 -13.21
CA ASP A 58 3.21 -2.00 -14.13
C ASP A 58 4.56 -1.34 -13.93
N TYR A 59 4.97 -1.20 -12.67
CA TYR A 59 6.24 -0.58 -12.34
C TYR A 59 7.37 -1.60 -12.35
N ASN A 60 7.02 -2.85 -12.63
CA ASN A 60 8.01 -3.93 -12.66
C ASN A 60 8.64 -4.14 -11.29
N ILE A 61 7.86 -3.90 -10.24
CA ILE A 61 8.35 -4.07 -8.88
C ILE A 61 7.70 -5.28 -8.22
N GLN A 62 8.52 -6.29 -7.93
CA GLN A 62 8.04 -7.51 -7.29
C GLN A 62 9.18 -8.25 -6.61
N LYS A 63 8.86 -9.41 -6.04
CA LYS A 63 9.87 -10.23 -5.36
C LYS A 63 10.48 -9.46 -4.19
N GLU A 64 9.78 -9.44 -3.07
CA GLU A 64 10.25 -8.75 -1.87
C GLU A 64 10.39 -7.26 -2.13
N SER A 65 9.64 -6.75 -3.11
CA SER A 65 9.67 -5.35 -3.47
C SER A 65 9.49 -4.47 -2.23
N THR A 66 10.36 -3.48 -2.09
CA THR A 66 10.30 -2.57 -0.94
C THR A 66 9.27 -1.46 -1.18
N LEU A 67 8.18 -1.49 -0.42
CA LEU A 67 7.14 -0.48 -0.54
C LEU A 67 7.09 0.41 0.69
N HIS A 68 6.43 1.56 0.55
CA HIS A 68 6.31 2.51 1.65
C HIS A 68 4.86 2.95 1.83
N MET A 69 4.23 2.49 2.92
CA MET A 69 2.85 2.84 3.21
C MET A 69 2.77 3.79 4.39
N VAL A 70 1.85 4.75 4.32
CA VAL A 70 1.66 5.73 5.38
C VAL A 70 0.19 5.90 5.72
N LEU A 71 -0.11 5.99 7.01
CA LEU A 71 -1.49 6.16 7.47
C LEU A 71 -1.66 7.50 8.20
N ARG A 72 -2.81 8.13 8.00
CA ARG A 72 -3.10 9.40 8.63
C ARG A 72 -4.46 9.37 9.32
N LEU A 73 -4.57 10.05 10.45
CA LEU A 73 -5.81 10.11 11.21
C LEU A 73 -6.09 11.51 11.71
N ARG A 74 -7.34 11.78 12.06
CA ARG A 74 -7.74 13.09 12.55
C ARG A 74 -7.87 13.09 14.08
N GLY A 75 -8.19 11.92 14.63
CA GLY A 75 -8.34 11.80 16.07
C GLY A 75 -8.78 10.42 16.49
N GLY A 76 -10.00 10.04 16.11
CA GLY A 76 -10.52 8.73 16.46
C GLY A 76 -10.33 7.72 15.36
N MET A 1 2.69 -11.82 -7.92
CA MET A 1 3.55 -12.14 -6.79
C MET A 1 3.39 -11.10 -5.67
N GLN A 2 3.47 -11.58 -4.43
CA GLN A 2 3.32 -10.70 -3.28
C GLN A 2 4.63 -9.95 -3.02
N ILE A 3 4.51 -8.74 -2.46
CA ILE A 3 5.68 -7.92 -2.16
C ILE A 3 5.71 -7.53 -0.69
N PHE A 4 6.82 -6.96 -0.26
CA PHE A 4 6.99 -6.53 1.13
C PHE A 4 6.76 -5.03 1.27
N ILE A 5 5.92 -4.65 2.22
CA ILE A 5 5.63 -3.24 2.46
C ILE A 5 5.85 -2.87 3.92
N LYS A 6 6.47 -1.72 4.15
CA LYS A 6 6.74 -1.25 5.50
C LYS A 6 6.20 0.17 5.71
N THR A 7 5.77 0.46 6.92
CA THR A 7 5.23 1.77 7.25
C THR A 7 6.21 2.58 8.09
N LEU A 8 5.78 3.76 8.53
CA LEU A 8 6.62 4.62 9.34
C LEU A 8 6.80 4.06 10.76
N THR A 9 5.84 3.25 11.18
CA THR A 9 5.88 2.65 12.51
C THR A 9 6.71 1.37 12.50
N GLY A 10 7.07 0.92 11.30
CA GLY A 10 7.87 -0.29 11.18
C GLY A 10 7.01 -1.54 11.06
N LYS A 11 5.76 -1.36 10.67
CA LYS A 11 4.83 -2.48 10.52
C LYS A 11 5.11 -3.25 9.24
N THR A 12 5.01 -4.57 9.32
CA THR A 12 5.26 -5.42 8.16
C THR A 12 3.96 -5.78 7.45
N ILE A 13 3.83 -5.35 6.21
CA ILE A 13 2.63 -5.62 5.42
C ILE A 13 2.98 -6.34 4.12
N THR A 14 2.65 -7.63 4.06
CA THR A 14 2.92 -8.43 2.87
C THR A 14 1.73 -9.30 2.51
N ALA A 15 1.25 -9.16 1.28
CA ALA A 15 0.11 -9.94 0.80
C ALA A 15 -0.04 -9.83 -0.70
N GLU A 16 -0.36 -10.95 -1.34
CA GLU A 16 -0.53 -10.98 -2.80
C GLU A 16 -1.87 -10.36 -3.20
N THR A 17 -1.87 -9.67 -4.33
CA THR A 17 -3.08 -9.03 -4.83
C THR A 17 -3.15 -9.09 -6.35
N GLU A 18 -4.36 -8.91 -6.88
CA GLU A 18 -4.56 -8.95 -8.33
C GLU A 18 -4.20 -7.62 -8.97
N PRO A 19 -3.96 -7.64 -10.29
CA PRO A 19 -3.60 -6.44 -11.05
C PRO A 19 -4.75 -5.46 -11.18
N ALA A 20 -5.97 -5.99 -11.25
CA ALA A 20 -7.16 -5.17 -11.37
C ALA A 20 -7.37 -4.32 -10.12
N GLU A 21 -6.87 -4.82 -8.98
CA GLU A 21 -7.01 -4.11 -7.72
C GLU A 21 -5.77 -4.31 -6.85
N THR A 22 -4.64 -3.81 -7.33
CA THR A 22 -3.38 -3.93 -6.59
C THR A 22 -3.34 -2.97 -5.41
N VAL A 23 -3.60 -1.70 -5.69
CA VAL A 23 -3.59 -0.67 -4.65
C VAL A 23 -4.84 -0.76 -3.79
N ALA A 24 -6.00 -0.81 -4.44
CA ALA A 24 -7.27 -0.90 -3.72
C ALA A 24 -7.27 -2.06 -2.74
N ASP A 25 -6.52 -3.11 -3.07
CA ASP A 25 -6.44 -4.29 -2.22
C ASP A 25 -5.75 -3.96 -0.90
N LEU A 26 -4.63 -3.24 -0.98
CA LEU A 26 -3.87 -2.85 0.20
C LEU A 26 -4.55 -1.72 0.94
N LYS A 27 -5.19 -0.82 0.18
CA LYS A 27 -5.88 0.31 0.76
C LYS A 27 -7.10 -0.14 1.57
N GLN A 28 -7.87 -1.07 1.00
CA GLN A 28 -9.05 -1.59 1.66
C GLN A 28 -8.68 -2.37 2.91
N LYS A 29 -7.48 -2.95 2.90
CA LYS A 29 -7.00 -3.73 4.03
C LYS A 29 -6.94 -2.88 5.29
N ILE A 30 -6.25 -1.75 5.20
CA ILE A 30 -6.11 -0.84 6.33
C ILE A 30 -7.39 -0.06 6.57
N ALA A 31 -8.06 0.33 5.48
CA ALA A 31 -9.30 1.08 5.56
C ALA A 31 -10.32 0.37 6.45
N ASP A 32 -10.53 -0.92 6.19
CA ASP A 32 -11.48 -1.71 6.96
C ASP A 32 -10.88 -2.10 8.32
N LYS A 33 -9.55 -2.09 8.39
CA LYS A 33 -8.86 -2.45 9.62
C LYS A 33 -9.03 -1.35 10.67
N GLU A 34 -8.84 -0.09 10.26
CA GLU A 34 -8.99 1.04 11.16
C GLU A 34 -10.26 1.82 10.87
N GLY A 35 -11.14 1.21 10.07
CA GLY A 35 -12.40 1.87 9.73
C GLY A 35 -12.19 3.27 9.20
N VAL A 36 -11.08 3.48 8.50
CA VAL A 36 -10.77 4.79 7.93
C VAL A 36 -10.81 4.76 6.41
N PRO A 37 -11.04 5.93 5.80
CA PRO A 37 -11.10 6.07 4.35
C PRO A 37 -9.75 5.88 3.68
N VAL A 38 -9.75 5.24 2.51
CA VAL A 38 -8.52 5.00 1.77
C VAL A 38 -7.90 6.30 1.28
N ASP A 39 -8.72 7.34 1.19
CA ASP A 39 -8.26 8.65 0.74
C ASP A 39 -7.16 9.18 1.66
N GLN A 40 -7.15 8.71 2.90
CA GLN A 40 -6.15 9.14 3.86
C GLN A 40 -4.88 8.31 3.75
N GLN A 41 -4.99 7.17 3.09
CA GLN A 41 -3.85 6.28 2.91
C GLN A 41 -3.32 6.36 1.48
N ARG A 42 -2.02 6.59 1.35
CA ARG A 42 -1.39 6.69 0.04
C ARG A 42 -0.09 5.87 -0.01
N LEU A 43 0.19 5.30 -1.17
CA LEU A 43 1.39 4.49 -1.35
C LEU A 43 2.50 5.30 -2.03
N ILE A 44 3.73 5.10 -1.58
CA ILE A 44 4.87 5.80 -2.14
C ILE A 44 6.04 4.85 -2.38
N PHE A 45 6.68 4.99 -3.53
CA PHE A 45 7.82 4.15 -3.89
C PHE A 45 8.94 4.97 -4.51
N ALA A 46 10.01 5.17 -3.76
CA ALA A 46 11.15 5.95 -4.23
C ALA A 46 10.71 7.30 -4.77
N GLY A 47 9.64 7.85 -4.18
CA GLY A 47 9.13 9.13 -4.62
C GLY A 47 8.07 9.01 -5.68
N LYS A 48 7.49 7.82 -5.82
CA LYS A 48 6.45 7.57 -6.80
C LYS A 48 5.13 7.21 -6.13
N GLN A 49 4.08 7.97 -6.42
CA GLN A 49 2.77 7.73 -5.85
C GLN A 49 2.01 6.68 -6.65
N LEU A 50 1.58 5.62 -5.98
CA LEU A 50 0.83 4.55 -6.63
C LEU A 50 -0.66 4.69 -6.38
N GLU A 51 -1.42 4.85 -7.47
CA GLU A 51 -2.87 5.00 -7.37
C GLU A 51 -3.58 3.72 -7.80
N ASP A 52 -4.90 3.70 -7.65
CA ASP A 52 -5.70 2.53 -8.02
C ASP A 52 -5.50 2.18 -9.49
N SER A 53 -5.08 3.16 -10.27
CA SER A 53 -4.85 2.95 -11.70
C SER A 53 -3.48 2.37 -11.95
N LYS A 54 -2.73 2.12 -10.88
CA LYS A 54 -1.39 1.56 -10.99
C LYS A 54 -1.29 0.25 -10.22
N THR A 55 -0.30 -0.57 -10.57
CA THR A 55 -0.09 -1.85 -9.91
C THR A 55 1.38 -2.08 -9.60
N MET A 56 1.66 -3.02 -8.71
CA MET A 56 3.03 -3.34 -8.33
C MET A 56 3.83 -3.83 -9.54
N ALA A 57 3.19 -4.64 -10.37
CA ALA A 57 3.84 -5.18 -11.56
C ALA A 57 3.97 -4.11 -12.64
N ASP A 58 3.13 -3.09 -12.56
CA ASP A 58 3.15 -2.00 -13.53
C ASP A 58 4.44 -1.18 -13.40
N TYR A 59 4.91 -1.01 -12.17
CA TYR A 59 6.13 -0.25 -11.92
C TYR A 59 7.36 -1.15 -12.01
N ASN A 60 7.15 -2.39 -12.44
CA ASN A 60 8.24 -3.34 -12.57
C ASN A 60 8.88 -3.64 -11.23
N ILE A 61 8.11 -3.44 -10.16
CA ILE A 61 8.60 -3.69 -8.81
C ILE A 61 7.95 -4.93 -8.20
N GLN A 62 8.74 -5.97 -7.97
CA GLN A 62 8.25 -7.20 -7.40
C GLN A 62 9.37 -8.01 -6.76
N LYS A 63 9.05 -9.19 -6.25
CA LYS A 63 10.03 -10.06 -5.61
C LYS A 63 10.71 -9.34 -4.44
N GLU A 64 10.07 -9.39 -3.28
CA GLU A 64 10.60 -8.75 -2.09
C GLU A 64 10.74 -7.24 -2.28
N SER A 65 9.99 -6.72 -3.25
CA SER A 65 10.02 -5.28 -3.55
C SER A 65 9.81 -4.46 -2.28
N THR A 66 10.66 -3.47 -2.07
CA THR A 66 10.56 -2.61 -0.90
C THR A 66 9.61 -1.44 -1.16
N LEU A 67 8.43 -1.50 -0.55
CA LEU A 67 7.43 -0.45 -0.71
C LEU A 67 7.31 0.38 0.57
N HIS A 68 6.77 1.59 0.43
CA HIS A 68 6.59 2.48 1.56
C HIS A 68 5.13 2.92 1.70
N MET A 69 4.54 2.65 2.86
CA MET A 69 3.15 3.02 3.10
C MET A 69 3.05 4.03 4.23
N VAL A 70 2.23 5.06 4.03
CA VAL A 70 2.04 6.10 5.03
C VAL A 70 0.67 5.98 5.70
N LEU A 71 0.66 6.03 7.03
CA LEU A 71 -0.57 5.93 7.79
C LEU A 71 -0.95 7.28 8.41
N ARG A 72 -2.25 7.57 8.44
CA ARG A 72 -2.73 8.82 9.00
C ARG A 72 -3.73 8.56 10.12
N LEU A 73 -3.46 9.12 11.30
CA LEU A 73 -4.33 8.94 12.45
C LEU A 73 -4.82 10.29 12.97
N ARG A 74 -6.05 10.32 13.46
CA ARG A 74 -6.64 11.54 13.99
C ARG A 74 -6.02 11.90 15.34
N GLY A 75 -5.52 10.90 16.05
CA GLY A 75 -4.91 11.13 17.34
C GLY A 75 -3.82 12.17 17.29
N GLY A 76 -2.78 11.90 16.50
CA GLY A 76 -1.68 12.83 16.37
C GLY A 76 -0.35 12.13 16.12
N MET A 1 1.97 -13.59 -6.91
CA MET A 1 3.09 -13.38 -6.02
C MET A 1 2.74 -12.39 -4.91
N GLN A 2 3.59 -12.31 -3.89
CA GLN A 2 3.36 -11.40 -2.77
C GLN A 2 4.55 -10.45 -2.59
N ILE A 3 4.25 -9.25 -2.10
CA ILE A 3 5.28 -8.25 -1.88
C ILE A 3 5.45 -7.94 -0.39
N PHE A 4 6.49 -7.20 -0.05
CA PHE A 4 6.75 -6.83 1.33
C PHE A 4 6.62 -5.33 1.53
N ILE A 5 5.81 -4.93 2.51
CA ILE A 5 5.60 -3.52 2.80
C ILE A 5 6.01 -3.19 4.23
N LYS A 6 6.59 -2.01 4.41
CA LYS A 6 7.03 -1.56 5.73
C LYS A 6 6.51 -0.17 6.04
N THR A 7 6.02 0.03 7.27
CA THR A 7 5.50 1.32 7.68
C THR A 7 6.52 2.09 8.49
N LEU A 8 6.22 3.36 8.77
CA LEU A 8 7.11 4.21 9.54
C LEU A 8 7.41 3.60 10.91
N THR A 9 6.46 2.82 11.41
CA THR A 9 6.62 2.18 12.72
C THR A 9 7.56 0.99 12.63
N GLY A 10 8.00 0.66 11.41
CA GLY A 10 8.90 -0.45 11.22
C GLY A 10 8.18 -1.79 11.28
N LYS A 11 6.90 -1.79 10.96
CA LYS A 11 6.11 -3.01 10.98
C LYS A 11 6.13 -3.70 9.61
N THR A 12 6.20 -5.03 9.62
CA THR A 12 6.23 -5.79 8.39
C THR A 12 4.83 -6.19 7.95
N ILE A 13 4.45 -5.76 6.76
CA ILE A 13 3.13 -6.07 6.22
C ILE A 13 3.22 -6.73 4.84
N THR A 14 2.68 -7.94 4.73
CA THR A 14 2.71 -8.68 3.48
C THR A 14 1.33 -9.19 3.11
N ALA A 15 0.99 -9.08 1.83
CA ALA A 15 -0.31 -9.52 1.34
C ALA A 15 -0.35 -9.58 -0.18
N GLU A 16 -0.96 -10.63 -0.72
CA GLU A 16 -1.06 -10.80 -2.16
C GLU A 16 -2.20 -9.97 -2.73
N THR A 17 -2.00 -9.44 -3.93
CA THR A 17 -3.01 -8.62 -4.59
C THR A 17 -3.15 -8.99 -6.07
N GLU A 18 -4.13 -8.41 -6.73
CA GLU A 18 -4.36 -8.67 -8.15
C GLU A 18 -3.92 -7.48 -9.00
N PRO A 19 -3.70 -7.74 -10.30
CA PRO A 19 -3.28 -6.71 -11.25
C PRO A 19 -4.38 -5.70 -11.54
N ALA A 20 -5.59 -6.02 -11.12
CA ALA A 20 -6.73 -5.13 -11.33
C ALA A 20 -6.96 -4.23 -10.13
N GLU A 21 -6.53 -4.68 -8.96
CA GLU A 21 -6.67 -3.91 -7.73
C GLU A 21 -5.44 -4.04 -6.84
N THR A 22 -4.30 -3.56 -7.35
CA THR A 22 -3.06 -3.63 -6.62
C THR A 22 -3.02 -2.58 -5.50
N VAL A 23 -3.31 -1.34 -5.85
CA VAL A 23 -3.32 -0.25 -4.88
C VAL A 23 -4.55 -0.31 -3.99
N ALA A 24 -5.71 -0.46 -4.61
CA ALA A 24 -6.97 -0.55 -3.88
C ALA A 24 -6.91 -1.64 -2.82
N ASP A 25 -6.13 -2.68 -3.08
CA ASP A 25 -6.00 -3.79 -2.15
C ASP A 25 -5.22 -3.37 -0.91
N LEU A 26 -4.16 -2.59 -1.12
CA LEU A 26 -3.33 -2.12 -0.02
C LEU A 26 -4.01 -0.97 0.72
N LYS A 27 -4.75 -0.15 -0.03
CA LYS A 27 -5.45 0.99 0.55
C LYS A 27 -6.57 0.52 1.48
N GLN A 28 -7.35 -0.46 1.02
CA GLN A 28 -8.44 -0.99 1.81
C GLN A 28 -7.92 -1.83 2.98
N LYS A 29 -6.88 -2.61 2.71
CA LYS A 29 -6.29 -3.46 3.74
C LYS A 29 -5.80 -2.62 4.92
N ILE A 30 -5.05 -1.57 4.64
CA ILE A 30 -4.53 -0.69 5.67
C ILE A 30 -5.65 0.12 6.31
N ALA A 31 -6.66 0.44 5.52
CA ALA A 31 -7.80 1.22 6.01
C ALA A 31 -8.45 0.54 7.22
N ASP A 32 -8.75 -0.74 7.07
CA ASP A 32 -9.38 -1.50 8.16
C ASP A 32 -8.35 -1.86 9.23
N LYS A 33 -7.08 -1.92 8.83
CA LYS A 33 -6.01 -2.25 9.76
C LYS A 33 -5.81 -1.13 10.79
N GLU A 34 -6.03 0.10 10.36
CA GLU A 34 -5.88 1.26 11.26
C GLU A 34 -7.25 1.80 11.66
N GLY A 35 -8.29 1.36 10.97
CA GLY A 35 -9.63 1.81 11.27
C GLY A 35 -9.95 3.14 10.61
N VAL A 36 -9.16 3.51 9.61
CA VAL A 36 -9.36 4.77 8.89
C VAL A 36 -9.75 4.51 7.43
N PRO A 37 -10.41 5.50 6.82
CA PRO A 37 -10.85 5.40 5.42
C PRO A 37 -9.67 5.46 4.45
N VAL A 38 -9.82 4.79 3.31
CA VAL A 38 -8.78 4.77 2.30
C VAL A 38 -8.41 6.18 1.86
N ASP A 39 -9.35 7.11 2.02
CA ASP A 39 -9.12 8.50 1.65
C ASP A 39 -7.95 9.09 2.44
N GLN A 40 -7.64 8.49 3.58
CA GLN A 40 -6.54 8.95 4.42
C GLN A 40 -5.30 8.09 4.22
N GLN A 41 -5.49 6.92 3.63
CA GLN A 41 -4.38 6.00 3.38
C GLN A 41 -3.96 6.04 1.91
N ARG A 42 -2.66 6.26 1.68
CA ARG A 42 -2.14 6.32 0.33
C ARG A 42 -0.87 5.49 0.20
N LEU A 43 -0.60 5.00 -1.00
CA LEU A 43 0.59 4.20 -1.26
C LEU A 43 1.68 5.03 -1.93
N ILE A 44 2.91 4.90 -1.43
CA ILE A 44 4.03 5.63 -1.98
C ILE A 44 5.24 4.73 -2.16
N PHE A 45 5.98 4.94 -3.25
CA PHE A 45 7.16 4.14 -3.54
C PHE A 45 8.32 5.02 -3.98
N ALA A 46 9.31 5.19 -3.10
CA ALA A 46 10.46 6.02 -3.41
C ALA A 46 10.05 7.41 -3.86
N GLY A 47 8.92 7.89 -3.34
CA GLY A 47 8.44 9.20 -3.70
C GLY A 47 7.50 9.17 -4.89
N LYS A 48 6.98 7.98 -5.19
CA LYS A 48 6.06 7.82 -6.32
C LYS A 48 4.63 7.59 -5.83
N GLN A 49 3.71 8.42 -6.30
CA GLN A 49 2.31 8.31 -5.91
C GLN A 49 1.60 7.24 -6.73
N LEU A 50 1.15 6.18 -6.07
CA LEU A 50 0.47 5.10 -6.75
C LEU A 50 -1.05 5.28 -6.66
N GLU A 51 -1.71 5.26 -7.80
CA GLU A 51 -3.16 5.42 -7.85
C GLU A 51 -3.86 4.06 -8.04
N ASP A 52 -5.18 4.05 -7.87
CA ASP A 52 -5.95 2.84 -8.01
C ASP A 52 -5.73 2.20 -9.39
N SER A 53 -5.34 3.04 -10.36
CA SER A 53 -5.11 2.57 -11.72
C SER A 53 -3.71 1.98 -11.85
N LYS A 54 -2.82 2.37 -10.94
CA LYS A 54 -1.45 1.87 -10.95
C LYS A 54 -1.36 0.48 -10.34
N THR A 55 -0.36 -0.29 -10.76
CA THR A 55 -0.17 -1.64 -10.25
C THR A 55 1.31 -1.98 -10.13
N MET A 56 1.61 -3.11 -9.50
CA MET A 56 2.98 -3.55 -9.33
C MET A 56 3.72 -3.57 -10.67
N ALA A 57 3.08 -4.16 -11.67
CA ALA A 57 3.66 -4.26 -13.01
C ALA A 57 3.95 -2.88 -13.58
N ASP A 58 3.05 -1.94 -13.30
CA ASP A 58 3.21 -0.57 -13.79
C ASP A 58 4.50 0.05 -13.28
N TYR A 59 4.75 -0.09 -11.99
CA TYR A 59 5.95 0.45 -11.37
C TYR A 59 7.11 -0.54 -11.47
N ASN A 60 6.89 -1.63 -12.19
CA ASN A 60 7.91 -2.65 -12.37
C ASN A 60 8.49 -3.08 -11.02
N ILE A 61 7.63 -3.08 -9.99
CA ILE A 61 8.06 -3.47 -8.64
C ILE A 61 7.46 -4.81 -8.25
N GLN A 62 8.31 -5.81 -8.09
CA GLN A 62 7.86 -7.14 -7.70
C GLN A 62 8.99 -7.93 -7.04
N LYS A 63 8.71 -9.18 -6.69
CA LYS A 63 9.70 -10.04 -6.05
C LYS A 63 10.15 -9.45 -4.71
N GLU A 64 9.27 -9.52 -3.71
CA GLU A 64 9.57 -9.00 -2.39
C GLU A 64 9.80 -7.49 -2.45
N SER A 65 9.24 -6.84 -3.46
CA SER A 65 9.39 -5.40 -3.62
C SER A 65 9.04 -4.67 -2.34
N THR A 66 9.92 -3.75 -1.93
CA THR A 66 9.70 -2.98 -0.71
C THR A 66 8.87 -1.73 -0.99
N LEU A 67 7.65 -1.72 -0.50
CA LEU A 67 6.75 -0.58 -0.69
C LEU A 67 6.64 0.25 0.59
N HIS A 68 6.17 1.48 0.43
CA HIS A 68 6.02 2.39 1.57
C HIS A 68 4.58 2.87 1.70
N MET A 69 3.98 2.62 2.86
CA MET A 69 2.60 3.04 3.10
C MET A 69 2.55 4.18 4.11
N VAL A 70 1.61 5.09 3.90
CA VAL A 70 1.44 6.24 4.80
C VAL A 70 0.03 6.34 5.32
N LEU A 71 -0.11 6.46 6.64
CA LEU A 71 -1.43 6.57 7.26
C LEU A 71 -1.58 7.90 7.99
N ARG A 72 -2.78 8.46 7.95
CA ARG A 72 -3.06 9.73 8.61
C ARG A 72 -4.24 9.60 9.57
N LEU A 73 -4.05 10.06 10.80
CA LEU A 73 -5.11 10.00 11.81
C LEU A 73 -5.56 11.40 12.21
N ARG A 74 -6.86 11.64 12.14
CA ARG A 74 -7.42 12.94 12.49
C ARG A 74 -8.47 12.80 13.59
N GLY A 75 -9.49 11.99 13.32
CA GLY A 75 -10.55 11.78 14.29
C GLY A 75 -11.70 10.99 13.72
N GLY A 76 -12.70 10.71 14.56
CA GLY A 76 -13.86 9.95 14.11
C GLY A 76 -15.05 10.11 15.04
N MET A 1 2.70 -14.55 -6.47
CA MET A 1 3.88 -13.81 -6.07
C MET A 1 3.55 -12.74 -5.03
N GLN A 2 4.07 -12.93 -3.81
CA GLN A 2 3.82 -11.99 -2.73
C GLN A 2 4.94 -10.97 -2.61
N ILE A 3 4.60 -9.76 -2.16
CA ILE A 3 5.59 -8.70 -2.01
C ILE A 3 5.76 -8.32 -0.54
N PHE A 4 6.77 -7.50 -0.27
CA PHE A 4 7.04 -7.06 1.10
C PHE A 4 6.89 -5.55 1.23
N ILE A 5 6.16 -5.13 2.25
CA ILE A 5 5.92 -3.70 2.48
C ILE A 5 6.34 -3.30 3.89
N LYS A 6 7.17 -2.28 3.99
CA LYS A 6 7.65 -1.79 5.28
C LYS A 6 6.97 -0.48 5.65
N THR A 7 6.43 -0.41 6.86
CA THR A 7 5.75 0.79 7.33
C THR A 7 6.68 1.65 8.17
N LEU A 8 6.27 2.88 8.45
CA LEU A 8 7.06 3.80 9.25
C LEU A 8 7.36 3.22 10.63
N THR A 9 6.50 2.31 11.08
CA THR A 9 6.66 1.67 12.37
C THR A 9 7.76 0.61 12.33
N GLY A 10 8.22 0.30 11.12
CA GLY A 10 9.26 -0.69 10.96
C GLY A 10 8.73 -2.12 11.03
N LYS A 11 7.45 -2.27 10.72
CA LYS A 11 6.80 -3.58 10.74
C LYS A 11 6.75 -4.18 9.34
N THR A 12 6.89 -5.50 9.26
CA THR A 12 6.86 -6.20 7.98
C THR A 12 5.44 -6.61 7.61
N ILE A 13 5.04 -6.29 6.39
CA ILE A 13 3.70 -6.62 5.91
C ILE A 13 3.76 -7.46 4.65
N THR A 14 3.39 -8.74 4.77
CA THR A 14 3.41 -9.65 3.63
C THR A 14 2.01 -10.14 3.30
N ALA A 15 1.56 -9.88 2.07
CA ALA A 15 0.24 -10.31 1.63
C ALA A 15 0.11 -10.21 0.11
N GLU A 16 -0.54 -11.20 -0.48
CA GLU A 16 -0.73 -11.23 -1.93
C GLU A 16 -1.83 -10.27 -2.35
N THR A 17 -1.65 -9.63 -3.51
CA THR A 17 -2.62 -8.67 -4.02
C THR A 17 -3.02 -9.01 -5.45
N GLU A 18 -3.95 -8.25 -6.00
CA GLU A 18 -4.42 -8.47 -7.36
C GLU A 18 -3.63 -7.62 -8.35
N PRO A 19 -3.33 -8.22 -9.52
CA PRO A 19 -2.57 -7.53 -10.58
C PRO A 19 -3.37 -6.41 -11.23
N ALA A 20 -4.65 -6.32 -10.89
CA ALA A 20 -5.52 -5.29 -11.44
C ALA A 20 -5.59 -4.07 -10.53
N GLU A 21 -5.37 -4.30 -9.24
CA GLU A 21 -5.41 -3.21 -8.26
C GLU A 21 -4.56 -3.56 -7.03
N THR A 22 -3.26 -3.33 -7.14
CA THR A 22 -2.34 -3.62 -6.06
C THR A 22 -2.44 -2.57 -4.96
N VAL A 23 -2.73 -1.32 -5.35
CA VAL A 23 -2.86 -0.23 -4.40
C VAL A 23 -4.18 -0.32 -3.64
N ALA A 24 -5.28 -0.41 -4.37
CA ALA A 24 -6.60 -0.52 -3.75
C ALA A 24 -6.66 -1.66 -2.76
N ASP A 25 -6.16 -2.82 -3.17
CA ASP A 25 -6.15 -4.00 -2.30
C ASP A 25 -5.42 -3.71 -1.00
N LEU A 26 -4.37 -2.90 -1.08
CA LEU A 26 -3.58 -2.55 0.10
C LEU A 26 -4.31 -1.51 0.95
N LYS A 27 -4.80 -0.46 0.29
CA LYS A 27 -5.51 0.60 0.99
C LYS A 27 -6.69 0.04 1.78
N GLN A 28 -7.49 -0.80 1.13
CA GLN A 28 -8.65 -1.42 1.76
C GLN A 28 -8.23 -2.21 3.00
N LYS A 29 -7.01 -2.72 2.99
CA LYS A 29 -6.48 -3.49 4.12
C LYS A 29 -6.41 -2.63 5.37
N ILE A 30 -5.76 -1.47 5.25
CA ILE A 30 -5.62 -0.56 6.38
C ILE A 30 -6.94 0.16 6.67
N ALA A 31 -7.69 0.44 5.62
CA ALA A 31 -8.97 1.14 5.77
C ALA A 31 -9.87 0.40 6.75
N ASP A 32 -10.02 -0.91 6.55
CA ASP A 32 -10.86 -1.73 7.42
C ASP A 32 -10.16 -1.99 8.75
N LYS A 33 -8.84 -1.89 8.76
CA LYS A 33 -8.05 -2.13 9.96
C LYS A 33 -8.23 -0.98 10.96
N GLU A 34 -8.14 0.25 10.45
CA GLU A 34 -8.28 1.43 11.29
C GLU A 34 -9.62 2.11 11.05
N GLY A 35 -10.53 1.40 10.37
CA GLY A 35 -11.84 1.95 10.09
C GLY A 35 -11.76 3.33 9.45
N VAL A 36 -10.72 3.55 8.65
CA VAL A 36 -10.54 4.83 7.98
C VAL A 36 -10.70 4.68 6.47
N PRO A 37 -11.05 5.79 5.80
CA PRO A 37 -11.24 5.82 4.35
C PRO A 37 -9.93 5.65 3.59
N VAL A 38 -10.00 5.05 2.40
CA VAL A 38 -8.83 4.82 1.58
C VAL A 38 -8.23 6.15 1.10
N ASP A 39 -9.08 7.17 1.00
CA ASP A 39 -8.64 8.49 0.56
C ASP A 39 -7.62 9.07 1.54
N GLN A 40 -7.65 8.60 2.77
CA GLN A 40 -6.74 9.08 3.80
C GLN A 40 -5.46 8.24 3.82
N GLN A 41 -5.52 7.06 3.19
CA GLN A 41 -4.36 6.18 3.14
C GLN A 41 -3.71 6.21 1.76
N ARG A 42 -2.42 6.55 1.73
CA ARG A 42 -1.69 6.63 0.47
C ARG A 42 -0.34 5.92 0.60
N LEU A 43 -0.05 5.04 -0.35
CA LEU A 43 1.21 4.31 -0.35
C LEU A 43 2.27 5.04 -1.16
N ILE A 44 3.54 4.81 -0.82
CA ILE A 44 4.65 5.44 -1.52
C ILE A 44 5.75 4.43 -1.83
N PHE A 45 6.36 4.58 -3.01
CA PHE A 45 7.43 3.68 -3.43
C PHE A 45 8.58 4.48 -4.05
N ALA A 46 9.68 4.58 -3.32
CA ALA A 46 10.86 5.30 -3.80
C ALA A 46 10.48 6.71 -4.24
N GLY A 47 9.48 7.29 -3.57
CA GLY A 47 9.05 8.64 -3.91
C GLY A 47 7.97 8.66 -4.97
N LYS A 48 7.34 7.51 -5.18
CA LYS A 48 6.27 7.39 -6.18
C LYS A 48 4.91 7.32 -5.50
N GLN A 49 3.99 8.18 -5.96
CA GLN A 49 2.64 8.21 -5.40
C GLN A 49 1.80 7.06 -5.95
N LEU A 50 1.60 6.03 -5.13
CA LEU A 50 0.81 4.87 -5.53
C LEU A 50 -0.65 5.26 -5.77
N GLU A 51 -1.14 5.01 -6.98
CA GLU A 51 -2.52 5.34 -7.33
C GLU A 51 -3.40 4.10 -7.26
N ASP A 52 -4.63 4.28 -6.79
CA ASP A 52 -5.57 3.17 -6.68
C ASP A 52 -5.82 2.53 -8.03
N SER A 53 -5.56 3.28 -9.10
CA SER A 53 -5.75 2.78 -10.45
C SER A 53 -4.43 2.29 -11.05
N LYS A 54 -3.52 1.89 -10.18
CA LYS A 54 -2.21 1.40 -10.63
C LYS A 54 -1.99 -0.04 -10.16
N THR A 55 -0.89 -0.64 -10.61
CA THR A 55 -0.56 -2.00 -10.24
C THR A 55 0.95 -2.19 -10.12
N MET A 56 1.36 -3.34 -9.60
CA MET A 56 2.77 -3.65 -9.45
C MET A 56 3.47 -3.75 -10.81
N ALA A 57 2.74 -4.26 -11.80
CA ALA A 57 3.28 -4.41 -13.13
C ALA A 57 3.38 -3.06 -13.84
N ASP A 58 2.62 -2.09 -13.36
CA ASP A 58 2.63 -0.75 -13.94
C ASP A 58 3.83 0.05 -13.45
N TYR A 59 4.13 -0.07 -12.17
CA TYR A 59 5.25 0.65 -11.57
C TYR A 59 6.55 -0.12 -11.77
N ASN A 60 6.45 -1.30 -12.38
CA ASN A 60 7.62 -2.13 -12.64
C ASN A 60 8.26 -2.59 -11.33
N ILE A 61 7.45 -2.69 -10.29
CA ILE A 61 7.94 -3.11 -8.97
C ILE A 61 7.43 -4.50 -8.63
N GLN A 62 8.35 -5.46 -8.55
CA GLN A 62 8.00 -6.84 -8.22
C GLN A 62 9.20 -7.60 -7.67
N LYS A 63 9.02 -8.89 -7.42
CA LYS A 63 10.09 -9.72 -6.89
C LYS A 63 10.58 -9.20 -5.55
N GLU A 64 9.78 -9.44 -4.50
CA GLU A 64 10.13 -9.00 -3.16
C GLU A 64 10.21 -7.46 -3.09
N SER A 65 9.52 -6.80 -4.01
CA SER A 65 9.52 -5.35 -4.06
C SER A 65 9.22 -4.76 -2.69
N THR A 66 10.04 -3.79 -2.28
CA THR A 66 9.87 -3.14 -0.99
C THR A 66 9.05 -1.87 -1.11
N LEU A 67 7.87 -1.88 -0.50
CA LEU A 67 6.97 -0.72 -0.55
C LEU A 67 6.97 0.02 0.79
N HIS A 68 6.49 1.26 0.78
CA HIS A 68 6.44 2.06 1.99
C HIS A 68 5.00 2.42 2.34
N MET A 69 4.54 1.93 3.49
CA MET A 69 3.18 2.19 3.94
C MET A 69 3.15 3.26 5.02
N VAL A 70 2.16 4.14 4.97
CA VAL A 70 2.03 5.21 5.95
C VAL A 70 0.60 5.32 6.46
N LEU A 71 0.45 5.84 7.67
CA LEU A 71 -0.87 6.01 8.28
C LEU A 71 -1.21 7.48 8.48
N ARG A 72 -2.43 7.85 8.14
CA ARG A 72 -2.87 9.23 8.29
C ARG A 72 -4.24 9.30 8.97
N LEU A 73 -4.39 10.26 9.89
CA LEU A 73 -5.65 10.42 10.61
C LEU A 73 -6.47 11.56 10.01
N ARG A 74 -7.77 11.53 10.27
CA ARG A 74 -8.67 12.56 9.76
C ARG A 74 -8.87 13.68 10.78
N GLY A 75 -7.76 14.11 11.40
CA GLY A 75 -7.84 15.17 12.38
C GLY A 75 -6.47 15.77 12.69
N GLY A 76 -6.09 15.73 13.96
CA GLY A 76 -4.81 16.28 14.36
C GLY A 76 -4.39 15.84 15.74
N MET A 1 1.53 -13.13 -6.83
CA MET A 1 2.74 -13.06 -6.01
C MET A 1 2.49 -12.23 -4.76
N GLN A 2 3.52 -12.14 -3.90
CA GLN A 2 3.41 -11.38 -2.67
C GLN A 2 4.52 -10.34 -2.58
N ILE A 3 4.23 -9.23 -1.90
CA ILE A 3 5.21 -8.16 -1.73
C ILE A 3 5.36 -7.77 -0.27
N PHE A 4 6.37 -6.97 0.02
CA PHE A 4 6.62 -6.52 1.38
C PHE A 4 6.49 -5.01 1.51
N ILE A 5 5.72 -4.57 2.50
CA ILE A 5 5.50 -3.14 2.73
C ILE A 5 5.88 -2.75 4.14
N LYS A 6 6.44 -1.55 4.29
CA LYS A 6 6.85 -1.05 5.59
C LYS A 6 6.32 0.37 5.82
N THR A 7 5.97 0.67 7.06
CA THR A 7 5.45 1.99 7.41
C THR A 7 6.48 2.79 8.20
N LEU A 8 6.19 4.07 8.43
CA LEU A 8 7.08 4.94 9.18
C LEU A 8 7.17 4.51 10.63
N THR A 9 6.11 3.88 11.13
CA THR A 9 6.08 3.41 12.51
C THR A 9 6.92 2.16 12.69
N GLY A 10 7.37 1.58 11.57
CA GLY A 10 8.18 0.38 11.63
C GLY A 10 7.37 -0.88 11.40
N LYS A 11 6.05 -0.74 11.39
CA LYS A 11 5.16 -1.88 11.18
C LYS A 11 5.44 -2.54 9.83
N THR A 12 5.33 -3.86 9.80
CA THR A 12 5.58 -4.62 8.58
C THR A 12 4.28 -5.20 8.03
N ILE A 13 3.95 -4.83 6.79
CA ILE A 13 2.74 -5.32 6.14
C ILE A 13 3.07 -6.15 4.91
N THR A 14 2.76 -7.44 4.97
CA THR A 14 3.02 -8.35 3.87
C THR A 14 1.81 -9.23 3.58
N ALA A 15 1.30 -9.15 2.35
CA ALA A 15 0.15 -9.95 1.95
C ALA A 15 -0.02 -9.94 0.44
N GLU A 16 -0.76 -10.93 -0.07
CA GLU A 16 -0.98 -11.04 -1.52
C GLU A 16 -2.02 -10.01 -1.98
N THR A 17 -1.80 -9.49 -3.19
CA THR A 17 -2.71 -8.49 -3.75
C THR A 17 -3.12 -8.87 -5.17
N GLU A 18 -4.00 -8.05 -5.76
CA GLU A 18 -4.47 -8.29 -7.11
C GLU A 18 -3.55 -7.64 -8.14
N PRO A 19 -3.35 -8.32 -9.28
CA PRO A 19 -2.49 -7.83 -10.36
C PRO A 19 -3.10 -6.63 -11.08
N ALA A 20 -4.42 -6.57 -11.09
CA ALA A 20 -5.14 -5.48 -11.75
C ALA A 20 -5.29 -4.28 -10.80
N GLU A 21 -5.31 -4.56 -9.51
CA GLU A 21 -5.45 -3.51 -8.51
C GLU A 21 -4.61 -3.81 -7.27
N THR A 22 -3.31 -3.55 -7.38
CA THR A 22 -2.39 -3.80 -6.26
C THR A 22 -2.54 -2.73 -5.19
N VAL A 23 -2.77 -1.50 -5.61
CA VAL A 23 -2.93 -0.38 -4.68
C VAL A 23 -4.30 -0.42 -4.00
N ALA A 24 -5.36 -0.47 -4.81
CA ALA A 24 -6.71 -0.52 -4.30
C ALA A 24 -6.89 -1.66 -3.31
N ASP A 25 -6.44 -2.85 -3.70
CA ASP A 25 -6.54 -4.03 -2.85
C ASP A 25 -5.86 -3.79 -1.50
N LEU A 26 -4.71 -3.15 -1.54
CA LEU A 26 -3.95 -2.85 -0.32
C LEU A 26 -4.64 -1.76 0.50
N LYS A 27 -5.23 -0.79 -0.20
CA LYS A 27 -5.92 0.31 0.46
C LYS A 27 -7.13 -0.20 1.24
N GLN A 28 -7.94 -1.04 0.59
CA GLN A 28 -9.13 -1.60 1.23
C GLN A 28 -8.75 -2.53 2.38
N LYS A 29 -7.57 -3.14 2.27
CA LYS A 29 -7.08 -4.05 3.30
C LYS A 29 -6.81 -3.31 4.60
N ILE A 30 -6.08 -2.21 4.52
CA ILE A 30 -5.75 -1.41 5.69
C ILE A 30 -6.96 -0.60 6.16
N ALA A 31 -7.78 -0.17 5.20
CA ALA A 31 -8.97 0.62 5.51
C ALA A 31 -9.85 -0.11 6.52
N ASP A 32 -10.14 -1.38 6.26
CA ASP A 32 -10.97 -2.18 7.15
C ASP A 32 -10.18 -2.62 8.38
N LYS A 33 -8.87 -2.68 8.23
CA LYS A 33 -8.00 -3.09 9.34
C LYS A 33 -7.99 -2.03 10.44
N GLU A 34 -7.86 -0.77 10.05
CA GLU A 34 -7.84 0.33 11.01
C GLU A 34 -9.16 1.11 10.97
N GLY A 35 -10.14 0.54 10.28
CA GLY A 35 -11.44 1.20 10.19
C GLY A 35 -11.34 2.63 9.72
N VAL A 36 -10.32 2.92 8.90
CA VAL A 36 -10.11 4.27 8.39
C VAL A 36 -10.28 4.31 6.87
N PRO A 37 -10.61 5.50 6.35
CA PRO A 37 -10.81 5.70 4.91
C PRO A 37 -9.52 5.60 4.12
N VAL A 38 -9.61 5.09 2.90
CA VAL A 38 -8.44 4.94 2.03
C VAL A 38 -7.88 6.30 1.64
N ASP A 39 -8.71 7.33 1.73
CA ASP A 39 -8.29 8.69 1.37
C ASP A 39 -7.30 9.24 2.39
N GLN A 40 -7.20 8.56 3.53
CA GLN A 40 -6.29 8.97 4.59
C GLN A 40 -4.92 8.32 4.42
N GLN A 41 -4.88 7.25 3.63
CA GLN A 41 -3.64 6.54 3.39
C GLN A 41 -3.09 6.85 2.00
N ARG A 42 -1.77 6.92 1.89
CA ARG A 42 -1.12 7.22 0.62
C ARG A 42 0.05 6.26 0.38
N LEU A 43 0.02 5.59 -0.76
CA LEU A 43 1.08 4.64 -1.11
C LEU A 43 2.17 5.33 -1.94
N ILE A 44 3.42 5.14 -1.53
CA ILE A 44 4.54 5.73 -2.22
C ILE A 44 5.67 4.72 -2.42
N PHE A 45 6.32 4.78 -3.58
CA PHE A 45 7.42 3.87 -3.89
C PHE A 45 8.67 4.64 -4.29
N ALA A 46 9.66 4.67 -3.40
CA ALA A 46 10.91 5.36 -3.66
C ALA A 46 10.65 6.81 -4.09
N GLY A 47 9.58 7.39 -3.56
CA GLY A 47 9.24 8.77 -3.91
C GLY A 47 8.32 8.86 -5.11
N LYS A 48 7.68 7.74 -5.44
CA LYS A 48 6.77 7.69 -6.58
C LYS A 48 5.32 7.68 -6.12
N GLN A 49 4.54 8.64 -6.61
CA GLN A 49 3.12 8.74 -6.24
C GLN A 49 2.27 7.86 -7.15
N LEU A 50 1.84 6.72 -6.63
CA LEU A 50 1.00 5.80 -7.38
C LEU A 50 -0.47 5.94 -7.01
N GLU A 51 -1.34 5.78 -7.99
CA GLU A 51 -2.78 5.89 -7.75
C GLU A 51 -3.41 4.52 -7.52
N ASP A 52 -4.69 4.51 -7.19
CA ASP A 52 -5.41 3.26 -6.94
C ASP A 52 -5.59 2.48 -8.22
N SER A 53 -5.39 3.14 -9.35
CA SER A 53 -5.54 2.50 -10.66
C SER A 53 -4.19 2.00 -11.18
N LYS A 54 -3.28 1.74 -10.26
CA LYS A 54 -1.95 1.25 -10.63
C LYS A 54 -1.81 -0.24 -10.33
N THR A 55 -0.69 -0.81 -10.74
CA THR A 55 -0.42 -2.23 -10.51
C THR A 55 1.07 -2.50 -10.39
N MET A 56 1.41 -3.67 -9.85
CA MET A 56 2.81 -4.06 -9.67
C MET A 56 3.47 -4.35 -11.01
N ALA A 57 2.71 -4.96 -11.92
CA ALA A 57 3.22 -5.28 -13.24
C ALA A 57 3.50 -4.03 -14.06
N ASP A 58 2.80 -2.95 -13.72
CA ASP A 58 2.97 -1.68 -14.42
C ASP A 58 4.30 -1.03 -14.05
N TYR A 59 4.60 -1.00 -12.75
CA TYR A 59 5.83 -0.40 -12.26
C TYR A 59 6.97 -1.41 -12.30
N ASN A 60 6.64 -2.66 -12.63
CA ASN A 60 7.63 -3.72 -12.71
C ASN A 60 8.29 -3.94 -11.35
N ILE A 61 7.52 -3.73 -10.28
CA ILE A 61 8.02 -3.91 -8.93
C ILE A 61 7.41 -5.13 -8.27
N GLN A 62 8.24 -6.14 -8.01
CA GLN A 62 7.77 -7.38 -7.38
C GLN A 62 8.92 -8.12 -6.71
N LYS A 63 8.63 -9.29 -6.17
CA LYS A 63 9.64 -10.10 -5.50
C LYS A 63 10.23 -9.36 -4.31
N GLU A 64 9.49 -9.34 -3.20
CA GLU A 64 9.94 -8.66 -1.99
C GLU A 64 10.09 -7.16 -2.24
N SER A 65 9.38 -6.65 -3.22
CA SER A 65 9.43 -5.24 -3.56
C SER A 65 9.24 -4.37 -2.32
N THR A 66 10.12 -3.39 -2.14
CA THR A 66 10.05 -2.50 -0.99
C THR A 66 9.06 -1.36 -1.24
N LEU A 67 8.05 -1.27 -0.39
CA LEU A 67 7.04 -0.22 -0.52
C LEU A 67 6.98 0.64 0.74
N HIS A 68 6.37 1.82 0.62
CA HIS A 68 6.24 2.73 1.75
C HIS A 68 4.78 3.10 1.99
N MET A 69 4.31 2.85 3.22
CA MET A 69 2.93 3.15 3.57
C MET A 69 2.88 4.17 4.70
N VAL A 70 2.28 5.33 4.42
CA VAL A 70 2.16 6.39 5.41
C VAL A 70 0.72 6.54 5.89
N LEU A 71 0.53 6.46 7.20
CA LEU A 71 -0.80 6.59 7.79
C LEU A 71 -0.87 7.80 8.71
N ARG A 72 -1.94 8.59 8.57
CA ARG A 72 -2.14 9.78 9.39
C ARG A 72 -3.36 9.63 10.28
N LEU A 73 -3.18 9.89 11.58
CA LEU A 73 -4.27 9.78 12.55
C LEU A 73 -5.33 10.84 12.28
N ARG A 74 -6.51 10.64 12.85
CA ARG A 74 -7.61 11.58 12.69
C ARG A 74 -8.39 11.75 13.99
N GLY A 75 -9.36 12.66 13.99
CA GLY A 75 -10.16 12.90 15.17
C GLY A 75 -9.77 14.18 15.88
N GLY A 76 -10.65 14.65 16.77
CA GLY A 76 -10.37 15.88 17.50
C GLY A 76 -10.58 15.72 19.00
N MET A 1 2.89 -14.72 -5.05
CA MET A 1 3.39 -13.43 -5.48
C MET A 1 3.13 -12.36 -4.41
N GLN A 2 3.90 -12.42 -3.33
CA GLN A 2 3.75 -11.45 -2.24
C GLN A 2 4.92 -10.48 -2.22
N ILE A 3 4.66 -9.26 -1.76
CA ILE A 3 5.69 -8.23 -1.68
C ILE A 3 5.96 -7.84 -0.23
N PHE A 4 7.03 -7.07 -0.03
CA PHE A 4 7.40 -6.62 1.32
C PHE A 4 7.11 -5.13 1.49
N ILE A 5 6.44 -4.79 2.58
CA ILE A 5 6.10 -3.39 2.86
C ILE A 5 6.65 -2.97 4.23
N LYS A 6 7.16 -1.74 4.28
CA LYS A 6 7.71 -1.20 5.52
C LYS A 6 7.00 0.09 5.92
N THR A 7 6.73 0.23 7.22
CA THR A 7 6.04 1.40 7.73
C THR A 7 6.99 2.28 8.53
N LEU A 8 6.61 3.53 8.75
CA LEU A 8 7.42 4.47 9.51
C LEU A 8 7.71 3.94 10.91
N THR A 9 6.80 3.11 11.42
CA THR A 9 6.95 2.55 12.75
C THR A 9 7.97 1.41 12.74
N GLY A 10 8.39 1.01 11.55
CA GLY A 10 9.37 -0.06 11.43
C GLY A 10 8.72 -1.42 11.27
N LYS A 11 7.40 -1.48 11.45
CA LYS A 11 6.66 -2.72 11.32
C LYS A 11 6.79 -3.28 9.91
N THR A 12 6.63 -4.59 9.78
CA THR A 12 6.73 -5.26 8.48
C THR A 12 5.38 -5.82 8.05
N ILE A 13 4.99 -5.53 6.81
CA ILE A 13 3.72 -6.01 6.28
C ILE A 13 3.92 -6.73 4.95
N THR A 14 3.42 -7.97 4.87
CA THR A 14 3.54 -8.76 3.67
C THR A 14 2.22 -9.44 3.32
N ALA A 15 1.72 -9.17 2.11
CA ALA A 15 0.47 -9.76 1.66
C ALA A 15 0.40 -9.78 0.14
N GLU A 16 -0.49 -10.62 -0.40
CA GLU A 16 -0.66 -10.74 -1.84
C GLU A 16 -1.78 -9.83 -2.33
N THR A 17 -1.58 -9.26 -3.52
CA THR A 17 -2.58 -8.37 -4.11
C THR A 17 -2.90 -8.77 -5.54
N GLU A 18 -3.95 -8.18 -6.09
CA GLU A 18 -4.36 -8.47 -7.46
C GLU A 18 -3.60 -7.61 -8.47
N PRO A 19 -3.26 -8.21 -9.62
CA PRO A 19 -2.52 -7.51 -10.67
C PRO A 19 -3.36 -6.43 -11.36
N ALA A 20 -4.64 -6.37 -10.99
CA ALA A 20 -5.55 -5.39 -11.56
C ALA A 20 -5.52 -4.08 -10.78
N GLU A 21 -5.20 -4.18 -9.50
CA GLU A 21 -5.13 -3.00 -8.64
C GLU A 21 -4.37 -3.31 -7.35
N THR A 22 -3.08 -2.98 -7.32
CA THR A 22 -2.26 -3.22 -6.15
C THR A 22 -2.54 -2.21 -5.05
N VAL A 23 -2.80 -0.97 -5.45
CA VAL A 23 -3.09 0.10 -4.51
C VAL A 23 -4.50 -0.03 -3.94
N ALA A 24 -5.48 -0.10 -4.83
CA ALA A 24 -6.87 -0.23 -4.41
C ALA A 24 -7.07 -1.45 -3.51
N ASP A 25 -6.37 -2.54 -3.83
CA ASP A 25 -6.45 -3.76 -3.06
C ASP A 25 -6.02 -3.53 -1.61
N LEU A 26 -4.85 -2.91 -1.45
CA LEU A 26 -4.33 -2.62 -0.12
C LEU A 26 -5.16 -1.56 0.59
N LYS A 27 -5.64 -0.59 -0.17
CA LYS A 27 -6.46 0.49 0.38
C LYS A 27 -7.65 -0.08 1.14
N GLN A 28 -8.21 -1.17 0.63
CA GLN A 28 -9.37 -1.81 1.26
C GLN A 28 -8.94 -2.61 2.48
N LYS A 29 -7.70 -3.09 2.48
CA LYS A 29 -7.16 -3.86 3.59
C LYS A 29 -7.05 -3.01 4.84
N ILE A 30 -6.40 -1.85 4.70
CA ILE A 30 -6.22 -0.94 5.83
C ILE A 30 -7.51 -0.20 6.15
N ALA A 31 -8.31 0.07 5.11
CA ALA A 31 -9.58 0.76 5.29
C ALA A 31 -10.46 0.05 6.31
N ASP A 32 -10.64 -1.25 6.14
CA ASP A 32 -11.46 -2.04 7.06
C ASP A 32 -10.70 -2.32 8.35
N LYS A 33 -9.38 -2.32 8.27
CA LYS A 33 -8.54 -2.57 9.44
C LYS A 33 -8.68 -1.45 10.46
N GLU A 34 -8.62 -0.21 10.00
CA GLU A 34 -8.76 0.94 10.88
C GLU A 34 -10.11 1.63 10.70
N GLY A 35 -11.01 0.96 9.97
CA GLY A 35 -12.33 1.52 9.73
C GLY A 35 -12.26 2.93 9.19
N VAL A 36 -11.23 3.21 8.41
CA VAL A 36 -11.05 4.55 7.82
C VAL A 36 -11.20 4.48 6.31
N PRO A 37 -11.55 5.63 5.70
CA PRO A 37 -11.73 5.74 4.25
C PRO A 37 -10.41 5.64 3.50
N VAL A 38 -10.47 5.08 2.30
CA VAL A 38 -9.27 4.93 1.47
C VAL A 38 -8.71 6.29 1.04
N ASP A 39 -9.57 7.30 1.08
CA ASP A 39 -9.17 8.66 0.70
C ASP A 39 -8.30 9.29 1.80
N GLN A 40 -8.37 8.72 2.99
CA GLN A 40 -7.59 9.23 4.12
C GLN A 40 -6.19 8.64 4.12
N GLN A 41 -6.00 7.56 3.38
CA GLN A 41 -4.70 6.90 3.31
C GLN A 41 -4.02 7.19 1.98
N ARG A 42 -2.72 6.96 1.92
CA ARG A 42 -1.95 7.21 0.70
C ARG A 42 -1.02 6.03 0.39
N LEU A 43 -0.80 5.78 -0.89
CA LEU A 43 0.07 4.68 -1.31
C LEU A 43 1.29 5.21 -2.04
N ILE A 44 2.47 4.91 -1.49
CA ILE A 44 3.72 5.36 -2.09
C ILE A 44 4.74 4.22 -2.14
N PHE A 45 5.50 4.16 -3.24
CA PHE A 45 6.52 3.13 -3.40
C PHE A 45 7.88 3.74 -3.68
N ALA A 46 8.77 3.66 -2.71
CA ALA A 46 10.12 4.21 -2.86
C ALA A 46 10.08 5.72 -3.04
N GLY A 47 9.07 6.36 -2.45
CA GLY A 47 8.93 7.80 -2.57
C GLY A 47 8.07 8.21 -3.75
N LYS A 48 7.74 7.24 -4.59
CA LYS A 48 6.91 7.51 -5.76
C LYS A 48 5.44 7.24 -5.46
N GLN A 49 4.61 8.27 -5.61
CA GLN A 49 3.18 8.16 -5.36
C GLN A 49 2.47 7.55 -6.56
N LEU A 50 1.89 6.36 -6.35
CA LEU A 50 1.17 5.67 -7.42
C LEU A 50 -0.33 5.91 -7.32
N GLU A 51 -1.04 5.66 -8.41
CA GLU A 51 -2.49 5.84 -8.43
C GLU A 51 -3.22 4.53 -8.17
N ASP A 52 -4.50 4.62 -7.87
CA ASP A 52 -5.32 3.44 -7.60
C ASP A 52 -5.40 2.55 -8.84
N SER A 53 -5.20 3.14 -10.01
CA SER A 53 -5.26 2.41 -11.26
C SER A 53 -3.86 2.04 -11.75
N LYS A 54 -2.92 1.97 -10.81
CA LYS A 54 -1.54 1.63 -11.14
C LYS A 54 -1.06 0.44 -10.32
N THR A 55 -0.83 -0.69 -10.99
CA THR A 55 -0.38 -1.90 -10.31
C THR A 55 1.14 -1.93 -10.21
N MET A 56 1.67 -2.93 -9.52
CA MET A 56 3.12 -3.07 -9.34
C MET A 56 3.78 -3.48 -10.65
N ALA A 57 3.15 -4.42 -11.36
CA ALA A 57 3.69 -4.90 -12.62
C ALA A 57 3.90 -3.76 -13.60
N ASP A 58 3.11 -2.69 -13.43
CA ASP A 58 3.21 -1.52 -14.31
C ASP A 58 4.54 -0.79 -14.08
N TYR A 59 4.93 -0.68 -12.82
CA TYR A 59 6.17 0.00 -12.48
C TYR A 59 7.36 -0.95 -12.56
N ASN A 60 7.09 -2.19 -12.95
CA ASN A 60 8.14 -3.20 -13.07
C ASN A 60 8.79 -3.47 -11.73
N ILE A 61 8.04 -3.27 -10.65
CA ILE A 61 8.55 -3.49 -9.30
C ILE A 61 7.91 -4.72 -8.68
N GLN A 62 8.72 -5.75 -8.45
CA GLN A 62 8.24 -6.98 -7.85
C GLN A 62 9.39 -7.77 -7.21
N LYS A 63 9.10 -8.98 -6.77
CA LYS A 63 10.10 -9.83 -6.14
C LYS A 63 10.68 -9.17 -4.90
N GLU A 64 9.94 -9.24 -3.79
CA GLU A 64 10.38 -8.64 -2.54
C GLU A 64 10.51 -7.12 -2.67
N SER A 65 9.77 -6.55 -3.63
CA SER A 65 9.81 -5.12 -3.86
C SER A 65 9.61 -4.35 -2.56
N THR A 66 10.38 -3.28 -2.38
CA THR A 66 10.30 -2.46 -1.19
C THR A 66 9.17 -1.44 -1.29
N LEU A 67 8.13 -1.62 -0.46
CA LEU A 67 6.99 -0.72 -0.47
C LEU A 67 7.10 0.29 0.67
N HIS A 68 6.38 1.41 0.52
CA HIS A 68 6.39 2.46 1.54
C HIS A 68 4.98 2.73 2.05
N MET A 69 4.79 2.63 3.36
CA MET A 69 3.49 2.87 3.97
C MET A 69 3.55 4.07 4.92
N VAL A 70 2.47 4.84 4.96
CA VAL A 70 2.39 6.01 5.83
C VAL A 70 1.03 6.10 6.51
N LEU A 71 1.05 6.21 7.83
CA LEU A 71 -0.19 6.31 8.60
C LEU A 71 -0.55 7.77 8.86
N ARG A 72 -1.82 8.11 8.66
CA ARG A 72 -2.29 9.47 8.88
C ARG A 72 -3.58 9.47 9.69
N LEU A 73 -3.51 10.02 10.90
CA LEU A 73 -4.67 10.08 11.78
C LEU A 73 -5.00 11.53 12.14
N ARG A 74 -6.04 11.71 12.94
CA ARG A 74 -6.47 13.04 13.35
C ARG A 74 -6.48 13.16 14.87
N GLY A 75 -5.68 12.34 15.53
CA GLY A 75 -5.61 12.36 16.98
C GLY A 75 -4.27 12.83 17.50
N GLY A 76 -3.74 12.14 18.50
CA GLY A 76 -2.45 12.52 19.07
C GLY A 76 -1.80 11.38 19.83
N MET A 1 3.24 -13.40 -6.58
CA MET A 1 2.95 -11.97 -6.69
C MET A 1 2.85 -11.33 -5.31
N GLN A 2 3.85 -11.58 -4.48
CA GLN A 2 3.87 -11.02 -3.13
C GLN A 2 5.10 -10.15 -2.90
N ILE A 3 4.94 -9.10 -2.10
CA ILE A 3 6.05 -8.20 -1.80
C ILE A 3 6.03 -7.76 -0.34
N PHE A 4 7.09 -7.11 0.09
CA PHE A 4 7.20 -6.63 1.46
C PHE A 4 6.85 -5.15 1.56
N ILE A 5 6.14 -4.77 2.62
CA ILE A 5 5.74 -3.39 2.82
C ILE A 5 6.14 -2.90 4.21
N LYS A 6 6.88 -1.80 4.25
CA LYS A 6 7.34 -1.23 5.52
C LYS A 6 6.61 0.07 5.81
N THR A 7 6.15 0.22 7.05
CA THR A 7 5.43 1.43 7.47
C THR A 7 6.27 2.25 8.43
N LEU A 8 5.81 3.47 8.71
CA LEU A 8 6.52 4.37 9.62
C LEU A 8 6.66 3.74 11.00
N THR A 9 5.78 2.78 11.31
CA THR A 9 5.82 2.10 12.58
C THR A 9 6.94 1.07 12.64
N GLY A 10 7.58 0.83 11.49
CA GLY A 10 8.66 -0.13 11.43
C GLY A 10 8.18 -1.56 11.38
N LYS A 11 6.91 -1.74 11.01
CA LYS A 11 6.33 -3.07 10.92
C LYS A 11 6.42 -3.62 9.50
N THR A 12 6.46 -4.95 9.38
CA THR A 12 6.55 -5.60 8.08
C THR A 12 5.20 -6.18 7.66
N ILE A 13 4.71 -5.77 6.50
CA ILE A 13 3.44 -6.25 5.99
C ILE A 13 3.62 -6.94 4.64
N THR A 14 3.10 -8.17 4.54
CA THR A 14 3.20 -8.94 3.31
C THR A 14 1.86 -9.55 2.93
N ALA A 15 1.40 -9.27 1.72
CA ALA A 15 0.13 -9.80 1.23
C ALA A 15 0.03 -9.67 -0.29
N GLU A 16 -0.38 -10.76 -0.93
CA GLU A 16 -0.53 -10.77 -2.38
C GLU A 16 -1.78 -10.01 -2.81
N THR A 17 -1.69 -9.31 -3.95
CA THR A 17 -2.82 -8.55 -4.46
C THR A 17 -3.00 -8.79 -5.95
N GLU A 18 -4.13 -8.34 -6.48
CA GLU A 18 -4.43 -8.51 -7.91
C GLU A 18 -3.74 -7.42 -8.73
N PRO A 19 -3.47 -7.74 -10.01
CA PRO A 19 -2.82 -6.80 -10.93
C PRO A 19 -3.72 -5.64 -11.31
N ALA A 20 -4.99 -5.75 -10.96
CA ALA A 20 -5.97 -4.70 -11.27
C ALA A 20 -6.30 -3.89 -10.03
N GLU A 21 -6.16 -4.51 -8.85
CA GLU A 21 -6.46 -3.85 -7.60
C GLU A 21 -5.29 -3.98 -6.63
N THR A 22 -4.13 -3.47 -7.02
CA THR A 22 -2.93 -3.54 -6.19
C THR A 22 -3.00 -2.54 -5.05
N VAL A 23 -3.27 -1.28 -5.39
CA VAL A 23 -3.36 -0.21 -4.39
C VAL A 23 -4.67 -0.31 -3.62
N ALA A 24 -5.78 -0.45 -4.35
CA ALA A 24 -7.10 -0.55 -3.73
C ALA A 24 -7.12 -1.66 -2.68
N ASP A 25 -6.43 -2.76 -2.97
CA ASP A 25 -6.38 -3.90 -2.07
C ASP A 25 -5.80 -3.50 -0.72
N LEU A 26 -4.73 -2.71 -0.75
CA LEU A 26 -4.06 -2.25 0.46
C LEU A 26 -4.85 -1.11 1.10
N LYS A 27 -5.44 -0.26 0.27
CA LYS A 27 -6.22 0.87 0.75
C LYS A 27 -7.39 0.40 1.60
N GLN A 28 -8.11 -0.61 1.12
CA GLN A 28 -9.26 -1.16 1.84
C GLN A 28 -8.80 -1.99 3.04
N LYS A 29 -7.73 -2.75 2.83
CA LYS A 29 -7.19 -3.60 3.90
C LYS A 29 -6.87 -2.78 5.14
N ILE A 30 -6.12 -1.70 4.95
CA ILE A 30 -5.74 -0.83 6.06
C ILE A 30 -6.91 0.03 6.49
N ALA A 31 -7.77 0.38 5.55
CA ALA A 31 -8.93 1.21 5.83
C ALA A 31 -9.77 0.61 6.96
N ASP A 32 -10.06 -0.69 6.86
CA ASP A 32 -10.84 -1.38 7.88
C ASP A 32 -10.00 -1.67 9.11
N LYS A 33 -8.68 -1.70 8.93
CA LYS A 33 -7.76 -1.96 10.03
C LYS A 33 -7.69 -0.78 10.98
N GLU A 34 -7.57 0.42 10.42
CA GLU A 34 -7.50 1.63 11.22
C GLU A 34 -8.79 2.43 11.12
N GLY A 35 -9.84 1.80 10.60
CA GLY A 35 -11.11 2.46 10.46
C GLY A 35 -11.00 3.79 9.75
N VAL A 36 -10.05 3.89 8.82
CA VAL A 36 -9.84 5.11 8.06
C VAL A 36 -10.23 4.93 6.60
N PRO A 37 -10.55 6.05 5.93
CA PRO A 37 -10.94 6.04 4.52
C PRO A 37 -9.78 5.72 3.60
N VAL A 38 -10.07 5.05 2.49
CA VAL A 38 -9.04 4.68 1.52
C VAL A 38 -8.30 5.91 1.01
N ASP A 39 -9.00 7.03 0.94
CA ASP A 39 -8.42 8.27 0.47
C ASP A 39 -7.28 8.73 1.39
N GLN A 40 -7.32 8.27 2.64
CA GLN A 40 -6.30 8.62 3.61
C GLN A 40 -5.09 7.71 3.49
N GLN A 41 -5.27 6.58 2.80
CA GLN A 41 -4.20 5.61 2.62
C GLN A 41 -3.58 5.76 1.23
N ARG A 42 -2.27 6.00 1.19
CA ARG A 42 -1.56 6.18 -0.06
C ARG A 42 -0.26 5.37 -0.07
N LEU A 43 0.18 4.96 -1.25
CA LEU A 43 1.41 4.18 -1.38
C LEU A 43 2.50 5.02 -2.05
N ILE A 44 3.73 4.83 -1.60
CA ILE A 44 4.87 5.55 -2.15
C ILE A 44 6.05 4.62 -2.41
N PHE A 45 6.74 4.85 -3.52
CA PHE A 45 7.90 4.03 -3.88
C PHE A 45 9.04 4.90 -4.41
N ALA A 46 10.07 5.05 -3.59
CA ALA A 46 11.23 5.86 -3.97
C ALA A 46 10.79 7.24 -4.47
N GLY A 47 9.71 7.75 -3.91
CA GLY A 47 9.20 9.05 -4.30
C GLY A 47 8.18 8.97 -5.41
N LYS A 48 7.62 7.78 -5.61
CA LYS A 48 6.61 7.57 -6.65
C LYS A 48 5.25 7.27 -6.04
N GLN A 49 4.27 8.12 -6.33
CA GLN A 49 2.92 7.95 -5.81
C GLN A 49 2.17 6.87 -6.58
N LEU A 50 1.69 5.86 -5.87
CA LEU A 50 0.95 4.76 -6.49
C LEU A 50 -0.55 4.94 -6.33
N GLU A 51 -1.26 5.03 -7.45
CA GLU A 51 -2.71 5.21 -7.42
C GLU A 51 -3.42 3.90 -7.74
N ASP A 52 -4.74 3.91 -7.63
CA ASP A 52 -5.55 2.73 -7.90
C ASP A 52 -5.29 2.21 -9.32
N SER A 53 -4.96 3.12 -10.22
CA SER A 53 -4.70 2.77 -11.61
C SER A 53 -3.30 2.15 -11.76
N LYS A 54 -2.47 2.33 -10.74
CA LYS A 54 -1.12 1.80 -10.75
C LYS A 54 -1.03 0.52 -9.93
N THR A 55 -0.14 -0.38 -10.34
CA THR A 55 0.04 -1.65 -9.63
C THR A 55 1.52 -2.02 -9.55
N MET A 56 1.81 -3.10 -8.83
CA MET A 56 3.18 -3.58 -8.67
C MET A 56 3.84 -3.78 -10.04
N ALA A 57 3.18 -4.54 -10.91
CA ALA A 57 3.70 -4.80 -12.24
C ALA A 57 3.87 -3.52 -13.03
N ASP A 58 2.88 -2.63 -12.94
CA ASP A 58 2.93 -1.36 -13.64
C ASP A 58 4.20 -0.59 -13.30
N TYR A 59 4.60 -0.63 -12.04
CA TYR A 59 5.80 0.06 -11.60
C TYR A 59 7.02 -0.86 -11.68
N ASN A 60 6.85 -1.99 -12.35
CA ASN A 60 7.94 -2.94 -12.52
C ASN A 60 8.57 -3.29 -11.17
N ILE A 61 7.75 -3.28 -10.12
CA ILE A 61 8.22 -3.59 -8.78
C ILE A 61 7.69 -4.95 -8.31
N GLN A 62 8.61 -5.90 -8.14
CA GLN A 62 8.23 -7.24 -7.69
C GLN A 62 9.43 -7.95 -7.06
N LYS A 63 9.23 -9.22 -6.73
CA LYS A 63 10.29 -10.02 -6.11
C LYS A 63 10.71 -9.44 -4.77
N GLU A 64 9.77 -9.47 -3.81
CA GLU A 64 10.03 -8.94 -2.48
C GLU A 64 10.35 -7.45 -2.54
N SER A 65 9.88 -6.78 -3.58
CA SER A 65 10.12 -5.36 -3.75
C SER A 65 9.78 -4.60 -2.47
N THR A 66 10.47 -3.48 -2.25
CA THR A 66 10.23 -2.66 -1.07
C THR A 66 9.05 -1.72 -1.28
N LEU A 67 8.29 -1.49 -0.22
CA LEU A 67 7.12 -0.61 -0.28
C LEU A 67 7.06 0.30 0.94
N HIS A 68 6.30 1.38 0.82
CA HIS A 68 6.14 2.33 1.92
C HIS A 68 4.68 2.69 2.13
N MET A 69 4.16 2.34 3.30
CA MET A 69 2.77 2.62 3.63
C MET A 69 2.66 3.62 4.78
N VAL A 70 1.91 4.70 4.57
CA VAL A 70 1.73 5.72 5.59
C VAL A 70 0.27 5.87 5.97
N LEU A 71 -0.01 5.72 7.26
CA LEU A 71 -1.39 5.83 7.75
C LEU A 71 -1.57 7.13 8.53
N ARG A 72 -2.67 7.83 8.27
CA ARG A 72 -2.96 9.09 8.94
C ARG A 72 -4.31 9.02 9.65
N LEU A 73 -4.38 9.61 10.85
CA LEU A 73 -5.60 9.62 11.63
C LEU A 73 -6.16 11.03 11.76
N ARG A 74 -7.31 11.15 12.42
CA ARG A 74 -7.94 12.44 12.63
C ARG A 74 -7.37 13.14 13.87
N GLY A 75 -7.45 12.46 15.00
CA GLY A 75 -6.94 13.02 16.25
C GLY A 75 -7.81 12.68 17.44
N GLY A 76 -9.07 12.33 17.16
CA GLY A 76 -9.99 11.99 18.24
C GLY A 76 -11.42 11.86 17.76
N MET A 1 3.82 -12.80 -7.22
CA MET A 1 4.63 -12.84 -6.01
C MET A 1 4.19 -11.75 -5.03
N GLN A 2 4.13 -12.10 -3.75
CA GLN A 2 3.72 -11.17 -2.72
C GLN A 2 4.81 -10.14 -2.44
N ILE A 3 4.41 -8.93 -2.08
CA ILE A 3 5.36 -7.87 -1.78
C ILE A 3 5.37 -7.55 -0.29
N PHE A 4 6.35 -6.74 0.13
CA PHE A 4 6.48 -6.35 1.52
C PHE A 4 6.34 -4.84 1.68
N ILE A 5 5.35 -4.42 2.46
CA ILE A 5 5.11 -3.00 2.70
C ILE A 5 5.38 -2.64 4.15
N LYS A 6 5.92 -1.45 4.37
CA LYS A 6 6.22 -0.97 5.72
C LYS A 6 5.65 0.42 5.95
N THR A 7 5.25 0.69 7.19
CA THR A 7 4.68 2.00 7.53
C THR A 7 5.61 2.77 8.45
N LEU A 8 5.41 4.08 8.52
CA LEU A 8 6.23 4.93 9.36
C LEU A 8 6.14 4.52 10.83
N THR A 9 5.06 3.82 11.16
CA THR A 9 4.84 3.36 12.53
C THR A 9 5.72 2.14 12.85
N GLY A 10 6.35 1.60 11.81
CA GLY A 10 7.20 0.44 11.99
C GLY A 10 6.48 -0.86 11.73
N LYS A 11 5.16 -0.78 11.57
CA LYS A 11 4.35 -1.97 11.31
C LYS A 11 4.65 -2.53 9.93
N THR A 12 4.44 -3.84 9.77
CA THR A 12 4.68 -4.50 8.50
C THR A 12 3.37 -4.97 7.86
N ILE A 13 3.30 -4.88 6.53
CA ILE A 13 2.10 -5.29 5.80
C ILE A 13 2.47 -6.05 4.54
N THR A 14 2.08 -7.32 4.48
CA THR A 14 2.36 -8.16 3.32
C THR A 14 1.15 -8.98 2.93
N ALA A 15 0.73 -8.87 1.67
CA ALA A 15 -0.41 -9.60 1.16
C ALA A 15 -0.49 -9.54 -0.35
N GLU A 16 -0.87 -10.66 -0.97
CA GLU A 16 -0.97 -10.73 -2.42
C GLU A 16 -2.22 -10.01 -2.92
N THR A 17 -2.12 -9.37 -4.08
CA THR A 17 -3.24 -8.65 -4.66
C THR A 17 -3.31 -8.86 -6.17
N GLU A 18 -4.47 -8.58 -6.74
CA GLU A 18 -4.66 -8.74 -8.18
C GLU A 18 -4.25 -7.46 -8.92
N PRO A 19 -3.98 -7.61 -10.23
CA PRO A 19 -3.58 -6.48 -11.08
C PRO A 19 -4.72 -5.49 -11.32
N ALA A 20 -5.94 -5.92 -11.02
CA ALA A 20 -7.11 -5.07 -11.20
C ALA A 20 -7.28 -4.11 -10.03
N GLU A 21 -6.76 -4.51 -8.86
CA GLU A 21 -6.86 -3.67 -7.67
C GLU A 21 -5.61 -3.84 -6.80
N THR A 22 -4.44 -3.71 -7.42
CA THR A 22 -3.18 -3.83 -6.71
C THR A 22 -3.08 -2.84 -5.57
N VAL A 23 -3.32 -1.56 -5.88
CA VAL A 23 -3.26 -0.50 -4.88
C VAL A 23 -4.51 -0.52 -4.00
N ALA A 24 -5.67 -0.61 -4.63
CA ALA A 24 -6.93 -0.64 -3.91
C ALA A 24 -6.93 -1.72 -2.84
N ASP A 25 -6.47 -2.92 -3.21
CA ASP A 25 -6.41 -4.03 -2.28
C ASP A 25 -5.60 -3.68 -1.05
N LEU A 26 -4.56 -2.87 -1.25
CA LEU A 26 -3.69 -2.46 -0.15
C LEU A 26 -4.35 -1.37 0.70
N LYS A 27 -4.91 -0.37 0.03
CA LYS A 27 -5.57 0.74 0.71
C LYS A 27 -6.78 0.23 1.51
N GLN A 28 -7.43 -0.80 0.98
CA GLN A 28 -8.59 -1.38 1.64
C GLN A 28 -8.18 -2.25 2.82
N LYS A 29 -7.04 -2.91 2.68
CA LYS A 29 -6.53 -3.78 3.74
C LYS A 29 -6.39 -3.01 5.05
N ILE A 30 -5.70 -1.87 5.00
CA ILE A 30 -5.50 -1.05 6.18
C ILE A 30 -6.77 -0.29 6.55
N ALA A 31 -7.46 0.21 5.53
CA ALA A 31 -8.70 0.95 5.74
C ALA A 31 -9.69 0.14 6.57
N ASP A 32 -9.80 -1.14 6.27
CA ASP A 32 -10.72 -2.02 6.99
C ASP A 32 -10.13 -2.40 8.36
N LYS A 33 -8.82 -2.36 8.46
CA LYS A 33 -8.14 -2.68 9.71
C LYS A 33 -8.34 -1.59 10.75
N GLU A 34 -8.15 -0.33 10.33
CA GLU A 34 -8.31 0.81 11.22
C GLU A 34 -9.66 1.49 10.99
N GLY A 35 -10.51 0.84 10.22
CA GLY A 35 -11.83 1.40 9.93
C GLY A 35 -11.76 2.84 9.45
N VAL A 36 -10.69 3.17 8.73
CA VAL A 36 -10.50 4.51 8.22
C VAL A 36 -10.57 4.52 6.69
N PRO A 37 -10.91 5.69 6.12
CA PRO A 37 -11.01 5.85 4.67
C PRO A 37 -9.65 5.81 3.98
N VAL A 38 -9.63 5.23 2.78
CA VAL A 38 -8.39 5.12 2.03
C VAL A 38 -7.79 6.50 1.74
N ASP A 39 -8.64 7.52 1.74
CA ASP A 39 -8.21 8.88 1.47
C ASP A 39 -7.19 9.33 2.52
N GLN A 40 -7.23 8.71 3.69
CA GLN A 40 -6.31 9.03 4.77
C GLN A 40 -4.98 8.32 4.59
N GLN A 41 -4.98 7.28 3.77
CA GLN A 41 -3.77 6.50 3.51
C GLN A 41 -3.18 6.84 2.15
N ARG A 42 -1.86 6.91 2.08
CA ARG A 42 -1.16 7.22 0.84
C ARG A 42 0.00 6.26 0.60
N LEU A 43 0.04 5.68 -0.60
CA LEU A 43 1.09 4.74 -0.95
C LEU A 43 2.13 5.39 -1.86
N ILE A 44 3.40 5.30 -1.47
CA ILE A 44 4.47 5.89 -2.26
C ILE A 44 5.63 4.91 -2.41
N PHE A 45 6.24 4.88 -3.59
CA PHE A 45 7.36 3.98 -3.86
C PHE A 45 8.60 4.78 -4.27
N ALA A 46 9.57 4.87 -3.37
CA ALA A 46 10.80 5.60 -3.63
C ALA A 46 10.51 7.01 -4.14
N GLY A 47 9.41 7.59 -3.67
CA GLY A 47 9.03 8.92 -4.08
C GLY A 47 8.09 8.92 -5.28
N LYS A 48 7.46 7.77 -5.52
CA LYS A 48 6.53 7.63 -6.63
C LYS A 48 5.11 7.39 -6.12
N GLN A 49 4.18 8.27 -6.51
CA GLN A 49 2.79 8.16 -6.09
C GLN A 49 2.07 7.09 -6.91
N LEU A 50 1.63 6.04 -6.23
CA LEU A 50 0.92 4.94 -6.88
C LEU A 50 -0.58 5.08 -6.70
N GLU A 51 -1.32 5.11 -7.81
CA GLU A 51 -2.77 5.23 -7.76
C GLU A 51 -3.44 3.89 -8.06
N ASP A 52 -4.76 3.87 -7.95
CA ASP A 52 -5.52 2.65 -8.20
C ASP A 52 -5.32 2.17 -9.63
N SER A 53 -4.87 3.07 -10.49
CA SER A 53 -4.65 2.75 -11.90
C SER A 53 -3.26 2.13 -12.10
N LYS A 54 -2.49 2.06 -11.02
CA LYS A 54 -1.15 1.50 -11.06
C LYS A 54 -1.11 0.13 -10.39
N THR A 55 -0.07 -0.64 -10.70
CA THR A 55 0.08 -1.98 -10.13
C THR A 55 1.55 -2.28 -9.85
N MET A 56 1.79 -3.23 -8.95
CA MET A 56 3.15 -3.62 -8.59
C MET A 56 3.92 -4.10 -9.82
N ALA A 57 3.22 -4.83 -10.70
CA ALA A 57 3.84 -5.35 -11.91
C ALA A 57 4.05 -4.25 -12.94
N ASP A 58 3.19 -3.23 -12.90
CA ASP A 58 3.28 -2.11 -13.82
C ASP A 58 4.59 -1.36 -13.62
N TYR A 59 4.98 -1.19 -12.37
CA TYR A 59 6.22 -0.48 -12.04
C TYR A 59 7.40 -1.43 -11.97
N ASN A 60 7.19 -2.67 -12.45
CA ASN A 60 8.24 -3.67 -12.44
C ASN A 60 8.77 -3.91 -11.03
N ILE A 61 7.91 -3.66 -10.04
CA ILE A 61 8.29 -3.84 -8.64
C ILE A 61 7.59 -5.06 -8.04
N GLN A 62 8.38 -6.08 -7.71
CA GLN A 62 7.83 -7.30 -7.12
C GLN A 62 8.92 -8.08 -6.38
N LYS A 63 8.55 -9.23 -5.84
CA LYS A 63 9.50 -10.07 -5.11
C LYS A 63 10.03 -9.34 -3.88
N GLU A 64 9.24 -9.34 -2.81
CA GLU A 64 9.63 -8.68 -1.57
C GLU A 64 9.80 -7.18 -1.79
N SER A 65 9.21 -6.67 -2.87
CA SER A 65 9.31 -5.25 -3.20
C SER A 65 8.97 -4.39 -1.98
N THR A 66 9.83 -3.41 -1.70
CA THR A 66 9.63 -2.53 -0.56
C THR A 66 8.70 -1.36 -0.92
N LEU A 67 7.75 -1.08 -0.05
CA LEU A 67 6.81 0.01 -0.28
C LEU A 67 6.77 0.96 0.91
N HIS A 68 6.20 2.15 0.70
CA HIS A 68 6.10 3.15 1.76
C HIS A 68 4.67 3.66 1.89
N MET A 69 4.03 3.32 3.00
CA MET A 69 2.65 3.74 3.24
C MET A 69 2.59 4.74 4.38
N VAL A 70 1.66 5.68 4.29
CA VAL A 70 1.49 6.70 5.32
C VAL A 70 0.03 6.93 5.65
N LEU A 71 -0.30 7.02 6.93
CA LEU A 71 -1.68 7.24 7.37
C LEU A 71 -1.78 8.51 8.21
N ARG A 72 -2.81 9.31 7.93
CA ARG A 72 -3.02 10.55 8.66
C ARG A 72 -4.00 10.34 9.81
N LEU A 73 -3.86 11.15 10.86
CA LEU A 73 -4.73 11.05 12.03
C LEU A 73 -4.64 9.67 12.65
N ARG A 74 -3.43 9.26 13.01
CA ARG A 74 -3.21 7.95 13.62
C ARG A 74 -4.04 7.81 14.90
N GLY A 75 -4.56 6.61 15.12
CA GLY A 75 -5.37 6.36 16.31
C GLY A 75 -6.70 5.70 15.97
N GLY A 76 -7.22 4.92 16.92
CA GLY A 76 -8.48 4.25 16.71
C GLY A 76 -9.37 4.28 17.93
N MET A 1 1.71 -10.82 -7.53
CA MET A 1 2.69 -11.44 -6.66
C MET A 1 2.73 -10.73 -5.30
N GLN A 2 3.06 -11.48 -4.26
CA GLN A 2 3.12 -10.93 -2.91
C GLN A 2 4.33 -10.00 -2.76
N ILE A 3 4.19 -9.00 -1.90
CA ILE A 3 5.26 -8.04 -1.66
C ILE A 3 5.32 -7.62 -0.20
N PHE A 4 6.37 -6.91 0.18
CA PHE A 4 6.54 -6.44 1.54
C PHE A 4 6.30 -4.93 1.63
N ILE A 5 5.61 -4.51 2.68
CA ILE A 5 5.32 -3.10 2.89
C ILE A 5 5.76 -2.64 4.28
N LYS A 6 6.59 -1.62 4.33
CA LYS A 6 7.07 -1.08 5.60
C LYS A 6 6.42 0.27 5.90
N THR A 7 6.02 0.46 7.15
CA THR A 7 5.38 1.70 7.57
C THR A 7 6.27 2.47 8.53
N LEU A 8 5.87 3.70 8.84
CA LEU A 8 6.64 4.55 9.75
C LEU A 8 6.75 3.89 11.13
N THR A 9 5.78 3.05 11.46
CA THR A 9 5.76 2.37 12.75
C THR A 9 6.74 1.20 12.76
N GLY A 10 7.27 0.87 11.58
CA GLY A 10 8.22 -0.24 11.49
C GLY A 10 7.53 -1.56 11.24
N LYS A 11 6.21 -1.57 11.36
CA LYS A 11 5.43 -2.79 11.15
C LYS A 11 5.60 -3.30 9.72
N THR A 12 5.62 -4.63 9.57
CA THR A 12 5.78 -5.23 8.26
C THR A 12 4.45 -5.76 7.73
N ILE A 13 3.91 -5.08 6.72
CA ILE A 13 2.63 -5.47 6.13
C ILE A 13 2.85 -6.22 4.81
N THR A 14 2.44 -7.48 4.79
CA THR A 14 2.59 -8.31 3.59
C THR A 14 1.29 -9.04 3.26
N ALA A 15 0.88 -8.95 2.00
CA ALA A 15 -0.35 -9.60 1.56
C ALA A 15 -0.43 -9.63 0.03
N GLU A 16 -0.98 -10.72 -0.50
CA GLU A 16 -1.12 -10.87 -1.95
C GLU A 16 -2.26 -9.99 -2.48
N THR A 17 -2.07 -9.45 -3.68
CA THR A 17 -3.07 -8.59 -4.30
C THR A 17 -3.21 -8.90 -5.79
N GLU A 18 -4.32 -8.47 -6.37
CA GLU A 18 -4.57 -8.70 -7.79
C GLU A 18 -4.20 -7.47 -8.62
N PRO A 19 -4.00 -7.67 -9.93
CA PRO A 19 -3.63 -6.59 -10.85
C PRO A 19 -4.79 -5.62 -11.08
N ALA A 20 -6.01 -6.15 -11.08
CA ALA A 20 -7.19 -5.32 -11.28
C ALA A 20 -7.38 -4.32 -10.14
N GLU A 21 -6.86 -4.68 -8.97
CA GLU A 21 -6.97 -3.82 -7.79
C GLU A 21 -5.74 -3.94 -6.91
N THR A 22 -4.57 -3.63 -7.48
CA THR A 22 -3.32 -3.72 -6.74
C THR A 22 -3.28 -2.69 -5.62
N VAL A 23 -3.52 -1.43 -5.97
CA VAL A 23 -3.51 -0.35 -4.99
C VAL A 23 -4.78 -0.35 -4.14
N ALA A 24 -5.92 -0.53 -4.80
CA ALA A 24 -7.20 -0.56 -4.11
C ALA A 24 -7.20 -1.59 -3.00
N ASP A 25 -6.77 -2.81 -3.32
CA ASP A 25 -6.72 -3.89 -2.35
C ASP A 25 -5.80 -3.53 -1.18
N LEU A 26 -4.69 -2.87 -1.49
CA LEU A 26 -3.73 -2.47 -0.47
C LEU A 26 -4.30 -1.35 0.41
N LYS A 27 -5.08 -0.47 -0.21
CA LYS A 27 -5.69 0.64 0.51
C LYS A 27 -6.85 0.16 1.38
N GLN A 28 -7.65 -0.75 0.83
CA GLN A 28 -8.79 -1.30 1.56
C GLN A 28 -8.33 -2.26 2.65
N LYS A 29 -7.27 -3.00 2.38
CA LYS A 29 -6.72 -3.96 3.33
C LYS A 29 -6.39 -3.27 4.65
N ILE A 30 -5.64 -2.18 4.56
CA ILE A 30 -5.25 -1.43 5.75
C ILE A 30 -6.42 -0.63 6.32
N ALA A 31 -7.28 -0.16 5.43
CA ALA A 31 -8.45 0.61 5.83
C ALA A 31 -9.28 -0.14 6.89
N ASP A 32 -9.47 -1.44 6.66
CA ASP A 32 -10.23 -2.27 7.57
C ASP A 32 -9.41 -2.60 8.81
N LYS A 33 -8.09 -2.57 8.67
CA LYS A 33 -7.19 -2.87 9.78
C LYS A 33 -7.18 -1.72 10.79
N GLU A 34 -7.07 -0.50 10.30
CA GLU A 34 -7.04 0.67 11.15
C GLU A 34 -8.42 1.34 11.20
N GLY A 35 -9.41 0.70 10.59
CA GLY A 35 -10.76 1.25 10.57
C GLY A 35 -10.79 2.68 10.08
N VAL A 36 -10.09 2.95 8.98
CA VAL A 36 -10.03 4.29 8.41
C VAL A 36 -10.26 4.26 6.90
N PRO A 37 -10.73 5.38 6.35
CA PRO A 37 -11.00 5.51 4.91
C PRO A 37 -9.72 5.51 4.08
N VAL A 38 -9.75 4.83 2.95
CA VAL A 38 -8.60 4.75 2.06
C VAL A 38 -8.17 6.14 1.60
N ASP A 39 -9.11 7.08 1.62
CA ASP A 39 -8.82 8.44 1.20
C ASP A 39 -7.73 9.07 2.08
N GLN A 40 -7.59 8.54 3.29
CA GLN A 40 -6.59 9.05 4.23
C GLN A 40 -5.32 8.22 4.15
N GLN A 41 -5.42 7.03 3.57
CA GLN A 41 -4.27 6.14 3.43
C GLN A 41 -3.72 6.16 2.01
N ARG A 42 -2.44 6.50 1.87
CA ARG A 42 -1.82 6.55 0.56
C ARG A 42 -0.45 5.86 0.60
N LEU A 43 -0.23 4.95 -0.36
CA LEU A 43 1.02 4.22 -0.44
C LEU A 43 2.00 4.92 -1.38
N ILE A 44 3.29 4.86 -1.05
CA ILE A 44 4.32 5.48 -1.85
C ILE A 44 5.51 4.55 -2.05
N PHE A 45 6.09 4.57 -3.24
CA PHE A 45 7.23 3.73 -3.55
C PHE A 45 8.42 4.57 -4.00
N ALA A 46 9.42 4.69 -3.13
CA ALA A 46 10.61 5.47 -3.43
C ALA A 46 10.26 6.91 -3.77
N GLY A 47 9.16 7.40 -3.21
CA GLY A 47 8.72 8.76 -3.45
C GLY A 47 7.78 8.85 -4.64
N LYS A 48 7.20 7.73 -5.02
CA LYS A 48 6.27 7.68 -6.15
C LYS A 48 4.88 7.26 -5.68
N GLN A 49 3.90 8.13 -5.91
CA GLN A 49 2.53 7.85 -5.52
C GLN A 49 1.82 7.00 -6.58
N LEU A 50 1.31 5.84 -6.15
CA LEU A 50 0.61 4.94 -7.06
C LEU A 50 -0.90 5.10 -6.92
N GLU A 51 -1.59 5.06 -8.05
CA GLU A 51 -3.05 5.20 -8.06
C GLU A 51 -3.71 3.85 -8.30
N ASP A 52 -5.04 3.82 -8.21
CA ASP A 52 -5.80 2.60 -8.43
C ASP A 52 -5.50 1.99 -9.79
N SER A 53 -5.07 2.85 -10.73
CA SER A 53 -4.76 2.41 -12.07
C SER A 53 -3.37 1.79 -12.13
N LYS A 54 -2.53 2.14 -11.16
CA LYS A 54 -1.16 1.63 -11.09
C LYS A 54 -1.13 0.28 -10.38
N THR A 55 -0.11 -0.52 -10.70
CA THR A 55 0.04 -1.83 -10.09
C THR A 55 1.51 -2.16 -9.82
N MET A 56 1.75 -3.06 -8.88
CA MET A 56 3.11 -3.46 -8.54
C MET A 56 3.85 -3.98 -9.76
N ALA A 57 3.15 -4.73 -10.61
CA ALA A 57 3.74 -5.28 -11.82
C ALA A 57 3.95 -4.19 -12.87
N ASP A 58 3.04 -3.22 -12.90
CA ASP A 58 3.13 -2.13 -13.86
C ASP A 58 4.39 -1.30 -13.64
N TYR A 59 4.73 -1.09 -12.37
CA TYR A 59 5.90 -0.31 -12.01
C TYR A 59 7.16 -1.18 -12.02
N ASN A 60 6.99 -2.44 -12.41
CA ASN A 60 8.10 -3.38 -12.46
C ASN A 60 8.68 -3.61 -11.06
N ILE A 61 7.84 -3.45 -10.04
CA ILE A 61 8.26 -3.63 -8.66
C ILE A 61 7.65 -4.91 -8.07
N GLN A 62 8.49 -5.89 -7.79
CA GLN A 62 8.04 -7.15 -7.22
C GLN A 62 9.18 -7.89 -6.53
N LYS A 63 8.89 -9.07 -5.99
CA LYS A 63 9.89 -9.87 -5.32
C LYS A 63 10.45 -9.13 -4.10
N GLU A 64 9.71 -9.17 -3.01
CA GLU A 64 10.13 -8.51 -1.78
C GLU A 64 10.23 -6.99 -1.98
N SER A 65 9.49 -6.48 -2.97
CA SER A 65 9.50 -5.06 -3.27
C SER A 65 9.30 -4.24 -2.00
N THR A 66 10.15 -3.22 -1.82
CA THR A 66 10.06 -2.35 -0.66
C THR A 66 9.00 -1.27 -0.85
N LEU A 67 7.99 -1.28 0.00
CA LEU A 67 6.91 -0.29 -0.08
C LEU A 67 6.96 0.65 1.11
N HIS A 68 6.27 1.79 0.98
CA HIS A 68 6.23 2.78 2.05
C HIS A 68 4.81 3.33 2.23
N MET A 69 4.18 2.97 3.33
CA MET A 69 2.81 3.42 3.61
C MET A 69 2.82 4.45 4.74
N VAL A 70 1.94 5.45 4.62
CA VAL A 70 1.85 6.51 5.62
C VAL A 70 0.39 6.81 5.96
N LEU A 71 0.07 6.77 7.25
CA LEU A 71 -1.29 7.03 7.71
C LEU A 71 -1.36 8.38 8.45
N ARG A 72 -2.42 9.13 8.17
CA ARG A 72 -2.61 10.43 8.80
C ARG A 72 -4.04 10.59 9.30
N LEU A 73 -4.31 10.10 10.50
CA LEU A 73 -5.65 10.18 11.09
C LEU A 73 -5.66 11.16 12.25
N ARG A 74 -6.87 11.57 12.67
CA ARG A 74 -7.01 12.50 13.77
C ARG A 74 -7.48 11.78 15.04
N GLY A 75 -6.59 11.68 16.02
CA GLY A 75 -6.91 11.01 17.26
C GLY A 75 -7.55 11.95 18.27
N GLY A 76 -7.19 13.23 18.19
CA GLY A 76 -7.72 14.20 19.12
C GLY A 76 -7.05 14.15 20.48
N MET A 1 1.00 -13.48 -5.64
CA MET A 1 2.31 -12.97 -5.26
C MET A 1 2.20 -12.00 -4.09
N GLN A 2 3.14 -12.09 -3.15
CA GLN A 2 3.15 -11.22 -1.98
C GLN A 2 4.41 -10.36 -1.96
N ILE A 3 4.29 -9.17 -1.38
CA ILE A 3 5.41 -8.25 -1.27
C ILE A 3 5.58 -7.73 0.15
N PHE A 4 6.70 -7.05 0.39
CA PHE A 4 6.98 -6.50 1.71
C PHE A 4 6.70 -5.00 1.75
N ILE A 5 6.07 -4.55 2.82
CA ILE A 5 5.75 -3.12 2.98
C ILE A 5 6.15 -2.62 4.35
N LYS A 6 6.63 -1.38 4.41
CA LYS A 6 7.05 -0.77 5.67
C LYS A 6 6.32 0.55 5.90
N THR A 7 6.14 0.90 7.16
CA THR A 7 5.46 2.15 7.52
C THR A 7 6.43 3.12 8.17
N LEU A 8 5.90 4.25 8.64
CA LEU A 8 6.70 5.27 9.29
C LEU A 8 7.22 4.78 10.65
N THR A 9 6.42 3.96 11.32
CA THR A 9 6.78 3.43 12.61
C THR A 9 7.78 2.28 12.47
N GLY A 10 7.99 1.82 11.24
CA GLY A 10 8.91 0.74 11.00
C GLY A 10 8.23 -0.61 10.95
N LYS A 11 6.90 -0.60 11.08
CA LYS A 11 6.12 -1.83 11.05
C LYS A 11 6.32 -2.58 9.73
N THR A 12 6.21 -3.90 9.78
CA THR A 12 6.37 -4.73 8.59
C THR A 12 5.05 -5.35 8.16
N ILE A 13 4.52 -4.89 7.03
CA ILE A 13 3.26 -5.41 6.51
C ILE A 13 3.47 -6.15 5.20
N THR A 14 3.08 -7.42 5.17
CA THR A 14 3.22 -8.25 3.98
C THR A 14 1.92 -8.98 3.66
N ALA A 15 1.47 -8.83 2.42
CA ALA A 15 0.23 -9.47 1.98
C ALA A 15 0.12 -9.48 0.46
N GLU A 16 -0.56 -10.47 -0.08
CA GLU A 16 -0.74 -10.59 -1.52
C GLU A 16 -1.86 -9.66 -2.02
N THR A 17 -1.68 -9.10 -3.20
CA THR A 17 -2.65 -8.19 -3.78
C THR A 17 -3.13 -8.70 -5.14
N GLU A 18 -4.09 -7.98 -5.72
CA GLU A 18 -4.63 -8.36 -7.03
C GLU A 18 -4.00 -7.53 -8.14
N PRO A 19 -3.82 -8.15 -9.30
CA PRO A 19 -3.21 -7.48 -10.47
C PRO A 19 -4.13 -6.41 -11.06
N ALA A 20 -5.41 -6.50 -10.73
CA ALA A 20 -6.39 -5.53 -11.23
C ALA A 20 -6.24 -4.19 -10.51
N GLU A 21 -5.76 -4.23 -9.28
CA GLU A 21 -5.57 -3.01 -8.50
C GLU A 21 -4.74 -3.29 -7.25
N THR A 22 -3.45 -3.01 -7.33
CA THR A 22 -2.55 -3.23 -6.20
C THR A 22 -2.72 -2.16 -5.14
N VAL A 23 -3.05 -0.94 -5.57
CA VAL A 23 -3.25 0.16 -4.65
C VAL A 23 -4.58 0.05 -3.93
N ALA A 24 -5.66 -0.08 -4.69
CA ALA A 24 -7.00 -0.21 -4.13
C ALA A 24 -7.09 -1.41 -3.20
N ASP A 25 -6.55 -2.54 -3.65
CA ASP A 25 -6.56 -3.77 -2.86
C ASP A 25 -5.90 -3.55 -1.50
N LEU A 26 -4.77 -2.87 -1.52
CA LEU A 26 -4.03 -2.59 -0.28
C LEU A 26 -4.75 -1.55 0.56
N LYS A 27 -5.31 -0.54 -0.11
CA LYS A 27 -6.03 0.52 0.58
C LYS A 27 -7.25 -0.03 1.31
N GLN A 28 -7.86 -1.07 0.74
CA GLN A 28 -9.03 -1.69 1.34
C GLN A 28 -8.68 -2.36 2.66
N LYS A 29 -7.46 -2.85 2.75
CA LYS A 29 -6.99 -3.53 3.97
C LYS A 29 -6.98 -2.56 5.15
N ILE A 30 -6.34 -1.42 4.97
CA ILE A 30 -6.26 -0.42 6.02
C ILE A 30 -7.59 0.32 6.19
N ALA A 31 -8.26 0.59 5.07
CA ALA A 31 -9.54 1.29 5.08
C ALA A 31 -10.54 0.56 5.98
N ASP A 32 -10.66 -0.75 5.78
CA ASP A 32 -11.58 -1.56 6.57
C ASP A 32 -11.01 -1.83 7.97
N LYS A 33 -9.70 -1.73 8.08
CA LYS A 33 -9.03 -1.96 9.36
C LYS A 33 -9.33 -0.82 10.35
N GLU A 34 -9.21 0.41 9.86
CA GLU A 34 -9.46 1.58 10.69
C GLU A 34 -10.78 2.25 10.31
N GLY A 35 -11.59 1.53 9.53
CA GLY A 35 -12.87 2.07 9.10
C GLY A 35 -12.74 3.45 8.48
N VAL A 36 -11.61 3.70 7.81
CA VAL A 36 -11.37 4.99 7.16
C VAL A 36 -11.34 4.84 5.65
N PRO A 37 -11.63 5.95 4.95
CA PRO A 37 -11.65 5.98 3.49
C PRO A 37 -10.25 5.84 2.88
N VAL A 38 -10.18 5.26 1.69
CA VAL A 38 -8.90 5.07 1.01
C VAL A 38 -8.25 6.40 0.69
N ASP A 39 -9.06 7.43 0.51
CA ASP A 39 -8.55 8.77 0.21
C ASP A 39 -7.66 9.29 1.34
N GLN A 40 -7.82 8.71 2.52
CA GLN A 40 -7.03 9.11 3.68
C GLN A 40 -5.68 8.39 3.70
N GLN A 41 -5.59 7.31 2.92
CA GLN A 41 -4.36 6.53 2.85
C GLN A 41 -3.54 6.91 1.63
N ARG A 42 -2.22 6.76 1.74
CA ARG A 42 -1.32 7.10 0.64
C ARG A 42 -0.30 5.99 0.41
N LEU A 43 0.17 5.87 -0.82
CA LEU A 43 1.16 4.85 -1.17
C LEU A 43 2.29 5.45 -2.01
N ILE A 44 3.52 5.15 -1.61
CA ILE A 44 4.68 5.65 -2.32
C ILE A 44 5.73 4.56 -2.53
N PHE A 45 6.37 4.56 -3.69
CA PHE A 45 7.37 3.56 -4.02
C PHE A 45 8.66 4.23 -4.51
N ALA A 46 9.68 4.21 -3.67
CA ALA A 46 10.97 4.81 -4.02
C ALA A 46 10.80 6.27 -4.42
N GLY A 47 9.79 6.92 -3.85
CA GLY A 47 9.54 8.31 -4.16
C GLY A 47 8.56 8.49 -5.31
N LYS A 48 7.82 7.43 -5.62
CA LYS A 48 6.84 7.47 -6.70
C LYS A 48 5.44 7.18 -6.18
N GLN A 49 4.54 8.14 -6.37
CA GLN A 49 3.16 7.99 -5.91
C GLN A 49 2.39 7.04 -6.83
N LEU A 50 1.73 6.05 -6.22
CA LEU A 50 0.96 5.07 -6.98
C LEU A 50 -0.53 5.41 -6.95
N GLU A 51 -1.17 5.35 -8.11
CA GLU A 51 -2.59 5.65 -8.21
C GLU A 51 -3.41 4.36 -8.30
N ASP A 52 -4.69 4.47 -7.99
CA ASP A 52 -5.59 3.32 -8.04
C ASP A 52 -5.57 2.67 -9.42
N SER A 53 -5.21 3.45 -10.43
CA SER A 53 -5.16 2.95 -11.80
C SER A 53 -3.74 2.52 -12.16
N LYS A 54 -2.96 2.16 -11.15
CA LYS A 54 -1.58 1.73 -11.37
C LYS A 54 -1.24 0.52 -10.50
N THR A 55 -1.01 -0.62 -11.14
CA THR A 55 -0.68 -1.84 -10.44
C THR A 55 0.83 -2.08 -10.40
N MET A 56 1.25 -3.13 -9.71
CA MET A 56 2.66 -3.47 -9.61
C MET A 56 3.22 -3.91 -10.95
N ALA A 57 2.46 -4.76 -11.65
CA ALA A 57 2.87 -5.26 -12.95
C ALA A 57 3.17 -4.12 -13.91
N ASP A 58 2.55 -2.97 -13.68
CA ASP A 58 2.75 -1.80 -14.52
C ASP A 58 4.08 -1.13 -14.21
N TYR A 59 4.44 -1.09 -12.93
CA TYR A 59 5.69 -0.46 -12.50
C TYR A 59 6.83 -1.47 -12.55
N ASN A 60 6.51 -2.71 -12.86
CA ASN A 60 7.51 -3.77 -12.94
C ASN A 60 8.19 -3.98 -11.60
N ILE A 61 7.44 -3.76 -10.52
CA ILE A 61 7.98 -3.94 -9.17
C ILE A 61 7.38 -5.16 -8.50
N GLN A 62 8.22 -6.16 -8.24
CA GLN A 62 7.77 -7.39 -7.59
C GLN A 62 8.94 -8.11 -6.93
N LYS A 63 8.66 -9.28 -6.37
CA LYS A 63 9.68 -10.08 -5.71
C LYS A 63 10.29 -9.32 -4.54
N GLU A 64 9.60 -9.34 -3.40
CA GLU A 64 10.07 -8.66 -2.21
C GLU A 64 10.14 -7.14 -2.44
N SER A 65 9.35 -6.66 -3.40
CA SER A 65 9.33 -5.24 -3.73
C SER A 65 9.13 -4.40 -2.47
N THR A 66 9.97 -3.38 -2.31
CA THR A 66 9.89 -2.50 -1.16
C THR A 66 8.84 -1.41 -1.36
N LEU A 67 7.86 -1.36 -0.46
CA LEU A 67 6.80 -0.36 -0.55
C LEU A 67 6.74 0.48 0.72
N HIS A 68 6.08 1.63 0.64
CA HIS A 68 5.94 2.53 1.77
C HIS A 68 4.48 2.78 2.11
N MET A 69 4.15 2.71 3.39
CA MET A 69 2.78 2.92 3.84
C MET A 69 2.72 4.04 4.88
N VAL A 70 1.71 4.89 4.76
CA VAL A 70 1.54 6.00 5.70
C VAL A 70 0.09 6.11 6.16
N LEU A 71 -0.09 6.28 7.47
CA LEU A 71 -1.43 6.39 8.05
C LEU A 71 -1.64 7.78 8.64
N ARG A 72 -2.85 8.30 8.50
CA ARG A 72 -3.20 9.62 9.01
C ARG A 72 -4.42 9.54 9.93
N LEU A 73 -4.38 10.31 11.02
CA LEU A 73 -5.49 10.33 11.98
C LEU A 73 -5.73 8.94 12.54
N ARG A 74 -4.67 8.29 13.01
CA ARG A 74 -4.77 6.96 13.59
C ARG A 74 -5.84 6.92 14.67
N GLY A 75 -6.18 5.71 15.13
CA GLY A 75 -7.19 5.56 16.17
C GLY A 75 -6.78 4.55 17.22
N GLY A 76 -7.52 3.45 17.30
CA GLY A 76 -7.23 2.42 18.28
C GLY A 76 -7.77 2.75 19.65
N MET A 1 0.90 -12.29 -6.35
CA MET A 1 2.20 -11.66 -6.19
C MET A 1 2.35 -11.06 -4.80
N GLN A 2 3.42 -11.43 -4.10
CA GLN A 2 3.68 -10.94 -2.76
C GLN A 2 4.94 -10.11 -2.72
N ILE A 3 4.97 -9.11 -1.84
CA ILE A 3 6.12 -8.24 -1.70
C ILE A 3 6.32 -7.82 -0.25
N PHE A 4 7.47 -7.17 0.02
CA PHE A 4 7.77 -6.72 1.37
C PHE A 4 7.58 -5.21 1.50
N ILE A 5 6.90 -4.79 2.56
CA ILE A 5 6.64 -3.38 2.79
C ILE A 5 7.15 -2.95 4.16
N LYS A 6 7.75 -1.76 4.22
CA LYS A 6 8.28 -1.24 5.48
C LYS A 6 7.64 0.11 5.80
N THR A 7 6.79 0.13 6.82
CA THR A 7 6.11 1.35 7.24
C THR A 7 7.02 2.20 8.12
N LEU A 8 6.58 3.42 8.40
CA LEU A 8 7.35 4.34 9.23
C LEU A 8 7.62 3.73 10.61
N THR A 9 6.79 2.78 11.01
CA THR A 9 6.95 2.12 12.30
C THR A 9 8.08 1.10 12.26
N GLY A 10 8.61 0.85 11.07
CA GLY A 10 9.70 -0.10 10.92
C GLY A 10 9.23 -1.54 10.98
N LYS A 11 7.98 -1.76 10.61
CA LYS A 11 7.41 -3.10 10.63
C LYS A 11 7.31 -3.67 9.21
N THR A 12 7.57 -4.98 9.08
CA THR A 12 7.52 -5.63 7.78
C THR A 12 6.11 -6.14 7.48
N ILE A 13 5.56 -5.70 6.35
CA ILE A 13 4.23 -6.12 5.94
C ILE A 13 4.25 -6.80 4.58
N THR A 14 3.68 -8.00 4.51
CA THR A 14 3.64 -8.76 3.27
C THR A 14 2.24 -9.34 3.02
N ALA A 15 1.66 -8.99 1.88
CA ALA A 15 0.33 -9.48 1.52
C ALA A 15 0.15 -9.52 0.02
N GLU A 16 -0.34 -10.66 -0.49
CA GLU A 16 -0.57 -10.82 -1.91
C GLU A 16 -1.88 -10.16 -2.35
N THR A 17 -1.87 -9.56 -3.53
CA THR A 17 -3.06 -8.89 -4.05
C THR A 17 -3.28 -9.24 -5.52
N GLU A 18 -4.44 -8.86 -6.04
CA GLU A 18 -4.77 -9.13 -7.44
C GLU A 18 -4.19 -8.05 -8.36
N PRO A 19 -3.88 -8.44 -9.60
CA PRO A 19 -3.32 -7.53 -10.59
C PRO A 19 -4.32 -6.50 -11.07
N ALA A 20 -5.57 -6.66 -10.66
CA ALA A 20 -6.64 -5.74 -11.04
C ALA A 20 -6.92 -4.73 -9.94
N GLU A 21 -6.63 -5.12 -8.70
CA GLU A 21 -6.85 -4.25 -7.55
C GLU A 21 -5.68 -4.34 -6.57
N THR A 22 -4.52 -3.89 -7.00
CA THR A 22 -3.32 -3.93 -6.17
C THR A 22 -3.37 -2.83 -5.11
N VAL A 23 -3.59 -1.60 -5.56
CA VAL A 23 -3.66 -0.46 -4.64
C VAL A 23 -4.97 -0.44 -3.88
N ALA A 24 -6.08 -0.63 -4.60
CA ALA A 24 -7.40 -0.64 -3.99
C ALA A 24 -7.46 -1.64 -2.84
N ASP A 25 -6.85 -2.80 -3.04
CA ASP A 25 -6.83 -3.84 -2.01
C ASP A 25 -6.06 -3.39 -0.79
N LEU A 26 -5.04 -2.56 -1.00
CA LEU A 26 -4.21 -2.06 0.08
C LEU A 26 -4.93 -0.94 0.83
N LYS A 27 -5.39 0.06 0.09
CA LYS A 27 -6.10 1.19 0.68
C LYS A 27 -7.37 0.73 1.39
N GLN A 28 -8.01 -0.30 0.85
CA GLN A 28 -9.23 -0.83 1.43
C GLN A 28 -8.92 -1.68 2.67
N LYS A 29 -7.78 -2.36 2.64
CA LYS A 29 -7.37 -3.20 3.76
C LYS A 29 -7.32 -2.39 5.05
N ILE A 30 -6.61 -1.27 5.02
CA ILE A 30 -6.49 -0.41 6.19
C ILE A 30 -7.77 0.38 6.44
N ALA A 31 -8.43 0.78 5.35
CA ALA A 31 -9.67 1.54 5.44
C ALA A 31 -10.70 0.80 6.29
N ASP A 32 -10.89 -0.48 5.99
CA ASP A 32 -11.85 -1.31 6.72
C ASP A 32 -11.29 -1.71 8.08
N LYS A 33 -9.97 -1.69 8.20
CA LYS A 33 -9.31 -2.05 9.45
C LYS A 33 -9.54 -0.98 10.51
N GLU A 34 -9.37 0.28 10.13
CA GLU A 34 -9.54 1.39 11.06
C GLU A 34 -10.82 2.16 10.73
N GLY A 35 -11.69 1.55 9.90
CA GLY A 35 -12.92 2.19 9.53
C GLY A 35 -12.73 3.60 9.02
N VAL A 36 -11.59 3.84 8.36
CA VAL A 36 -11.28 5.15 7.82
C VAL A 36 -11.27 5.14 6.30
N PRO A 37 -11.50 6.30 5.69
CA PRO A 37 -11.52 6.45 4.23
C PRO A 37 -10.14 6.28 3.60
N VAL A 38 -10.11 5.88 2.33
CA VAL A 38 -8.85 5.69 1.62
C VAL A 38 -8.00 6.95 1.65
N ASP A 39 -8.65 8.10 1.82
CA ASP A 39 -7.96 9.38 1.86
C ASP A 39 -6.96 9.41 3.02
N GLN A 40 -7.21 8.58 4.02
CA GLN A 40 -6.33 8.51 5.19
C GLN A 40 -5.10 7.65 4.91
N GLN A 41 -5.18 6.84 3.85
CA GLN A 41 -4.09 5.97 3.47
C GLN A 41 -3.29 6.56 2.32
N ARG A 42 -1.97 6.54 2.45
CA ARG A 42 -1.09 7.07 1.41
C ARG A 42 0.04 6.11 1.11
N LEU A 43 0.01 5.51 -0.08
CA LEU A 43 1.03 4.56 -0.50
C LEU A 43 2.04 5.22 -1.45
N ILE A 44 3.32 5.05 -1.15
CA ILE A 44 4.37 5.62 -1.98
C ILE A 44 5.48 4.59 -2.24
N PHE A 45 6.00 4.61 -3.47
CA PHE A 45 7.06 3.69 -3.85
C PHE A 45 8.21 4.44 -4.52
N ALA A 46 9.32 4.57 -3.80
CA ALA A 46 10.49 5.26 -4.32
C ALA A 46 10.14 6.67 -4.78
N GLY A 47 9.14 7.27 -4.13
CA GLY A 47 8.72 8.61 -4.48
C GLY A 47 7.64 8.63 -5.55
N LYS A 48 6.98 7.48 -5.73
CA LYS A 48 5.92 7.37 -6.72
C LYS A 48 4.60 6.98 -6.06
N GLN A 49 3.55 7.76 -6.34
CA GLN A 49 2.24 7.50 -5.77
C GLN A 49 1.53 6.38 -6.52
N LEU A 50 1.11 5.34 -5.79
CA LEU A 50 0.42 4.21 -6.39
C LEU A 50 -1.07 4.52 -6.60
N GLU A 51 -1.50 4.43 -7.85
CA GLU A 51 -2.90 4.69 -8.19
C GLU A 51 -3.68 3.40 -8.33
N ASP A 52 -5.00 3.49 -8.19
CA ASP A 52 -5.87 2.32 -8.31
C ASP A 52 -5.69 1.65 -9.67
N SER A 53 -5.24 2.43 -10.65
CA SER A 53 -5.04 1.91 -12.00
C SER A 53 -3.57 1.54 -12.22
N LYS A 54 -2.83 1.37 -11.12
CA LYS A 54 -1.42 1.02 -11.19
C LYS A 54 -1.08 -0.06 -10.18
N THR A 55 -0.74 -1.25 -10.68
CA THR A 55 -0.39 -2.37 -9.82
C THR A 55 1.12 -2.56 -9.76
N MET A 56 1.56 -3.48 -8.90
CA MET A 56 2.98 -3.76 -8.75
C MET A 56 3.64 -4.01 -10.10
N ALA A 57 2.90 -4.65 -11.00
CA ALA A 57 3.41 -4.95 -12.33
C ALA A 57 3.48 -3.69 -13.19
N ASP A 58 2.48 -2.82 -13.06
CA ASP A 58 2.43 -1.58 -13.81
C ASP A 58 3.69 -0.76 -13.58
N TYR A 59 4.16 -0.73 -12.34
CA TYR A 59 5.36 0.02 -11.99
C TYR A 59 6.61 -0.84 -12.16
N ASN A 60 6.43 -2.04 -12.70
CA ASN A 60 7.54 -2.95 -12.92
C ASN A 60 8.27 -3.25 -11.60
N ILE A 61 7.51 -3.24 -10.50
CA ILE A 61 8.08 -3.51 -9.19
C ILE A 61 7.60 -4.85 -8.66
N GLN A 62 8.54 -5.80 -8.53
CA GLN A 62 8.21 -7.13 -8.04
C GLN A 62 9.45 -7.83 -7.50
N LYS A 63 9.28 -9.05 -7.02
CA LYS A 63 10.39 -9.83 -6.47
C LYS A 63 11.05 -9.10 -5.32
N GLU A 64 10.53 -9.31 -4.11
CA GLU A 64 11.08 -8.66 -2.92
C GLU A 64 10.98 -7.15 -3.03
N SER A 65 10.03 -6.68 -3.85
CA SER A 65 9.83 -5.25 -4.04
C SER A 65 9.57 -4.55 -2.71
N THR A 66 10.28 -3.45 -2.47
CA THR A 66 10.13 -2.69 -1.24
C THR A 66 9.21 -1.50 -1.43
N LEU A 67 8.09 -1.49 -0.71
CA LEU A 67 7.13 -0.40 -0.81
C LEU A 67 7.13 0.44 0.47
N HIS A 68 6.58 1.65 0.37
CA HIS A 68 6.52 2.56 1.51
C HIS A 68 5.08 3.03 1.75
N MET A 69 4.49 2.55 2.84
CA MET A 69 3.12 2.92 3.18
C MET A 69 3.09 3.80 4.43
N VAL A 70 2.26 4.84 4.40
CA VAL A 70 2.14 5.76 5.54
C VAL A 70 0.68 6.09 5.81
N LEU A 71 0.27 5.94 7.07
CA LEU A 71 -1.10 6.24 7.46
C LEU A 71 -1.19 7.58 8.18
N ARG A 72 -2.28 8.30 7.94
CA ARG A 72 -2.49 9.60 8.55
C ARG A 72 -3.89 9.72 9.14
N LEU A 73 -3.96 9.86 10.46
CA LEU A 73 -5.24 9.98 11.15
C LEU A 73 -5.67 11.45 11.25
N ARG A 74 -6.81 11.67 11.91
CA ARG A 74 -7.32 13.02 12.08
C ARG A 74 -6.74 13.68 13.33
N GLY A 75 -6.56 14.99 13.28
CA GLY A 75 -5.99 15.71 14.41
C GLY A 75 -7.04 16.06 15.44
N GLY A 76 -7.51 15.06 16.19
CA GLY A 76 -8.51 15.30 17.21
C GLY A 76 -9.16 14.00 17.68
N MET A 1 2.85 -13.29 -6.14
CA MET A 1 3.52 -12.03 -6.46
C MET A 1 3.42 -11.06 -5.29
N GLN A 2 3.67 -11.56 -4.09
CA GLN A 2 3.61 -10.74 -2.88
C GLN A 2 4.93 -10.02 -2.65
N ILE A 3 4.86 -8.84 -2.05
CA ILE A 3 6.05 -8.04 -1.78
C ILE A 3 6.16 -7.71 -0.29
N PHE A 4 7.30 -7.16 0.10
CA PHE A 4 7.53 -6.79 1.49
C PHE A 4 7.35 -5.30 1.70
N ILE A 5 6.34 -4.92 2.47
CA ILE A 5 6.06 -3.52 2.74
C ILE A 5 6.44 -3.15 4.17
N LYS A 6 6.94 -1.93 4.35
CA LYS A 6 7.34 -1.45 5.68
C LYS A 6 6.70 -0.10 5.98
N THR A 7 6.29 0.08 7.22
CA THR A 7 5.66 1.33 7.65
C THR A 7 6.66 2.22 8.38
N LEU A 8 6.17 3.36 8.88
CA LEU A 8 7.02 4.30 9.60
C LEU A 8 7.37 3.78 10.98
N THR A 9 6.51 2.92 11.53
CA THR A 9 6.72 2.34 12.85
C THR A 9 7.74 1.20 12.79
N GLY A 10 8.09 0.79 11.58
CA GLY A 10 9.05 -0.29 11.41
C GLY A 10 8.38 -1.64 11.34
N LYS A 11 7.09 -1.66 11.01
CA LYS A 11 6.34 -2.90 10.91
C LYS A 11 6.59 -3.57 9.57
N THR A 12 6.42 -4.90 9.53
CA THR A 12 6.61 -5.67 8.31
C THR A 12 5.30 -6.24 7.80
N ILE A 13 4.87 -5.77 6.63
CA ILE A 13 3.62 -6.24 6.04
C ILE A 13 3.87 -6.93 4.70
N THR A 14 3.57 -8.22 4.65
CA THR A 14 3.76 -9.00 3.43
C THR A 14 2.50 -9.76 3.05
N ALA A 15 2.01 -9.53 1.83
CA ALA A 15 0.82 -10.19 1.34
C ALA A 15 0.66 -10.02 -0.16
N GLU A 16 0.17 -11.07 -0.83
CA GLU A 16 -0.03 -11.03 -2.27
C GLU A 16 -1.28 -10.24 -2.64
N THR A 17 -1.22 -9.51 -3.75
CA THR A 17 -2.35 -8.72 -4.20
C THR A 17 -2.72 -9.07 -5.64
N GLU A 18 -3.95 -8.73 -6.01
CA GLU A 18 -4.44 -9.00 -7.36
C GLU A 18 -3.86 -8.01 -8.37
N PRO A 19 -3.68 -8.47 -9.61
CA PRO A 19 -3.14 -7.63 -10.69
C PRO A 19 -4.10 -6.53 -11.13
N ALA A 20 -5.38 -6.75 -10.85
CA ALA A 20 -6.41 -5.77 -11.21
C ALA A 20 -6.57 -4.72 -10.11
N GLU A 21 -6.25 -5.09 -8.88
CA GLU A 21 -6.35 -4.18 -7.76
C GLU A 21 -5.17 -4.34 -6.80
N THR A 22 -4.01 -3.90 -7.24
CA THR A 22 -2.80 -4.00 -6.43
C THR A 22 -2.79 -2.95 -5.32
N VAL A 23 -3.00 -1.68 -5.70
CA VAL A 23 -3.02 -0.60 -4.74
C VAL A 23 -4.32 -0.58 -3.94
N ALA A 24 -5.44 -0.74 -4.64
CA ALA A 24 -6.75 -0.76 -4.00
C ALA A 24 -6.80 -1.80 -2.89
N ASP A 25 -6.27 -2.98 -3.16
CA ASP A 25 -6.25 -4.06 -2.19
C ASP A 25 -5.42 -3.66 -0.96
N LEU A 26 -4.38 -2.89 -1.18
CA LEU A 26 -3.50 -2.44 -0.10
C LEU A 26 -4.20 -1.38 0.76
N LYS A 27 -4.71 -0.34 0.10
CA LYS A 27 -5.40 0.74 0.80
C LYS A 27 -6.67 0.23 1.46
N GLN A 28 -7.33 -0.72 0.81
CA GLN A 28 -8.57 -1.29 1.33
C GLN A 28 -8.29 -2.18 2.54
N LYS A 29 -7.15 -2.84 2.52
CA LYS A 29 -6.76 -3.73 3.61
C LYS A 29 -6.76 -2.99 4.94
N ILE A 30 -6.07 -1.86 4.99
CA ILE A 30 -6.01 -1.05 6.20
C ILE A 30 -7.31 -0.28 6.43
N ALA A 31 -7.96 0.09 5.34
CA ALA A 31 -9.22 0.82 5.42
C ALA A 31 -10.23 0.08 6.29
N ASP A 32 -10.39 -1.22 6.04
CA ASP A 32 -11.32 -2.05 6.80
C ASP A 32 -10.75 -2.39 8.17
N LYS A 33 -9.42 -2.32 8.29
CA LYS A 33 -8.76 -2.62 9.55
C LYS A 33 -9.01 -1.53 10.58
N GLU A 34 -8.87 -0.27 10.15
CA GLU A 34 -9.09 0.86 11.04
C GLU A 34 -10.38 1.58 10.68
N GLY A 35 -11.21 0.93 9.87
CA GLY A 35 -12.47 1.54 9.47
C GLY A 35 -12.30 2.93 8.92
N VAL A 36 -11.17 3.17 8.24
CA VAL A 36 -10.89 4.48 7.66
C VAL A 36 -10.89 4.41 6.14
N PRO A 37 -11.13 5.57 5.49
CA PRO A 37 -11.15 5.66 4.04
C PRO A 37 -9.77 5.50 3.42
N VAL A 38 -9.72 4.91 2.24
CA VAL A 38 -8.45 4.69 1.54
C VAL A 38 -7.82 6.02 1.13
N ASP A 39 -8.65 7.04 1.00
CA ASP A 39 -8.17 8.37 0.61
C ASP A 39 -7.21 8.92 1.66
N GLN A 40 -7.33 8.43 2.89
CA GLN A 40 -6.47 8.87 3.98
C GLN A 40 -5.13 8.14 3.95
N GLN A 41 -5.08 7.03 3.22
CA GLN A 41 -3.86 6.25 3.10
C GLN A 41 -3.15 6.51 1.78
N ARG A 42 -1.84 6.67 1.83
CA ARG A 42 -1.05 6.93 0.63
C ARG A 42 0.19 6.05 0.60
N LEU A 43 0.62 5.68 -0.61
CA LEU A 43 1.80 4.84 -0.78
C LEU A 43 2.83 5.53 -1.66
N ILE A 44 4.10 5.30 -1.36
CA ILE A 44 5.19 5.90 -2.13
C ILE A 44 6.28 4.87 -2.43
N PHE A 45 6.78 4.89 -3.65
CA PHE A 45 7.83 3.97 -4.07
C PHE A 45 8.89 4.69 -4.89
N ALA A 46 10.06 4.90 -4.29
CA ALA A 46 11.16 5.57 -4.97
C ALA A 46 10.75 6.94 -5.47
N GLY A 47 9.81 7.57 -4.77
CA GLY A 47 9.34 8.89 -5.16
C GLY A 47 8.10 8.81 -6.04
N LYS A 48 7.76 7.61 -6.48
CA LYS A 48 6.60 7.40 -7.34
C LYS A 48 5.38 7.01 -6.51
N GLN A 49 4.30 7.78 -6.66
CA GLN A 49 3.07 7.51 -5.92
C GLN A 49 2.26 6.40 -6.60
N LEU A 50 1.84 5.42 -5.81
CA LEU A 50 1.06 4.30 -6.34
C LEU A 50 -0.42 4.67 -6.42
N GLU A 51 -0.97 4.61 -7.63
CA GLU A 51 -2.37 4.92 -7.85
C GLU A 51 -3.20 3.66 -8.07
N ASP A 52 -4.48 3.73 -7.77
CA ASP A 52 -5.38 2.60 -7.94
C ASP A 52 -5.34 2.08 -9.37
N SER A 53 -5.14 3.00 -10.32
CA SER A 53 -5.09 2.64 -11.73
C SER A 53 -3.79 1.91 -12.06
N LYS A 54 -2.81 2.01 -11.18
CA LYS A 54 -1.53 1.36 -11.37
C LYS A 54 -1.40 0.14 -10.47
N THR A 55 -0.45 -0.73 -10.80
CA THR A 55 -0.22 -1.95 -10.03
C THR A 55 1.25 -2.33 -10.03
N MET A 56 1.59 -3.36 -9.25
CA MET A 56 2.97 -3.82 -9.16
C MET A 56 3.49 -4.22 -10.54
N ALA A 57 2.61 -4.79 -11.36
CA ALA A 57 3.00 -5.21 -12.70
C ALA A 57 3.28 -4.01 -13.60
N ASP A 58 2.59 -2.91 -13.34
CA ASP A 58 2.76 -1.69 -14.12
C ASP A 58 4.09 -1.01 -13.78
N TYR A 59 4.41 -0.94 -12.50
CA TYR A 59 5.64 -0.31 -12.04
C TYR A 59 6.80 -1.30 -12.10
N ASN A 60 6.49 -2.55 -12.43
CA ASN A 60 7.51 -3.59 -12.51
C ASN A 60 8.21 -3.79 -11.18
N ILE A 61 7.45 -3.65 -10.09
CA ILE A 61 7.99 -3.81 -8.76
C ILE A 61 7.48 -5.10 -8.11
N GLN A 62 8.39 -6.04 -7.87
CA GLN A 62 8.02 -7.31 -7.25
C GLN A 62 9.24 -7.98 -6.62
N LYS A 63 9.05 -9.19 -6.12
CA LYS A 63 10.13 -9.94 -5.49
C LYS A 63 10.63 -9.21 -4.23
N GLU A 64 9.84 -9.26 -3.17
CA GLU A 64 10.20 -8.61 -1.92
C GLU A 64 10.31 -7.10 -2.10
N SER A 65 9.62 -6.58 -3.11
CA SER A 65 9.65 -5.14 -3.39
C SER A 65 9.36 -4.34 -2.13
N THR A 66 10.20 -3.34 -1.88
CA THR A 66 10.04 -2.49 -0.71
C THR A 66 9.06 -1.35 -0.98
N LEU A 67 7.92 -1.40 -0.31
CA LEU A 67 6.90 -0.36 -0.47
C LEU A 67 6.73 0.46 0.80
N HIS A 68 6.14 1.64 0.66
CA HIS A 68 5.92 2.53 1.80
C HIS A 68 4.47 2.51 2.23
N MET A 69 4.24 2.41 3.54
CA MET A 69 2.89 2.39 4.08
C MET A 69 2.76 3.37 5.25
N VAL A 70 1.91 4.39 5.08
CA VAL A 70 1.70 5.38 6.12
C VAL A 70 0.22 5.48 6.48
N LEU A 71 -0.06 5.99 7.68
CA LEU A 71 -1.43 6.15 8.15
C LEU A 71 -1.73 7.60 8.49
N ARG A 72 -2.79 8.14 7.89
CA ARG A 72 -3.19 9.52 8.13
C ARG A 72 -4.48 9.59 8.94
N LEU A 73 -4.53 10.51 9.89
CA LEU A 73 -5.70 10.67 10.74
C LEU A 73 -5.78 12.10 11.28
N ARG A 74 -6.84 12.37 12.04
CA ARG A 74 -7.04 13.69 12.63
C ARG A 74 -6.38 13.79 13.99
N GLY A 75 -6.83 12.97 14.93
CA GLY A 75 -6.27 12.97 16.26
C GLY A 75 -6.74 11.79 17.10
N GLY A 76 -6.33 11.75 18.36
CA GLY A 76 -6.71 10.66 19.23
C GLY A 76 -7.65 11.10 20.33
N MET A 1 2.00 -10.74 -7.66
CA MET A 1 2.41 -11.69 -6.63
C MET A 1 2.56 -11.00 -5.28
N GLN A 2 3.01 -11.75 -4.28
CA GLN A 2 3.19 -11.22 -2.95
C GLN A 2 4.44 -10.35 -2.86
N ILE A 3 4.41 -9.35 -1.99
CA ILE A 3 5.54 -8.45 -1.81
C ILE A 3 5.70 -8.04 -0.35
N PHE A 4 6.82 -7.39 -0.06
CA PHE A 4 7.10 -6.95 1.31
C PHE A 4 6.81 -5.46 1.46
N ILE A 5 6.20 -5.09 2.59
CA ILE A 5 5.87 -3.71 2.85
C ILE A 5 6.30 -3.30 4.26
N LYS A 6 6.77 -2.06 4.39
CA LYS A 6 7.22 -1.54 5.68
C LYS A 6 6.67 -0.14 5.92
N THR A 7 5.84 -0.01 6.96
CA THR A 7 5.25 1.29 7.30
C THR A 7 6.22 2.14 8.10
N LEU A 8 5.85 3.40 8.32
CA LEU A 8 6.69 4.32 9.08
C LEU A 8 6.93 3.79 10.49
N THR A 9 6.06 2.90 10.94
CA THR A 9 6.18 2.32 12.28
C THR A 9 7.29 1.28 12.32
N GLY A 10 7.82 0.92 11.16
CA GLY A 10 8.88 -0.07 11.09
C GLY A 10 8.37 -1.49 11.18
N LYS A 11 7.07 -1.66 10.92
CA LYS A 11 6.44 -2.98 10.96
C LYS A 11 6.53 -3.67 9.61
N THR A 12 6.67 -4.99 9.63
CA THR A 12 6.76 -5.78 8.41
C THR A 12 5.40 -6.32 8.00
N ILE A 13 4.90 -5.86 6.86
CA ILE A 13 3.60 -6.31 6.36
C ILE A 13 3.74 -6.94 4.98
N THR A 14 3.33 -8.21 4.87
CA THR A 14 3.41 -8.93 3.62
C THR A 14 2.10 -9.66 3.33
N ALA A 15 1.60 -9.50 2.11
CA ALA A 15 0.35 -10.15 1.70
C ALA A 15 0.18 -10.10 0.18
N GLU A 16 -0.59 -11.05 -0.35
CA GLU A 16 -0.84 -11.10 -1.79
C GLU A 16 -1.89 -10.08 -2.20
N THR A 17 -1.71 -9.51 -3.38
CA THR A 17 -2.64 -8.51 -3.90
C THR A 17 -3.04 -8.84 -5.34
N GLU A 18 -4.07 -8.15 -5.83
CA GLU A 18 -4.55 -8.35 -7.19
C GLU A 18 -3.67 -7.61 -8.20
N PRO A 19 -3.37 -8.28 -9.32
CA PRO A 19 -2.54 -7.71 -10.38
C PRO A 19 -3.24 -6.58 -11.13
N ALA A 20 -4.53 -6.41 -10.85
CA ALA A 20 -5.31 -5.36 -11.50
C ALA A 20 -5.40 -4.12 -10.60
N GLU A 21 -5.29 -4.33 -9.30
CA GLU A 21 -5.37 -3.23 -8.34
C GLU A 21 -4.52 -3.53 -7.10
N THR A 22 -3.21 -3.32 -7.22
CA THR A 22 -2.30 -3.58 -6.12
C THR A 22 -2.39 -2.47 -5.07
N VAL A 23 -2.66 -1.25 -5.52
CA VAL A 23 -2.77 -0.11 -4.62
C VAL A 23 -4.10 -0.14 -3.86
N ALA A 24 -5.19 -0.24 -4.61
CA ALA A 24 -6.52 -0.29 -4.01
C ALA A 24 -6.61 -1.40 -2.96
N ASP A 25 -6.09 -2.56 -3.30
CA ASP A 25 -6.12 -3.71 -2.39
C ASP A 25 -5.44 -3.36 -1.07
N LEU A 26 -4.33 -2.63 -1.15
CA LEU A 26 -3.59 -2.24 0.04
C LEU A 26 -4.29 -1.09 0.76
N LYS A 27 -4.90 -0.20 -0.01
CA LYS A 27 -5.61 0.94 0.54
C LYS A 27 -6.72 0.49 1.48
N GLN A 28 -7.53 -0.46 1.02
CA GLN A 28 -8.63 -0.98 1.83
C GLN A 28 -8.11 -1.68 3.08
N LYS A 29 -6.94 -2.31 2.96
CA LYS A 29 -6.35 -3.02 4.08
C LYS A 29 -6.09 -2.07 5.25
N ILE A 30 -5.44 -0.94 4.97
CA ILE A 30 -5.14 0.04 5.99
C ILE A 30 -6.40 0.83 6.38
N ALA A 31 -7.30 1.01 5.41
CA ALA A 31 -8.54 1.74 5.66
C ALA A 31 -9.30 1.15 6.84
N ASP A 32 -9.50 -0.15 6.81
CA ASP A 32 -10.21 -0.84 7.89
C ASP A 32 -9.33 -1.01 9.11
N LYS A 33 -8.01 -1.02 8.88
CA LYS A 33 -7.06 -1.17 9.97
C LYS A 33 -7.04 0.06 10.87
N GLU A 34 -7.00 1.24 10.25
CA GLU A 34 -6.99 2.50 10.99
C GLU A 34 -8.40 3.05 11.15
N GLY A 35 -9.34 2.48 10.39
CA GLY A 35 -10.72 2.93 10.47
C GLY A 35 -10.94 4.24 9.73
N VAL A 36 -10.03 4.56 8.82
CA VAL A 36 -10.13 5.78 8.03
C VAL A 36 -10.35 5.47 6.56
N PRO A 37 -10.94 6.44 5.84
CA PRO A 37 -11.23 6.29 4.41
C PRO A 37 -9.96 6.30 3.56
N VAL A 38 -9.90 5.39 2.59
CA VAL A 38 -8.73 5.28 1.71
C VAL A 38 -8.51 6.59 0.94
N ASP A 39 -9.56 7.40 0.85
CA ASP A 39 -9.47 8.67 0.15
C ASP A 39 -8.58 9.65 0.90
N GLN A 40 -8.25 9.30 2.14
CA GLN A 40 -7.40 10.16 2.96
C GLN A 40 -5.96 9.62 2.99
N GLN A 41 -5.80 8.36 2.61
CA GLN A 41 -4.48 7.74 2.58
C GLN A 41 -3.97 7.60 1.15
N ARG A 42 -2.65 7.65 1.00
CA ARG A 42 -2.03 7.53 -0.32
C ARG A 42 -0.87 6.53 -0.28
N LEU A 43 -0.67 5.83 -1.39
CA LEU A 43 0.41 4.85 -1.50
C LEU A 43 1.67 5.48 -2.09
N ILE A 44 2.82 5.13 -1.52
CA ILE A 44 4.09 5.67 -1.99
C ILE A 44 5.14 4.56 -2.12
N PHE A 45 5.95 4.64 -3.16
CA PHE A 45 6.99 3.65 -3.40
C PHE A 45 8.35 4.32 -3.63
N ALA A 46 9.23 4.23 -2.63
CA ALA A 46 10.55 4.83 -2.72
C ALA A 46 10.46 6.29 -3.13
N GLY A 47 9.39 6.96 -2.70
CA GLY A 47 9.21 8.36 -3.05
C GLY A 47 8.40 8.55 -4.30
N LYS A 48 7.69 7.50 -4.72
CA LYS A 48 6.87 7.57 -5.92
C LYS A 48 5.39 7.45 -5.57
N GLN A 49 4.62 8.47 -5.93
CA GLN A 49 3.18 8.47 -5.65
C GLN A 49 2.43 7.55 -6.61
N LEU A 50 1.84 6.50 -6.08
CA LEU A 50 1.10 5.53 -6.88
C LEU A 50 -0.40 5.82 -6.82
N GLU A 51 -1.12 5.40 -7.86
CA GLU A 51 -2.56 5.62 -7.92
C GLU A 51 -3.30 4.31 -7.62
N ASP A 52 -4.58 4.44 -7.23
CA ASP A 52 -5.39 3.28 -6.91
C ASP A 52 -5.68 2.46 -8.17
N SER A 53 -5.53 3.09 -9.33
CA SER A 53 -5.78 2.42 -10.60
C SER A 53 -4.48 1.91 -11.21
N LYS A 54 -3.50 1.65 -10.35
CA LYS A 54 -2.21 1.15 -10.80
C LYS A 54 -1.97 -0.28 -10.32
N THR A 55 -0.88 -0.89 -10.77
CA THR A 55 -0.54 -2.25 -10.39
C THR A 55 0.96 -2.43 -10.27
N MET A 56 1.38 -3.56 -9.70
CA MET A 56 2.80 -3.85 -9.54
C MET A 56 3.48 -4.06 -10.89
N ALA A 57 2.77 -4.69 -11.81
CA ALA A 57 3.30 -4.96 -13.13
C ALA A 57 3.52 -3.65 -13.90
N ASP A 58 2.78 -2.62 -13.53
CA ASP A 58 2.90 -1.32 -14.17
C ASP A 58 4.23 -0.67 -13.85
N TYR A 59 4.61 -0.67 -12.57
CA TYR A 59 5.86 -0.09 -12.13
C TYR A 59 7.01 -1.08 -12.27
N ASN A 60 6.67 -2.32 -12.63
CA ASN A 60 7.68 -3.37 -12.78
C ASN A 60 8.37 -3.66 -11.47
N ILE A 61 7.64 -3.51 -10.38
CA ILE A 61 8.18 -3.77 -9.04
C ILE A 61 7.58 -5.03 -8.44
N GLN A 62 8.43 -6.05 -8.25
CA GLN A 62 7.99 -7.31 -7.68
C GLN A 62 9.17 -8.07 -7.06
N LYS A 63 8.90 -9.28 -6.58
CA LYS A 63 9.93 -10.11 -5.97
C LYS A 63 10.52 -9.42 -4.73
N GLU A 64 9.80 -9.51 -3.62
CA GLU A 64 10.25 -8.90 -2.38
C GLU A 64 10.35 -7.38 -2.52
N SER A 65 9.61 -6.83 -3.46
CA SER A 65 9.61 -5.39 -3.72
C SER A 65 9.32 -4.62 -2.42
N THR A 66 10.15 -3.62 -2.14
CA THR A 66 9.98 -2.81 -0.95
C THR A 66 8.99 -1.68 -1.17
N LEU A 67 7.87 -1.73 -0.47
CA LEU A 67 6.83 -0.71 -0.60
C LEU A 67 6.75 0.14 0.67
N HIS A 68 6.11 1.30 0.55
CA HIS A 68 5.96 2.22 1.68
C HIS A 68 4.50 2.65 1.84
N MET A 69 3.87 2.18 2.90
CA MET A 69 2.48 2.51 3.18
C MET A 69 2.37 3.47 4.36
N VAL A 70 1.42 4.39 4.28
CA VAL A 70 1.21 5.37 5.36
C VAL A 70 -0.13 5.15 6.03
N LEU A 71 -0.20 5.48 7.32
CA LEU A 71 -1.43 5.32 8.09
C LEU A 71 -1.90 6.66 8.65
N ARG A 72 -3.21 6.89 8.61
CA ARG A 72 -3.78 8.13 9.12
C ARG A 72 -4.63 7.88 10.36
N LEU A 73 -4.28 8.53 11.46
CA LEU A 73 -5.00 8.37 12.71
C LEU A 73 -6.14 9.39 12.81
N ARG A 74 -7.12 9.08 13.65
CA ARG A 74 -8.26 9.98 13.84
C ARG A 74 -7.94 11.05 14.88
N GLY A 75 -7.52 10.60 16.06
CA GLY A 75 -7.19 11.54 17.12
C GLY A 75 -5.71 11.90 17.15
N GLY A 76 -5.41 13.15 17.51
CA GLY A 76 -4.03 13.59 17.56
C GLY A 76 -3.87 14.91 18.29
N MET A 1 1.11 -12.82 -5.75
CA MET A 1 2.23 -12.99 -4.83
C MET A 1 2.18 -11.96 -3.72
N GLN A 2 3.02 -12.12 -2.71
CA GLN A 2 3.07 -11.22 -1.57
C GLN A 2 4.24 -10.25 -1.71
N ILE A 3 4.08 -9.05 -1.16
CA ILE A 3 5.13 -8.04 -1.21
C ILE A 3 5.61 -7.67 0.18
N PHE A 4 6.69 -6.90 0.25
CA PHE A 4 7.26 -6.48 1.53
C PHE A 4 6.96 -5.02 1.80
N ILE A 5 6.51 -4.72 3.02
CA ILE A 5 6.19 -3.36 3.41
C ILE A 5 6.94 -2.95 4.67
N LYS A 6 7.36 -1.69 4.72
CA LYS A 6 8.08 -1.18 5.87
C LYS A 6 7.45 0.11 6.38
N THR A 7 7.33 0.24 7.70
CA THR A 7 6.75 1.43 8.31
C THR A 7 7.80 2.23 9.06
N LEU A 8 7.42 3.42 9.51
CA LEU A 8 8.33 4.29 10.25
C LEU A 8 8.84 3.60 11.51
N THR A 9 8.09 2.61 11.98
CA THR A 9 8.47 1.86 13.17
C THR A 9 9.59 0.87 12.87
N GLY A 10 9.89 0.69 11.59
CA GLY A 10 10.93 -0.23 11.20
C GLY A 10 10.47 -1.67 11.23
N LYS A 11 9.16 -1.88 11.14
CA LYS A 11 8.59 -3.21 11.16
C LYS A 11 8.32 -3.71 9.73
N THR A 12 8.37 -5.02 9.55
CA THR A 12 8.13 -5.63 8.24
C THR A 12 6.75 -6.26 8.18
N ILE A 13 6.06 -6.05 7.07
CA ILE A 13 4.73 -6.61 6.88
C ILE A 13 4.54 -7.13 5.46
N THR A 14 3.99 -8.34 5.34
CA THR A 14 3.76 -8.96 4.04
C THR A 14 2.28 -9.24 3.83
N ALA A 15 1.84 -9.15 2.57
CA ALA A 15 0.45 -9.40 2.23
C ALA A 15 0.28 -9.57 0.72
N GLU A 16 -0.86 -10.14 0.33
CA GLU A 16 -1.14 -10.36 -1.09
C GLU A 16 -2.11 -9.31 -1.62
N THR A 17 -1.91 -8.91 -2.87
CA THR A 17 -2.77 -7.92 -3.50
C THR A 17 -3.26 -8.39 -4.87
N GLU A 18 -4.09 -7.58 -5.51
CA GLU A 18 -4.62 -7.91 -6.83
C GLU A 18 -3.73 -7.35 -7.94
N PRO A 19 -3.55 -8.14 -9.00
CA PRO A 19 -2.72 -7.74 -10.15
C PRO A 19 -3.36 -6.63 -10.97
N ALA A 20 -4.69 -6.53 -10.90
CA ALA A 20 -5.42 -5.51 -11.63
C ALA A 20 -5.53 -4.22 -10.82
N GLU A 21 -5.48 -4.36 -9.49
CA GLU A 21 -5.58 -3.21 -8.60
C GLU A 21 -4.75 -3.43 -7.35
N THR A 22 -3.45 -3.16 -7.45
CA THR A 22 -2.55 -3.33 -6.32
C THR A 22 -2.72 -2.21 -5.30
N VAL A 23 -2.99 -1.00 -5.79
CA VAL A 23 -3.19 0.15 -4.92
C VAL A 23 -4.55 0.12 -4.24
N ALA A 24 -5.60 0.00 -5.05
CA ALA A 24 -6.96 -0.05 -4.53
C ALA A 24 -7.11 -1.15 -3.49
N ASP A 25 -6.48 -2.29 -3.74
CA ASP A 25 -6.54 -3.42 -2.81
C ASP A 25 -5.91 -3.06 -1.48
N LEU A 26 -4.81 -2.30 -1.52
CA LEU A 26 -4.11 -1.88 -0.31
C LEU A 26 -4.85 -0.73 0.37
N LYS A 27 -5.47 0.14 -0.42
CA LYS A 27 -6.20 1.28 0.11
C LYS A 27 -7.33 0.81 1.03
N GLN A 28 -7.96 -0.29 0.67
CA GLN A 28 -9.05 -0.85 1.47
C GLN A 28 -8.51 -1.55 2.72
N LYS A 29 -7.34 -2.16 2.58
CA LYS A 29 -6.71 -2.87 3.70
C LYS A 29 -6.56 -1.94 4.90
N ILE A 30 -5.95 -0.78 4.68
CA ILE A 30 -5.75 0.18 5.76
C ILE A 30 -7.04 0.91 6.10
N ALA A 31 -7.81 1.26 5.08
CA ALA A 31 -9.07 1.95 5.27
C ALA A 31 -9.98 1.18 6.23
N ASP A 32 -10.14 -0.11 5.97
CA ASP A 32 -10.98 -0.95 6.81
C ASP A 32 -10.26 -1.31 8.12
N LYS A 33 -8.94 -1.23 8.10
CA LYS A 33 -8.13 -1.55 9.27
C LYS A 33 -8.28 -0.46 10.33
N GLU A 34 -8.19 0.80 9.91
CA GLU A 34 -8.32 1.92 10.82
C GLU A 34 -9.66 2.64 10.63
N GLY A 35 -10.57 1.99 9.92
CA GLY A 35 -11.87 2.58 9.66
C GLY A 35 -11.77 3.99 9.11
N VAL A 36 -10.73 4.23 8.32
CA VAL A 36 -10.53 5.55 7.73
C VAL A 36 -10.70 5.50 6.21
N PRO A 37 -11.03 6.67 5.62
CA PRO A 37 -11.23 6.79 4.18
C PRO A 37 -9.93 6.63 3.39
N VAL A 38 -10.03 6.08 2.19
CA VAL A 38 -8.87 5.87 1.33
C VAL A 38 -8.12 7.18 1.10
N ASP A 39 -8.84 8.29 1.23
CA ASP A 39 -8.24 9.61 1.03
C ASP A 39 -7.11 9.85 2.03
N GLN A 40 -7.12 9.08 3.12
CA GLN A 40 -6.10 9.21 4.15
C GLN A 40 -4.91 8.31 3.86
N GLN A 41 -5.12 7.34 2.98
CA GLN A 41 -4.06 6.40 2.61
C GLN A 41 -3.47 6.74 1.25
N ARG A 42 -2.15 6.61 1.12
CA ARG A 42 -1.47 6.91 -0.13
C ARG A 42 -0.48 5.81 -0.48
N LEU A 43 -0.21 5.65 -1.77
CA LEU A 43 0.72 4.63 -2.25
C LEU A 43 2.03 5.26 -2.71
N ILE A 44 3.14 4.77 -2.17
CA ILE A 44 4.45 5.29 -2.55
C ILE A 44 5.44 4.15 -2.79
N PHE A 45 6.26 4.30 -3.83
CA PHE A 45 7.25 3.28 -4.17
C PHE A 45 8.58 3.93 -4.54
N ALA A 46 9.56 3.81 -3.66
CA ALA A 46 10.88 4.38 -3.89
C ALA A 46 10.78 5.85 -4.24
N GLY A 47 9.80 6.54 -3.67
CA GLY A 47 9.62 7.96 -3.93
C GLY A 47 8.73 8.20 -5.14
N LYS A 48 7.97 7.19 -5.54
CA LYS A 48 7.08 7.30 -6.67
C LYS A 48 5.63 7.14 -6.24
N GLN A 49 4.81 8.16 -6.51
CA GLN A 49 3.40 8.13 -6.15
C GLN A 49 2.56 7.57 -7.28
N LEU A 50 2.01 6.37 -7.07
CA LEU A 50 1.18 5.72 -8.07
C LEU A 50 -0.30 5.90 -7.76
N GLU A 51 -1.15 5.74 -8.78
CA GLU A 51 -2.58 5.89 -8.62
C GLU A 51 -3.28 4.53 -8.62
N ASP A 52 -4.57 4.54 -8.38
CA ASP A 52 -5.36 3.31 -8.36
C ASP A 52 -5.29 2.59 -9.70
N SER A 53 -4.91 3.33 -10.74
CA SER A 53 -4.81 2.78 -12.08
C SER A 53 -3.39 2.31 -12.38
N LYS A 54 -2.65 1.98 -11.32
CA LYS A 54 -1.28 1.52 -11.47
C LYS A 54 -1.03 0.27 -10.63
N THR A 55 -0.81 -0.85 -11.31
CA THR A 55 -0.56 -2.12 -10.62
C THR A 55 0.94 -2.41 -10.53
N MET A 56 1.28 -3.46 -9.80
CA MET A 56 2.68 -3.84 -9.63
C MET A 56 3.28 -4.34 -10.95
N ALA A 57 2.46 -5.03 -11.74
CA ALA A 57 2.91 -5.55 -13.02
C ALA A 57 3.14 -4.42 -14.02
N ASP A 58 2.59 -3.25 -13.72
CA ASP A 58 2.74 -2.08 -14.59
C ASP A 58 4.12 -1.47 -14.44
N TYR A 59 4.55 -1.28 -13.19
CA TYR A 59 5.85 -0.69 -12.92
C TYR A 59 6.95 -1.75 -12.94
N ASN A 60 6.54 -3.00 -13.13
CA ASN A 60 7.48 -4.11 -13.16
C ASN A 60 8.17 -4.29 -11.82
N ILE A 61 7.48 -3.92 -10.75
CA ILE A 61 8.02 -4.03 -9.40
C ILE A 61 7.31 -5.13 -8.61
N GLN A 62 8.05 -6.18 -8.29
CA GLN A 62 7.50 -7.30 -7.53
C GLN A 62 8.60 -8.08 -6.82
N LYS A 63 8.21 -9.13 -6.10
CA LYS A 63 9.16 -9.95 -5.38
C LYS A 63 9.93 -9.13 -4.34
N GLU A 64 9.41 -9.10 -3.11
CA GLU A 64 10.05 -8.35 -2.04
C GLU A 64 10.06 -6.86 -2.35
N SER A 65 9.13 -6.42 -3.19
CA SER A 65 9.03 -5.03 -3.58
C SER A 65 8.96 -4.12 -2.34
N THR A 66 9.54 -2.93 -2.44
CA THR A 66 9.55 -1.98 -1.34
C THR A 66 8.25 -1.19 -1.28
N LEU A 67 7.61 -1.18 -0.12
CA LEU A 67 6.36 -0.46 0.05
C LEU A 67 6.33 0.26 1.40
N HIS A 68 5.80 1.48 1.40
CA HIS A 68 5.72 2.28 2.62
C HIS A 68 4.38 2.06 3.32
N MET A 69 4.36 2.29 4.62
CA MET A 69 3.14 2.12 5.41
C MET A 69 2.76 3.41 6.13
N VAL A 70 1.63 3.98 5.74
CA VAL A 70 1.15 5.23 6.34
C VAL A 70 -0.19 5.03 7.02
N LEU A 71 -0.24 5.25 8.33
CA LEU A 71 -1.46 5.10 9.10
C LEU A 71 -1.85 6.42 9.78
N ARG A 72 -2.85 7.09 9.21
CA ARG A 72 -3.32 8.36 9.76
C ARG A 72 -4.66 8.18 10.48
N LEU A 73 -4.82 8.89 11.58
CA LEU A 73 -6.06 8.82 12.36
C LEU A 73 -6.81 10.14 12.32
N ARG A 74 -8.12 10.06 12.13
CA ARG A 74 -8.96 11.26 12.06
C ARG A 74 -9.21 11.81 13.46
N GLY A 75 -9.78 10.98 14.33
CA GLY A 75 -10.07 11.41 15.69
C GLY A 75 -11.17 10.58 16.34
N GLY A 76 -10.79 9.78 17.32
CA GLY A 76 -11.75 8.94 18.01
C GLY A 76 -11.20 8.35 19.29
N MET A 1 3.14 -14.66 -4.68
CA MET A 1 3.24 -13.34 -5.29
C MET A 1 2.95 -12.25 -4.26
N GLN A 2 3.69 -12.26 -3.16
CA GLN A 2 3.51 -11.28 -2.10
C GLN A 2 4.66 -10.27 -2.09
N ILE A 3 4.36 -9.04 -1.67
CA ILE A 3 5.37 -7.99 -1.62
C ILE A 3 5.67 -7.61 -0.18
N PHE A 4 6.72 -6.80 0.00
CA PHE A 4 7.12 -6.35 1.33
C PHE A 4 6.84 -4.86 1.51
N ILE A 5 6.18 -4.52 2.61
CA ILE A 5 5.84 -3.13 2.89
C ILE A 5 6.32 -2.73 4.29
N LYS A 6 7.15 -1.69 4.35
CA LYS A 6 7.68 -1.20 5.62
C LYS A 6 7.06 0.14 5.99
N THR A 7 6.82 0.36 7.28
CA THR A 7 6.24 1.60 7.75
C THR A 7 7.23 2.39 8.60
N LEU A 8 7.04 3.69 8.68
CA LEU A 8 7.91 4.56 9.46
C LEU A 8 7.78 4.25 10.96
N THR A 9 6.73 3.52 11.31
CA THR A 9 6.49 3.15 12.70
C THR A 9 7.43 2.04 13.15
N GLY A 10 8.21 1.52 12.21
CA GLY A 10 9.15 0.46 12.54
C GLY A 10 8.49 -0.91 12.53
N LYS A 11 7.34 -1.01 11.89
CA LYS A 11 6.61 -2.27 11.81
C LYS A 11 6.71 -2.88 10.41
N THR A 12 6.58 -4.20 10.34
CA THR A 12 6.67 -4.91 9.08
C THR A 12 5.29 -5.34 8.59
N ILE A 13 4.99 -5.05 7.32
CA ILE A 13 3.71 -5.41 6.74
C ILE A 13 3.89 -6.12 5.41
N THR A 14 3.46 -7.39 5.35
CA THR A 14 3.58 -8.18 4.14
C THR A 14 2.30 -8.97 3.88
N ALA A 15 1.76 -8.83 2.67
CA ALA A 15 0.54 -9.54 2.29
C ALA A 15 0.38 -9.56 0.78
N GLU A 16 -0.54 -10.40 0.31
CA GLU A 16 -0.80 -10.53 -1.12
C GLU A 16 -1.82 -9.49 -1.59
N THR A 17 -1.63 -8.99 -2.81
CA THR A 17 -2.53 -7.99 -3.37
C THR A 17 -2.99 -8.39 -4.77
N GLU A 18 -3.86 -7.57 -5.36
CA GLU A 18 -4.38 -7.85 -6.69
C GLU A 18 -3.48 -7.23 -7.76
N PRO A 19 -3.24 -7.99 -8.84
CA PRO A 19 -2.40 -7.54 -9.96
C PRO A 19 -3.05 -6.43 -10.77
N ALA A 20 -4.36 -6.28 -10.61
CA ALA A 20 -5.11 -5.25 -11.32
C ALA A 20 -5.34 -4.03 -10.44
N GLU A 21 -5.38 -4.25 -9.13
CA GLU A 21 -5.60 -3.19 -8.17
C GLU A 21 -4.73 -3.36 -6.94
N THR A 22 -3.44 -3.08 -7.08
CA THR A 22 -2.49 -3.21 -5.98
C THR A 22 -2.64 -2.07 -5.00
N VAL A 23 -3.01 -0.89 -5.50
CA VAL A 23 -3.19 0.28 -4.67
C VAL A 23 -4.49 0.21 -3.88
N ALA A 24 -5.59 0.00 -4.59
CA ALA A 24 -6.90 -0.09 -3.96
C ALA A 24 -6.94 -1.24 -2.96
N ASP A 25 -6.37 -2.37 -3.35
CA ASP A 25 -6.34 -3.55 -2.48
C ASP A 25 -5.69 -3.22 -1.14
N LEU A 26 -4.59 -2.46 -1.19
CA LEU A 26 -3.88 -2.08 0.02
C LEU A 26 -4.60 -0.95 0.76
N LYS A 27 -5.11 0.01 0.00
CA LYS A 27 -5.84 1.14 0.58
C LYS A 27 -7.06 0.66 1.35
N GLN A 28 -7.83 -0.24 0.74
CA GLN A 28 -9.03 -0.77 1.37
C GLN A 28 -8.67 -1.62 2.59
N LYS A 29 -7.58 -2.37 2.47
CA LYS A 29 -7.13 -3.23 3.57
C LYS A 29 -6.74 -2.40 4.78
N ILE A 30 -5.91 -1.38 4.56
CA ILE A 30 -5.46 -0.51 5.64
C ILE A 30 -6.60 0.40 6.12
N ALA A 31 -7.48 0.76 5.20
CA ALA A 31 -8.61 1.63 5.54
C ALA A 31 -9.52 0.96 6.55
N ASP A 32 -9.91 -0.29 6.27
CA ASP A 32 -10.79 -1.03 7.17
C ASP A 32 -10.01 -1.56 8.37
N LYS A 33 -8.71 -1.71 8.21
CA LYS A 33 -7.85 -2.20 9.28
C LYS A 33 -7.64 -1.12 10.34
N GLU A 34 -7.33 0.09 9.90
CA GLU A 34 -7.10 1.20 10.81
C GLU A 34 -8.39 1.97 11.07
N GLY A 35 -9.41 1.68 10.26
CA GLY A 35 -10.69 2.36 10.43
C GLY A 35 -10.68 3.77 9.86
N VAL A 36 -9.83 4.00 8.87
CA VAL A 36 -9.72 5.32 8.25
C VAL A 36 -9.97 5.24 6.75
N PRO A 37 -10.40 6.37 6.17
CA PRO A 37 -10.70 6.46 4.73
C PRO A 37 -9.43 6.37 3.88
N VAL A 38 -9.57 5.82 2.68
CA VAL A 38 -8.44 5.68 1.77
C VAL A 38 -7.87 7.04 1.39
N ASP A 39 -8.69 8.09 1.54
CA ASP A 39 -8.25 9.45 1.22
C ASP A 39 -7.07 9.86 2.07
N GLN A 40 -6.92 9.22 3.22
CA GLN A 40 -5.81 9.52 4.13
C GLN A 40 -4.64 8.59 3.88
N GLN A 41 -4.88 7.49 3.18
CA GLN A 41 -3.84 6.53 2.87
C GLN A 41 -3.27 6.77 1.46
N ARG A 42 -1.95 6.84 1.38
CA ARG A 42 -1.29 7.08 0.10
C ARG A 42 -0.11 6.11 -0.08
N LEU A 43 0.03 5.58 -1.29
CA LEU A 43 1.11 4.65 -1.59
C LEU A 43 2.26 5.37 -2.30
N ILE A 44 3.48 5.09 -1.84
CA ILE A 44 4.67 5.71 -2.42
C ILE A 44 5.77 4.67 -2.64
N PHE A 45 6.48 4.80 -3.76
CA PHE A 45 7.56 3.88 -4.08
C PHE A 45 8.76 4.62 -4.64
N ALA A 46 9.81 4.73 -3.84
CA ALA A 46 11.03 5.42 -4.25
C ALA A 46 10.71 6.82 -4.77
N GLY A 47 9.67 7.43 -4.23
CA GLY A 47 9.29 8.76 -4.65
C GLY A 47 8.25 8.74 -5.77
N LYS A 48 7.59 7.59 -5.94
CA LYS A 48 6.58 7.43 -6.97
C LYS A 48 5.20 7.20 -6.35
N GLN A 49 4.26 8.08 -6.65
CA GLN A 49 2.91 7.96 -6.12
C GLN A 49 2.08 6.99 -6.97
N LEU A 50 1.47 6.01 -6.31
CA LEU A 50 0.66 5.02 -7.00
C LEU A 50 -0.82 5.35 -6.87
N GLU A 51 -1.56 5.24 -7.97
CA GLU A 51 -2.98 5.54 -7.98
C GLU A 51 -3.79 4.25 -8.02
N ASP A 52 -5.09 4.36 -7.71
CA ASP A 52 -5.98 3.21 -7.70
C ASP A 52 -6.04 2.56 -9.09
N SER A 53 -5.66 3.33 -10.11
CA SER A 53 -5.69 2.84 -11.48
C SER A 53 -4.31 2.33 -11.90
N LYS A 54 -3.52 1.91 -10.92
CA LYS A 54 -2.18 1.40 -11.17
C LYS A 54 -1.97 0.04 -10.50
N THR A 55 -0.90 -0.65 -10.89
CA THR A 55 -0.60 -1.95 -10.31
C THR A 55 0.91 -2.16 -10.20
N MET A 56 1.31 -3.20 -9.48
CA MET A 56 2.72 -3.50 -9.30
C MET A 56 3.34 -4.01 -10.60
N ALA A 57 2.51 -4.60 -11.46
CA ALA A 57 2.98 -5.13 -12.73
C ALA A 57 3.31 -4.00 -13.69
N ASP A 58 2.68 -2.85 -13.50
CA ASP A 58 2.92 -1.69 -14.35
C ASP A 58 4.29 -1.08 -14.08
N TYR A 59 4.65 -0.98 -12.80
CA TYR A 59 5.93 -0.42 -12.40
C TYR A 59 7.03 -1.47 -12.45
N ASN A 60 6.64 -2.72 -12.73
CA ASN A 60 7.59 -3.81 -12.80
C ASN A 60 8.27 -4.04 -11.46
N ILE A 61 7.55 -3.77 -10.38
CA ILE A 61 8.08 -3.94 -9.03
C ILE A 61 7.44 -5.13 -8.32
N GLN A 62 8.23 -6.16 -8.07
CA GLN A 62 7.74 -7.35 -7.40
C GLN A 62 8.88 -8.12 -6.74
N LYS A 63 8.55 -9.27 -6.15
CA LYS A 63 9.55 -10.10 -5.48
C LYS A 63 10.19 -9.35 -4.32
N GLU A 64 9.48 -9.31 -3.20
CA GLU A 64 9.98 -8.61 -2.01
C GLU A 64 10.16 -7.12 -2.28
N SER A 65 9.43 -6.60 -3.26
CA SER A 65 9.50 -5.20 -3.62
C SER A 65 9.37 -4.31 -2.39
N THR A 66 10.25 -3.31 -2.28
CA THR A 66 10.23 -2.40 -1.14
C THR A 66 9.20 -1.29 -1.36
N LEU A 67 8.10 -1.36 -0.63
CA LEU A 67 7.04 -0.36 -0.74
C LEU A 67 7.00 0.52 0.50
N HIS A 68 6.33 1.66 0.39
CA HIS A 68 6.21 2.60 1.50
C HIS A 68 4.75 2.82 1.87
N MET A 69 4.41 2.64 3.14
CA MET A 69 3.04 2.83 3.61
C MET A 69 2.99 3.88 4.72
N VAL A 70 2.00 4.75 4.65
CA VAL A 70 1.83 5.80 5.65
C VAL A 70 0.58 5.58 6.49
N LEU A 71 0.76 5.41 7.79
CA LEU A 71 -0.35 5.19 8.71
C LEU A 71 -0.86 6.50 9.28
N ARG A 72 -2.13 6.81 9.03
CA ARG A 72 -2.74 8.03 9.52
C ARG A 72 -4.11 7.75 10.15
N LEU A 73 -4.41 8.49 11.21
CA LEU A 73 -5.68 8.31 11.92
C LEU A 73 -6.62 9.49 11.63
N ARG A 74 -7.87 9.35 12.07
CA ARG A 74 -8.87 10.39 11.85
C ARG A 74 -9.00 11.27 13.10
N GLY A 75 -9.33 10.65 14.23
CA GLY A 75 -9.49 11.40 15.46
C GLY A 75 -9.23 10.54 16.69
N GLY A 76 -10.11 9.55 16.91
CA GLY A 76 -9.97 8.67 18.05
C GLY A 76 -9.42 7.31 17.68
N MET A 1 0.65 -11.80 -6.45
CA MET A 1 2.04 -11.49 -6.14
C MET A 1 2.15 -10.68 -4.85
N GLN A 2 2.52 -11.36 -3.77
CA GLN A 2 2.66 -10.71 -2.47
C GLN A 2 3.99 -9.99 -2.36
N ILE A 3 4.01 -8.91 -1.59
CA ILE A 3 5.23 -8.12 -1.39
C ILE A 3 5.35 -7.63 0.04
N PHE A 4 6.50 -7.07 0.38
CA PHE A 4 6.74 -6.56 1.71
C PHE A 4 6.44 -5.06 1.79
N ILE A 5 5.80 -4.64 2.87
CA ILE A 5 5.44 -3.24 3.06
C ILE A 5 5.85 -2.76 4.44
N LYS A 6 6.55 -1.64 4.49
CA LYS A 6 7.00 -1.06 5.75
C LYS A 6 6.23 0.22 6.07
N THR A 7 5.91 0.41 7.34
CA THR A 7 5.18 1.60 7.78
C THR A 7 6.10 2.59 8.49
N LEU A 8 5.50 3.62 9.08
CA LEU A 8 6.27 4.63 9.80
C LEU A 8 6.85 4.07 11.09
N THR A 9 6.17 3.08 11.64
CA THR A 9 6.61 2.45 12.89
C THR A 9 7.64 1.35 12.61
N GLY A 10 7.82 1.02 11.34
CA GLY A 10 8.77 0.00 10.96
C GLY A 10 8.17 -1.39 10.97
N LYS A 11 6.85 -1.45 10.85
CA LYS A 11 6.14 -2.73 10.83
C LYS A 11 6.09 -3.32 9.43
N THR A 12 6.32 -4.62 9.32
CA THR A 12 6.30 -5.31 8.03
C THR A 12 4.91 -5.87 7.73
N ILE A 13 4.48 -5.70 6.48
CA ILE A 13 3.17 -6.19 6.07
C ILE A 13 3.26 -6.90 4.72
N THR A 14 2.57 -8.03 4.61
CA THR A 14 2.58 -8.81 3.38
C THR A 14 1.15 -9.15 2.94
N ALA A 15 0.90 -9.02 1.64
CA ALA A 15 -0.43 -9.32 1.10
C ALA A 15 -0.37 -9.46 -0.42
N GLU A 16 -1.19 -10.36 -0.95
CA GLU A 16 -1.24 -10.61 -2.39
C GLU A 16 -1.99 -9.48 -3.10
N THR A 17 -1.45 -9.05 -4.24
CA THR A 17 -2.08 -7.99 -5.02
C THR A 17 -2.65 -8.52 -6.32
N GLU A 18 -3.45 -7.70 -7.00
CA GLU A 18 -4.06 -8.10 -8.26
C GLU A 18 -4.01 -6.95 -9.28
N PRO A 19 -4.12 -7.30 -10.56
CA PRO A 19 -4.09 -6.32 -11.65
C PRO A 19 -5.35 -5.44 -11.68
N ALA A 20 -6.38 -5.88 -10.97
CA ALA A 20 -7.64 -5.15 -10.91
C ALA A 20 -7.64 -4.18 -9.73
N GLU A 21 -6.86 -4.49 -8.71
CA GLU A 21 -6.78 -3.65 -7.52
C GLU A 21 -5.45 -3.85 -6.79
N THR A 22 -4.37 -3.40 -7.41
CA THR A 22 -3.04 -3.53 -6.83
C THR A 22 -2.83 -2.55 -5.69
N VAL A 23 -3.08 -1.27 -5.98
CA VAL A 23 -2.92 -0.21 -4.98
C VAL A 23 -4.09 -0.22 -4.00
N ALA A 24 -5.31 -0.27 -4.53
CA ALA A 24 -6.50 -0.28 -3.69
C ALA A 24 -6.43 -1.39 -2.65
N ASP A 25 -5.82 -2.51 -3.03
CA ASP A 25 -5.70 -3.66 -2.13
C ASP A 25 -4.88 -3.28 -0.90
N LEU A 26 -3.83 -2.49 -1.11
CA LEU A 26 -2.96 -2.07 -0.02
C LEU A 26 -3.62 -0.96 0.80
N LYS A 27 -4.12 0.06 0.11
CA LYS A 27 -4.77 1.18 0.77
C LYS A 27 -5.98 0.71 1.57
N GLN A 28 -6.81 -0.14 0.97
CA GLN A 28 -8.00 -0.67 1.63
C GLN A 28 -7.61 -1.52 2.83
N LYS A 29 -6.51 -2.26 2.71
CA LYS A 29 -6.04 -3.12 3.79
C LYS A 29 -5.83 -2.32 5.07
N ILE A 30 -5.20 -1.15 4.93
CA ILE A 30 -4.95 -0.29 6.09
C ILE A 30 -6.22 0.41 6.54
N ALA A 31 -7.12 0.69 5.59
CA ALA A 31 -8.37 1.35 5.90
C ALA A 31 -9.14 0.61 6.99
N ASP A 32 -9.24 -0.71 6.84
CA ASP A 32 -9.94 -1.53 7.81
C ASP A 32 -9.10 -1.73 9.07
N LYS A 33 -7.79 -1.57 8.93
CA LYS A 33 -6.87 -1.73 10.04
C LYS A 33 -7.02 -0.58 11.04
N GLU A 34 -7.07 0.64 10.51
CA GLU A 34 -7.21 1.82 11.36
C GLU A 34 -8.61 2.40 11.25
N GLY A 35 -9.52 1.63 10.67
CA GLY A 35 -10.89 2.09 10.51
C GLY A 35 -10.97 3.46 9.85
N VAL A 36 -10.04 3.74 8.95
CA VAL A 36 -10.00 5.01 8.26
C VAL A 36 -10.30 4.83 6.76
N PRO A 37 -10.79 5.91 6.12
CA PRO A 37 -11.11 5.89 4.69
C PRO A 37 -9.87 5.80 3.82
N VAL A 38 -10.04 5.22 2.63
CA VAL A 38 -8.93 5.07 1.69
C VAL A 38 -8.28 6.42 1.39
N ASP A 39 -9.06 7.48 1.54
CA ASP A 39 -8.56 8.83 1.29
C ASP A 39 -7.39 9.16 2.20
N GLN A 40 -7.33 8.48 3.34
CA GLN A 40 -6.25 8.70 4.30
C GLN A 40 -5.04 7.85 3.97
N GLN A 41 -5.24 6.83 3.14
CA GLN A 41 -4.16 5.94 2.74
C GLN A 41 -3.58 6.35 1.39
N ARG A 42 -2.25 6.35 1.30
CA ARG A 42 -1.57 6.72 0.07
C ARG A 42 -0.47 5.71 -0.27
N LEU A 43 -0.45 5.27 -1.52
CA LEU A 43 0.55 4.32 -1.97
C LEU A 43 1.78 5.03 -2.53
N ILE A 44 2.94 4.73 -1.96
CA ILE A 44 4.19 5.34 -2.41
C ILE A 44 5.30 4.29 -2.54
N PHE A 45 6.12 4.44 -3.57
CA PHE A 45 7.22 3.51 -3.81
C PHE A 45 8.51 4.26 -4.09
N ALA A 46 9.42 4.26 -3.11
CA ALA A 46 10.69 4.94 -3.25
C ALA A 46 10.50 6.38 -3.71
N GLY A 47 9.40 6.98 -3.31
CA GLY A 47 9.12 8.36 -3.69
C GLY A 47 8.28 8.45 -4.96
N LYS A 48 7.64 7.34 -5.32
CA LYS A 48 6.81 7.30 -6.51
C LYS A 48 5.33 7.27 -6.14
N GLN A 49 4.57 8.24 -6.66
CA GLN A 49 3.14 8.33 -6.39
C GLN A 49 2.37 7.29 -7.20
N LEU A 50 1.91 6.24 -6.54
CA LEU A 50 1.16 5.19 -7.20
C LEU A 50 -0.34 5.37 -6.97
N GLU A 51 -1.11 5.37 -8.06
CA GLU A 51 -2.56 5.53 -7.98
C GLU A 51 -3.26 4.20 -8.21
N ASP A 52 -4.57 4.17 -7.96
CA ASP A 52 -5.36 2.97 -8.15
C ASP A 52 -5.23 2.43 -9.57
N SER A 53 -5.01 3.34 -10.52
CA SER A 53 -4.87 2.96 -11.92
C SER A 53 -3.53 2.27 -12.16
N LYS A 54 -2.59 2.48 -11.24
CA LYS A 54 -1.28 1.87 -11.36
C LYS A 54 -1.25 0.48 -10.72
N THR A 55 -0.32 -0.36 -11.17
CA THR A 55 -0.19 -1.71 -10.64
C THR A 55 1.27 -2.14 -10.57
N MET A 56 1.53 -3.20 -9.83
CA MET A 56 2.89 -3.72 -9.68
C MET A 56 3.47 -4.13 -11.03
N ALA A 57 2.66 -4.80 -11.84
CA ALA A 57 3.09 -5.24 -13.17
C ALA A 57 3.48 -4.06 -14.04
N ASP A 58 2.99 -2.87 -13.69
CA ASP A 58 3.30 -1.66 -14.44
C ASP A 58 4.67 -1.12 -14.06
N TYR A 59 4.95 -1.09 -12.76
CA TYR A 59 6.23 -0.59 -12.26
C TYR A 59 7.29 -1.69 -12.29
N ASN A 60 6.87 -2.90 -12.63
CA ASN A 60 7.79 -4.03 -12.69
C ASN A 60 8.40 -4.31 -11.31
N ILE A 61 7.63 -4.06 -10.26
CA ILE A 61 8.10 -4.28 -8.90
C ILE A 61 7.40 -5.48 -8.27
N GLN A 62 8.16 -6.55 -8.04
CA GLN A 62 7.61 -7.77 -7.44
C GLN A 62 8.70 -8.53 -6.68
N LYS A 63 8.36 -9.74 -6.25
CA LYS A 63 9.30 -10.59 -5.52
C LYS A 63 9.70 -9.93 -4.20
N GLU A 64 8.73 -9.76 -3.31
CA GLU A 64 8.98 -9.15 -2.01
C GLU A 64 9.47 -7.72 -2.17
N SER A 65 9.11 -7.09 -3.28
CA SER A 65 9.53 -5.72 -3.55
C SER A 65 9.30 -4.82 -2.34
N THR A 66 9.97 -3.68 -2.32
CA THR A 66 9.84 -2.74 -1.21
C THR A 66 8.61 -1.86 -1.39
N LEU A 67 7.91 -1.62 -0.29
CA LEU A 67 6.70 -0.80 -0.31
C LEU A 67 6.64 0.12 0.90
N HIS A 68 6.04 1.29 0.73
CA HIS A 68 5.91 2.26 1.82
C HIS A 68 4.46 2.41 2.24
N MET A 69 4.23 2.66 3.52
CA MET A 69 2.89 2.84 4.05
C MET A 69 2.77 4.14 4.85
N VAL A 70 1.63 4.80 4.72
CA VAL A 70 1.41 6.05 5.43
C VAL A 70 0.12 5.99 6.27
N LEU A 71 0.27 6.13 7.58
CA LEU A 71 -0.87 6.08 8.48
C LEU A 71 -1.09 7.43 9.16
N ARG A 72 -2.34 7.85 9.27
CA ARG A 72 -2.67 9.11 9.89
C ARG A 72 -3.81 8.94 10.90
N LEU A 73 -3.82 9.79 11.92
CA LEU A 73 -4.84 9.73 12.96
C LEU A 73 -6.24 9.74 12.34
N ARG A 74 -7.23 9.39 13.15
CA ARG A 74 -8.62 9.36 12.68
C ARG A 74 -9.20 10.77 12.62
N GLY A 75 -10.16 10.97 11.73
CA GLY A 75 -10.78 12.27 11.58
C GLY A 75 -12.06 12.39 12.39
N GLY A 76 -13.04 11.55 12.09
CA GLY A 76 -14.30 11.59 12.81
C GLY A 76 -14.15 11.19 14.26
#